data_5OLR
#
_entry.id   5OLR
#
_cell.length_a   77.458
_cell.length_b   123.872
_cell.length_c   137.628
_cell.angle_alpha   90.00
_cell.angle_beta   90.00
_cell.angle_gamma   90.00
#
_symmetry.space_group_name_H-M   'P 21 21 21'
#
loop_
_entity.id
_entity.type
_entity.pdbx_description
1 polymer 'Rhamnogalacturonan lyase'
2 branched 'alpha-L-rhamnopyranose-(1-4)-alpha-D-galactopyranuronic acid-(1-2)-alpha-L-rhamnopyranose'
3 non-polymer 'PHOSPHATE ION'
4 non-polymer 'CALCIUM ION'
5 non-polymer 'TRIETHYLENE GLYCOL'
6 water water
#
_entity_poly.entity_id   1
_entity_poly.type   'polypeptide(L)'
_entity_poly.pdbx_seq_one_letter_code
;MGKTYYMDPEGSDSNPGTSDKPFATLVKVQEVVVAGDVVYINPGTYVVPANQVPMTTTNSGLYHCVFHMNKSGEAGKPIS
YLANPNKQGRPIFDLSQVKPKDQRITVFYVTGSNLYLKGFDVIGTQVTITGHTQSECFRIVKGANNNKFEDLRTHDGMAI
GFYLLGGSNNHILNCDAYNNYDSVSEGGKGGNVDGFGGHINSSSVGEGKGTGNVFEGCRAWYNSDDGFDLINCFEAVKII
NCWSFLNGYKPGTKEVAGDGTGFKAGGYGMAADKLPAIPSVIPQHEVRNSLAYYNRLRGFYANHHLGGIIFESNTAVNSG
ENYNMTNRESPLALPPTDVNGYDHMVKNNLSLVTRSGSKHIVMVNRAKSEVSNNSFDGSEEVIETDFISLEEAELMRDRK
PNGDLPDVNFGKLTTDAELRFWGMGCFATGEPTDLDFGWLKKPTIVVVGSKASVVGPEAASFTKMYVIVDGEETTEFDKN
SIDLSDFSGVLEVKAVIEDANGNITKSIALKFKRLEHHHHHH
;
_entity_poly.pdbx_strand_id   A,B,C
#
# COMPACT_ATOMS: atom_id res chain seq x y z
N LYS A 3 -3.55 -26.20 18.07
CA LYS A 3 -3.45 -25.43 19.30
C LYS A 3 -3.89 -23.97 19.04
N THR A 4 -4.50 -23.38 20.07
CA THR A 4 -4.73 -21.94 20.11
C THR A 4 -3.87 -21.37 21.24
N TYR A 5 -2.93 -20.50 20.88
CA TYR A 5 -2.09 -19.75 21.83
C TYR A 5 -2.62 -18.35 22.01
N TYR A 6 -2.23 -17.71 23.11
CA TYR A 6 -2.65 -16.34 23.44
C TYR A 6 -1.43 -15.51 23.77
N MET A 7 -1.45 -14.25 23.39
CA MET A 7 -0.47 -13.25 23.89
C MET A 7 -1.21 -12.02 24.40
N ASP A 8 -0.55 -11.27 25.29
CA ASP A 8 -1.18 -10.14 25.96
C ASP A 8 -0.05 -9.18 26.35
N PRO A 9 -0.34 -7.88 26.38
CA PRO A 9 0.74 -6.95 26.79
C PRO A 9 1.27 -7.22 28.20
N GLU A 10 0.43 -7.78 29.07
CA GLU A 10 0.84 -8.07 30.44
C GLU A 10 1.11 -9.58 30.63
N GLY A 11 1.30 -10.31 29.52
CA GLY A 11 1.70 -11.69 29.56
C GLY A 11 3.16 -11.91 29.87
N SER A 12 3.62 -13.15 29.72
CA SER A 12 5.01 -13.48 29.99
C SER A 12 5.47 -14.54 29.04
N ASP A 13 6.67 -14.39 28.50
CA ASP A 13 7.21 -15.43 27.62
C ASP A 13 7.71 -16.67 28.34
N SER A 14 7.68 -16.63 29.68
CA SER A 14 7.82 -17.82 30.51
C SER A 14 6.52 -18.59 30.74
N ASN A 15 5.39 -18.04 30.29
CA ASN A 15 4.10 -18.71 30.47
C ASN A 15 3.94 -19.74 29.36
N PRO A 16 2.94 -20.62 29.49
CA PRO A 16 2.69 -21.62 28.43
C PRO A 16 1.94 -21.10 27.19
N GLY A 17 1.40 -19.88 27.24
CA GLY A 17 0.62 -19.34 26.15
C GLY A 17 -0.85 -19.71 26.11
N THR A 18 -1.39 -20.05 27.26
CA THR A 18 -2.84 -20.35 27.39
C THR A 18 -3.63 -19.05 27.58
N SER A 19 -4.96 -19.16 27.58
CA SER A 19 -5.82 -18.02 27.79
C SER A 19 -5.54 -17.39 29.19
N ASP A 20 -5.40 -18.25 30.19
CA ASP A 20 -5.10 -17.79 31.56
C ASP A 20 -3.68 -17.26 31.75
N LYS A 21 -2.72 -17.82 30.99
CA LYS A 21 -1.30 -17.49 31.13
C LYS A 21 -0.69 -17.19 29.76
N PRO A 22 -1.01 -16.01 29.22
CA PRO A 22 -0.60 -15.74 27.83
C PRO A 22 0.88 -15.42 27.71
N PHE A 23 1.41 -15.56 26.50
CA PHE A 23 2.75 -15.06 26.18
C PHE A 23 2.76 -13.54 26.16
N ALA A 24 3.96 -12.95 26.11
CA ALA A 24 4.12 -11.50 25.98
C ALA A 24 4.49 -11.03 24.58
N THR A 25 5.18 -11.86 23.80
CA THR A 25 5.72 -11.39 22.50
C THR A 25 5.55 -12.40 21.37
N LEU A 26 5.59 -11.86 20.16
CA LEU A 26 5.60 -12.70 18.96
C LEU A 26 6.90 -13.47 18.81
N VAL A 27 7.98 -13.04 19.44
CA VAL A 27 9.22 -13.81 19.37
C VAL A 27 9.01 -15.18 20.01
N LYS A 28 8.33 -15.23 21.15
CA LYS A 28 8.00 -16.50 21.78
C LYS A 28 6.99 -17.29 20.93
N VAL A 29 5.95 -16.62 20.43
CA VAL A 29 5.00 -17.26 19.52
C VAL A 29 5.73 -18.00 18.40
N GLN A 30 6.67 -17.31 17.77
CA GLN A 30 7.39 -17.90 16.66
C GLN A 30 8.20 -19.11 17.03
N GLU A 31 8.65 -19.19 18.29
CA GLU A 31 9.36 -20.37 18.76
C GLU A 31 8.50 -21.64 18.72
N VAL A 32 7.20 -21.49 18.99
CA VAL A 32 6.36 -22.67 19.23
C VAL A 32 5.37 -23.04 18.12
N VAL A 33 4.95 -22.10 17.29
CA VAL A 33 3.88 -22.40 16.34
C VAL A 33 4.29 -23.39 15.25
N VAL A 34 3.30 -24.16 14.82
CA VAL A 34 3.39 -25.08 13.69
C VAL A 34 2.12 -24.94 12.83
N ALA A 35 2.16 -25.52 11.64
CA ALA A 35 1.04 -25.45 10.71
C ALA A 35 -0.26 -25.85 11.41
N GLY A 36 -1.28 -25.05 11.19
CA GLY A 36 -2.60 -25.21 11.74
C GLY A 36 -2.85 -24.51 13.06
N ASP A 37 -1.79 -24.00 13.72
CA ASP A 37 -1.98 -23.34 14.99
C ASP A 37 -2.60 -21.97 14.76
N VAL A 38 -3.25 -21.48 15.81
CA VAL A 38 -3.86 -20.16 15.85
C VAL A 38 -3.24 -19.43 17.03
N VAL A 39 -2.91 -18.16 16.84
CA VAL A 39 -2.49 -17.30 17.92
C VAL A 39 -3.52 -16.16 18.02
N TYR A 40 -4.17 -16.07 19.18
CA TYR A 40 -5.03 -14.94 19.48
C TYR A 40 -4.23 -13.88 20.23
N ILE A 41 -4.15 -12.70 19.62
CA ILE A 41 -3.38 -11.58 20.11
C ILE A 41 -4.34 -10.68 20.86
N ASN A 42 -4.23 -10.62 22.19
CA ASN A 42 -5.17 -9.78 22.93
C ASN A 42 -4.99 -8.31 22.61
N PRO A 43 -6.07 -7.54 22.62
CA PRO A 43 -5.93 -6.13 22.35
C PRO A 43 -5.17 -5.37 23.40
N GLY A 44 -4.62 -4.23 23.01
CA GLY A 44 -3.86 -3.38 23.87
C GLY A 44 -2.60 -2.91 23.16
N THR A 45 -1.74 -2.25 23.93
CA THR A 45 -0.52 -1.67 23.44
C THR A 45 0.66 -2.56 23.78
N TYR A 46 1.36 -3.00 22.75
CA TYR A 46 2.58 -3.77 22.87
C TYR A 46 3.75 -2.89 22.46
N VAL A 47 4.49 -2.37 23.43
CA VAL A 47 5.67 -1.55 23.14
C VAL A 47 6.82 -2.52 22.94
N VAL A 48 7.42 -2.53 21.75
CA VAL A 48 8.57 -3.39 21.50
C VAL A 48 9.79 -2.78 22.22
N PRO A 49 10.45 -3.55 23.11
CA PRO A 49 11.53 -2.92 23.84
C PRO A 49 12.69 -2.45 22.94
N ALA A 50 13.31 -1.32 23.30
CA ALA A 50 14.42 -0.75 22.53
C ALA A 50 15.52 -1.74 22.27
N ASN A 51 15.76 -2.60 23.26
CA ASN A 51 16.84 -3.57 23.21
C ASN A 51 16.46 -4.97 22.76
N GLN A 52 15.24 -5.18 22.30
CA GLN A 52 14.89 -6.50 21.81
C GLN A 52 15.77 -6.83 20.60
N VAL A 53 16.44 -7.96 20.65
CA VAL A 53 17.35 -8.31 19.55
C VAL A 53 16.54 -8.61 18.29
N PRO A 54 17.05 -8.29 17.09
CA PRO A 54 16.27 -8.65 15.89
C PRO A 54 16.12 -10.16 15.77
N MET A 55 15.00 -10.61 15.24
CA MET A 55 14.88 -12.03 14.93
C MET A 55 15.77 -12.43 13.76
N THR A 56 16.01 -11.53 12.81
CA THR A 56 16.99 -11.78 11.76
C THR A 56 17.47 -10.43 11.22
N THR A 57 18.44 -10.50 10.31
CA THR A 57 18.87 -9.36 9.51
C THR A 57 18.88 -9.73 8.05
N THR A 58 18.85 -8.73 7.17
CA THR A 58 18.95 -9.00 5.74
C THR A 58 19.87 -7.97 5.12
N ASN A 59 20.31 -8.28 3.92
CA ASN A 59 21.09 -7.39 3.05
C ASN A 59 22.42 -7.02 3.71
N SER A 60 23.17 -8.06 4.07
CA SER A 60 24.47 -7.90 4.71
C SER A 60 24.43 -6.98 5.94
N GLY A 61 23.42 -7.19 6.78
CA GLY A 61 23.26 -6.47 8.03
C GLY A 61 22.59 -5.09 7.90
N LEU A 62 22.17 -4.68 6.70
CA LEU A 62 21.53 -3.39 6.54
C LEU A 62 20.21 -3.34 7.31
N TYR A 63 19.45 -4.44 7.29
CA TYR A 63 18.15 -4.46 7.94
C TYR A 63 18.18 -5.17 9.29
N HIS A 64 17.54 -4.51 10.26
CA HIS A 64 17.12 -5.10 11.53
C HIS A 64 15.67 -5.55 11.34
N CYS A 65 15.42 -6.86 11.39
CA CYS A 65 14.07 -7.39 11.24
C CYS A 65 13.53 -7.75 12.60
N VAL A 66 12.45 -7.09 13.01
CA VAL A 66 11.90 -7.25 14.36
C VAL A 66 11.30 -8.65 14.53
N PHE A 67 10.32 -8.94 13.67
CA PHE A 67 9.62 -10.23 13.67
C PHE A 67 9.89 -10.94 12.35
N HIS A 68 10.53 -12.10 12.42
CA HIS A 68 10.78 -12.89 11.23
C HIS A 68 9.66 -13.93 11.12
N MET A 69 8.77 -13.74 10.15
CA MET A 69 7.65 -14.64 9.92
C MET A 69 8.16 -15.73 8.99
N ASN A 70 8.93 -16.63 9.61
CA ASN A 70 9.71 -17.60 8.85
C ASN A 70 9.11 -18.98 8.79
N LYS A 71 8.24 -19.31 9.73
CA LYS A 71 7.55 -20.60 9.69
CA LYS A 71 7.57 -20.62 9.69
C LYS A 71 6.42 -20.55 8.70
N SER A 72 6.06 -21.72 8.20
CA SER A 72 5.01 -21.85 7.22
C SER A 72 3.90 -22.77 7.69
N GLY A 73 2.68 -22.44 7.27
CA GLY A 73 1.56 -23.36 7.30
C GLY A 73 1.66 -24.32 6.12
N GLU A 74 0.57 -25.06 5.91
CA GLU A 74 0.40 -25.93 4.74
C GLU A 74 -0.90 -25.52 4.07
N ALA A 75 -1.11 -25.99 2.84
CA ALA A 75 -2.37 -25.70 2.18
C ALA A 75 -3.50 -26.29 3.02
N GLY A 76 -4.51 -25.49 3.31
CA GLY A 76 -5.58 -25.96 4.19
C GLY A 76 -5.30 -25.90 5.69
N LYS A 77 -4.07 -25.58 6.08
CA LYS A 77 -3.64 -25.58 7.50
C LYS A 77 -2.67 -24.41 7.69
N PRO A 78 -3.18 -23.19 7.56
CA PRO A 78 -2.33 -22.03 7.75
C PRO A 78 -1.83 -21.89 9.18
N ILE A 79 -0.84 -21.02 9.38
CA ILE A 79 -0.58 -20.50 10.74
C ILE A 79 -1.26 -19.14 10.79
N SER A 80 -2.12 -18.92 11.80
CA SER A 80 -2.93 -17.72 11.87
C SER A 80 -2.54 -16.90 13.09
N TYR A 81 -2.36 -15.60 12.89
CA TYR A 81 -2.00 -14.63 13.90
C TYR A 81 -3.09 -13.57 13.86
N LEU A 82 -4.02 -13.67 14.82
CA LEU A 82 -5.31 -12.96 14.74
C LEU A 82 -5.52 -12.13 16.00
N ALA A 83 -5.94 -10.86 15.87
CA ALA A 83 -6.49 -10.17 17.02
C ALA A 83 -7.56 -11.06 17.65
N ASN A 84 -7.53 -11.17 18.99
CA ASN A 84 -8.43 -12.09 19.68
C ASN A 84 -9.89 -11.69 19.41
N PRO A 85 -10.67 -12.54 18.72
CA PRO A 85 -12.01 -12.13 18.30
C PRO A 85 -13.03 -12.14 19.44
N ASN A 86 -12.62 -12.66 20.57
CA ASN A 86 -13.44 -12.64 21.79
C ASN A 86 -13.22 -11.41 22.68
N LYS A 87 -12.36 -10.48 22.26
CA LYS A 87 -12.08 -9.28 23.05
C LYS A 87 -12.29 -8.04 22.20
N GLN A 88 -12.71 -6.95 22.84
CA GLN A 88 -12.95 -5.69 22.14
C GLN A 88 -11.64 -4.91 21.98
N GLY A 89 -11.54 -4.20 20.87
CA GLY A 89 -10.39 -3.37 20.58
C GLY A 89 -9.36 -4.12 19.74
N ARG A 90 -8.25 -3.44 19.47
CA ARG A 90 -7.21 -3.95 18.59
C ARG A 90 -5.85 -4.06 19.27
N PRO A 91 -5.07 -5.08 18.93
CA PRO A 91 -3.66 -5.07 19.30
C PRO A 91 -2.92 -3.99 18.51
N ILE A 92 -2.05 -3.26 19.18
CA ILE A 92 -1.28 -2.18 18.55
C ILE A 92 0.16 -2.41 18.93
N PHE A 93 0.99 -2.73 17.93
CA PHE A 93 2.44 -2.88 18.14
C PHE A 93 3.08 -1.51 17.93
N ASP A 94 3.74 -1.02 18.99
CA ASP A 94 4.36 0.31 19.01
C ASP A 94 5.86 0.11 18.89
N LEU A 95 6.40 0.57 17.77
CA LEU A 95 7.78 0.36 17.37
C LEU A 95 8.64 1.59 17.62
N SER A 96 8.11 2.59 18.35
CA SER A 96 8.78 3.87 18.48
C SER A 96 10.11 3.82 19.21
N GLN A 97 10.39 2.78 19.98
CA GLN A 97 11.66 2.69 20.73
C GLN A 97 12.75 1.94 19.98
N VAL A 98 12.40 1.32 18.84
CA VAL A 98 13.35 0.49 18.11
C VAL A 98 14.14 1.34 17.11
N LYS A 99 15.40 1.62 17.46
CA LYS A 99 16.26 2.56 16.73
C LYS A 99 17.68 2.00 16.62
N PRO A 100 17.84 0.81 16.03
CA PRO A 100 19.18 0.23 15.87
C PRO A 100 20.11 1.10 15.03
N LYS A 101 21.35 1.30 15.48
CA LYS A 101 22.26 2.23 14.78
CA LYS A 101 22.32 2.18 14.82
C LYS A 101 22.60 1.69 13.40
N ASP A 102 22.51 2.58 12.42
CA ASP A 102 22.93 2.31 11.06
C ASP A 102 22.15 1.25 10.33
N GLN A 103 20.94 0.96 10.79
CA GLN A 103 20.14 -0.09 10.16
C GLN A 103 18.77 0.44 9.76
N ARG A 104 18.29 -0.07 8.64
CA ARG A 104 16.89 0.02 8.28
C ARG A 104 16.09 -0.91 9.16
N ILE A 105 14.78 -0.66 9.29
CA ILE A 105 13.91 -1.50 10.10
C ILE A 105 12.86 -2.16 9.23
N THR A 106 12.70 -3.48 9.41
CA THR A 106 11.52 -4.19 8.90
C THR A 106 10.80 -4.76 10.11
N VAL A 107 9.52 -4.43 10.26
CA VAL A 107 8.83 -4.91 11.47
C VAL A 107 8.44 -6.37 11.31
N PHE A 108 7.75 -6.66 10.22
CA PHE A 108 7.33 -8.05 9.88
C PHE A 108 8.04 -8.40 8.57
N TYR A 109 9.06 -9.24 8.68
CA TYR A 109 9.81 -9.71 7.51
C TYR A 109 9.26 -11.09 7.19
N VAL A 110 8.58 -11.17 6.05
CA VAL A 110 7.80 -12.38 5.72
C VAL A 110 8.50 -13.23 4.65
N THR A 111 9.00 -14.40 5.08
CA THR A 111 9.54 -15.40 4.19
C THR A 111 8.73 -16.68 4.13
N GLY A 112 7.85 -16.91 5.11
CA GLY A 112 7.03 -18.09 5.15
C GLY A 112 5.81 -17.99 4.27
N SER A 113 5.15 -19.14 4.14
CA SER A 113 4.00 -19.36 3.31
C SER A 113 2.81 -19.87 4.11
N ASN A 114 1.63 -19.73 3.54
CA ASN A 114 0.40 -20.22 4.22
C ASN A 114 0.26 -19.62 5.59
N LEU A 115 0.37 -18.29 5.63
CA LEU A 115 0.16 -17.51 6.84
C LEU A 115 -1.08 -16.64 6.69
N TYR A 116 -1.70 -16.34 7.84
CA TYR A 116 -2.88 -15.48 7.90
C TYR A 116 -2.69 -14.52 9.06
N LEU A 117 -2.59 -13.22 8.76
CA LEU A 117 -2.40 -12.18 9.79
C LEU A 117 -3.56 -11.24 9.73
N LYS A 118 -4.21 -10.96 10.87
CA LYS A 118 -5.43 -10.14 10.87
C LYS A 118 -5.58 -9.27 12.09
N GLY A 119 -6.02 -8.04 11.84
CA GLY A 119 -6.70 -7.28 12.88
C GLY A 119 -5.91 -6.42 13.83
N PHE A 120 -4.63 -6.19 13.54
CA PHE A 120 -3.76 -5.42 14.43
C PHE A 120 -3.07 -4.28 13.70
N ASP A 121 -2.46 -3.42 14.50
CA ASP A 121 -1.82 -2.19 14.01
C ASP A 121 -0.32 -2.24 14.25
N VAL A 122 0.43 -1.50 13.43
CA VAL A 122 1.87 -1.26 13.61
C VAL A 122 2.09 0.25 13.53
N ILE A 123 2.49 0.83 14.66
CA ILE A 123 2.70 2.29 14.75
C ILE A 123 4.12 2.61 15.14
N GLY A 124 4.54 3.82 14.80
CA GLY A 124 5.80 4.37 15.31
C GLY A 124 7.06 3.78 14.74
N THR A 125 7.01 3.09 13.60
CA THR A 125 8.21 2.51 13.05
C THR A 125 9.18 3.64 12.65
N GLN A 126 10.44 3.46 13.00
CA GLN A 126 11.44 4.51 12.86
C GLN A 126 12.31 4.39 11.61
N VAL A 127 12.89 5.54 11.27
CA VAL A 127 14.04 5.69 10.39
C VAL A 127 15.09 6.48 11.21
N THR A 128 16.33 6.00 11.21
CA THR A 128 17.44 6.74 11.80
C THR A 128 18.53 7.12 10.80
N ILE A 129 18.69 6.35 9.75
CA ILE A 129 19.67 6.60 8.68
C ILE A 129 19.31 7.93 7.99
N THR A 130 20.33 8.75 7.66
CA THR A 130 20.04 10.05 7.07
C THR A 130 20.23 10.15 5.56
N GLY A 131 20.95 9.20 4.94
CA GLY A 131 21.01 9.12 3.49
C GLY A 131 19.79 8.39 2.93
N HIS A 132 19.89 8.03 1.64
CA HIS A 132 18.84 7.24 1.01
C HIS A 132 18.49 6.02 1.86
N THR A 133 17.22 5.90 2.23
CA THR A 133 16.84 4.83 3.14
C THR A 133 15.34 4.65 3.14
N GLN A 134 14.92 3.58 3.82
CA GLN A 134 13.51 3.32 4.11
C GLN A 134 13.43 2.28 5.20
N SER A 135 12.26 2.24 5.81
CA SER A 135 11.87 1.15 6.73
C SER A 135 10.51 0.64 6.24
N GLU A 136 10.16 -0.60 6.63
CA GLU A 136 8.85 -1.18 6.23
C GLU A 136 8.17 -1.81 7.41
N CYS A 137 6.86 -1.67 7.47
CA CYS A 137 6.08 -2.42 8.47
C CYS A 137 5.99 -3.89 8.07
N PHE A 138 5.71 -4.15 6.78
CA PHE A 138 5.71 -5.51 6.21
C PHE A 138 6.57 -5.52 4.97
N ARG A 139 7.55 -6.41 4.94
CA ARG A 139 8.33 -6.65 3.73
C ARG A 139 8.21 -8.13 3.41
N ILE A 140 7.72 -8.42 2.19
CA ILE A 140 7.39 -9.76 1.75
C ILE A 140 8.31 -10.07 0.57
N VAL A 141 8.93 -11.23 0.58
CA VAL A 141 9.98 -11.54 -0.39
C VAL A 141 9.77 -12.91 -1.04
N LYS A 142 10.63 -13.19 -2.03
CA LYS A 142 10.65 -14.45 -2.74
C LYS A 142 10.49 -15.64 -1.81
N GLY A 143 9.58 -16.52 -2.20
CA GLY A 143 9.28 -17.74 -1.45
C GLY A 143 8.13 -17.62 -0.47
N ALA A 144 7.70 -16.40 -0.15
CA ALA A 144 6.54 -16.19 0.73
C ALA A 144 5.27 -16.24 -0.10
N ASN A 145 4.61 -17.39 -0.07
CA ASN A 145 3.49 -17.66 -0.96
C ASN A 145 2.21 -17.97 -0.20
N ASN A 146 1.09 -17.63 -0.82
CA ASN A 146 -0.23 -18.05 -0.32
C ASN A 146 -0.49 -17.54 1.09
N ASN A 147 -0.31 -16.23 1.26
CA ASN A 147 -0.52 -15.57 2.53
C ASN A 147 -1.66 -14.58 2.41
N LYS A 148 -2.25 -14.30 3.57
CA LYS A 148 -3.36 -13.34 3.66
C LYS A 148 -3.09 -12.36 4.80
N PHE A 149 -3.16 -11.08 4.48
CA PHE A 149 -2.91 -9.98 5.40
C PHE A 149 -4.18 -9.18 5.42
N GLU A 150 -4.95 -9.21 6.51
CA GLU A 150 -6.32 -8.70 6.51
C GLU A 150 -6.56 -7.74 7.63
N ASP A 151 -7.16 -6.60 7.30
CA ASP A 151 -7.59 -5.65 8.37
C ASP A 151 -6.43 -5.28 9.27
N LEU A 152 -5.27 -5.02 8.65
CA LEU A 152 -4.06 -4.55 9.34
C LEU A 152 -3.92 -3.06 9.07
N ARG A 153 -3.36 -2.33 10.03
CA ARG A 153 -3.23 -0.88 9.90
C ARG A 153 -1.82 -0.45 10.27
N THR A 154 -1.12 0.09 9.29
CA THR A 154 0.28 0.53 9.42
C THR A 154 0.28 2.05 9.36
N HIS A 155 0.47 2.70 10.51
CA HIS A 155 0.18 4.12 10.54
C HIS A 155 1.00 4.83 11.58
N ASP A 156 1.04 6.15 11.44
CA ASP A 156 1.70 7.01 12.43
C ASP A 156 3.12 6.56 12.68
N GLY A 157 3.85 6.41 11.59
CA GLY A 157 5.25 6.06 11.66
C GLY A 157 6.02 6.63 10.48
N MET A 158 7.26 6.16 10.34
CA MET A 158 8.17 6.60 9.29
C MET A 158 8.41 5.59 8.20
N ALA A 159 7.66 4.48 8.23
CA ALA A 159 7.87 3.34 7.38
C ALA A 159 6.77 3.14 6.33
N ILE A 160 7.19 2.62 5.19
CA ILE A 160 6.29 2.09 4.19
C ILE A 160 5.38 1.07 4.87
N GLY A 161 4.11 1.04 4.48
CA GLY A 161 3.19 0.09 5.12
C GLY A 161 3.44 -1.35 4.70
N PHE A 162 3.27 -1.60 3.41
CA PHE A 162 3.43 -2.95 2.84
C PHE A 162 4.36 -2.83 1.64
N TYR A 163 5.37 -3.70 1.58
CA TYR A 163 6.39 -3.59 0.54
C TYR A 163 6.71 -4.99 0.04
N LEU A 164 6.30 -5.28 -1.17
CA LEU A 164 6.49 -6.61 -1.77
C LEU A 164 7.65 -6.58 -2.74
N LEU A 165 8.66 -7.38 -2.44
CA LEU A 165 9.79 -7.62 -3.35
C LEU A 165 9.70 -8.98 -4.05
N GLY A 166 8.78 -9.82 -3.63
CA GLY A 166 8.66 -11.15 -4.17
C GLY A 166 7.56 -11.88 -3.48
N GLY A 167 7.38 -13.15 -3.86
CA GLY A 167 6.28 -13.95 -3.34
C GLY A 167 5.11 -13.98 -4.28
N SER A 168 4.24 -14.97 -4.09
CA SER A 168 3.11 -15.19 -4.96
C SER A 168 1.84 -15.40 -4.13
N ASN A 169 0.74 -14.92 -4.65
CA ASN A 169 -0.57 -15.12 -4.00
C ASN A 169 -0.54 -14.57 -2.57
N ASN A 170 -0.02 -13.36 -2.42
CA ASN A 170 -0.18 -12.61 -1.20
C ASN A 170 -1.35 -11.66 -1.40
N HIS A 171 -2.38 -11.83 -0.55
CA HIS A 171 -3.60 -11.07 -0.62
C HIS A 171 -3.57 -10.07 0.55
N ILE A 172 -3.48 -8.78 0.21
CA ILE A 172 -3.46 -7.71 1.21
C ILE A 172 -4.84 -7.06 1.13
N LEU A 173 -5.68 -7.37 2.15
CA LEU A 173 -7.10 -7.18 2.10
C LEU A 173 -7.57 -6.28 3.22
N ASN A 174 -8.29 -5.23 2.89
CA ASN A 174 -8.91 -4.35 3.89
C ASN A 174 -7.90 -3.72 4.87
N CYS A 175 -6.71 -3.41 4.37
CA CYS A 175 -5.68 -2.82 5.17
C CYS A 175 -5.65 -1.30 4.98
N ASP A 176 -5.20 -0.59 6.02
CA ASP A 176 -5.02 0.87 5.96
C ASP A 176 -3.55 1.21 6.19
N ALA A 177 -3.05 2.14 5.38
CA ALA A 177 -1.72 2.73 5.61
C ALA A 177 -1.86 4.23 5.57
N TYR A 178 -1.60 4.89 6.71
CA TYR A 178 -1.85 6.30 6.80
C TYR A 178 -0.94 6.98 7.77
N ASN A 179 -0.78 8.30 7.57
CA ASN A 179 0.08 9.11 8.45
C ASN A 179 1.49 8.52 8.54
N ASN A 180 2.07 8.23 7.37
CA ASN A 180 3.41 7.69 7.31
C ASN A 180 4.33 8.66 6.61
N TYR A 181 5.41 9.04 7.30
CA TYR A 181 6.27 10.12 6.82
C TYR A 181 7.62 9.96 7.47
N ASP A 182 8.66 9.86 6.64
CA ASP A 182 10.05 9.80 7.13
C ASP A 182 10.57 11.24 7.25
N SER A 183 10.57 11.75 8.48
CA SER A 183 11.02 13.11 8.77
C SER A 183 12.52 13.19 9.00
N VAL A 184 13.21 12.06 8.96
CA VAL A 184 14.61 11.97 9.36
C VAL A 184 15.59 12.01 8.20
N SER A 185 15.36 11.21 7.18
CA SER A 185 16.37 11.06 6.12
C SER A 185 16.23 12.15 5.08
N GLU A 186 17.35 12.46 4.44
CA GLU A 186 17.40 13.37 3.30
C GLU A 186 16.60 14.65 3.54
N GLY A 187 16.84 15.25 4.69
CA GLY A 187 16.18 16.51 5.03
C GLY A 187 14.69 16.45 5.27
N GLY A 188 14.16 15.25 5.45
CA GLY A 188 12.71 15.09 5.66
C GLY A 188 11.81 15.29 4.44
N LYS A 189 12.32 14.97 3.24
CA LYS A 189 11.53 15.03 2.03
CA LYS A 189 11.50 15.06 2.03
C LYS A 189 10.37 14.03 2.04
N GLY A 190 10.62 12.85 2.62
CA GLY A 190 9.59 11.80 2.69
C GLY A 190 9.32 11.07 1.38
N GLY A 191 10.26 11.12 0.43
CA GLY A 191 10.04 10.59 -0.90
C GLY A 191 10.10 9.10 -1.08
N ASN A 192 10.32 8.32 -0.02
CA ASN A 192 10.32 6.87 -0.15
C ASN A 192 9.22 6.21 0.65
N VAL A 193 8.33 6.99 1.26
CA VAL A 193 7.27 6.39 2.10
C VAL A 193 5.94 6.30 1.35
N ASP A 194 5.63 5.08 0.87
CA ASP A 194 4.38 4.77 0.25
C ASP A 194 3.51 3.98 1.25
N GLY A 195 2.21 4.00 1.05
CA GLY A 195 1.33 3.12 1.80
C GLY A 195 1.58 1.67 1.43
N PHE A 196 1.49 1.39 0.12
CA PHE A 196 1.55 0.04 -0.42
C PHE A 196 2.44 0.01 -1.64
N GLY A 197 3.42 -0.87 -1.62
CA GLY A 197 4.39 -0.99 -2.70
C GLY A 197 4.43 -2.39 -3.25
N GLY A 198 4.27 -2.50 -4.57
CA GLY A 198 4.37 -3.77 -5.28
C GLY A 198 5.54 -3.72 -6.22
N HIS A 199 6.61 -4.44 -5.88
CA HIS A 199 7.90 -4.31 -6.58
C HIS A 199 8.55 -5.68 -6.71
N ILE A 200 7.77 -6.65 -7.23
CA ILE A 200 8.27 -8.02 -7.44
C ILE A 200 9.54 -7.95 -8.27
N ASN A 201 10.64 -8.43 -7.72
CA ASN A 201 11.93 -8.17 -8.35
C ASN A 201 12.34 -9.33 -9.28
N SER A 202 13.47 -9.16 -9.93
CA SER A 202 13.96 -10.13 -10.91
C SER A 202 14.19 -11.51 -10.32
N SER A 203 14.50 -11.57 -9.03
CA SER A 203 14.74 -12.88 -8.41
C SER A 203 13.46 -13.68 -8.24
N SER A 204 12.30 -13.02 -8.23
CA SER A 204 11.04 -13.66 -7.83
C SER A 204 10.08 -13.85 -8.98
N VAL A 205 10.57 -13.79 -10.21
CA VAL A 205 9.73 -13.95 -11.40
C VAL A 205 9.29 -15.41 -11.58
N GLY A 206 8.13 -15.57 -12.18
CA GLY A 206 7.65 -16.87 -12.58
C GLY A 206 6.27 -17.16 -12.04
N GLU A 207 5.57 -18.05 -12.73
CA GLU A 207 4.23 -18.49 -12.34
C GLU A 207 4.33 -19.18 -10.99
N GLY A 208 3.54 -18.72 -10.04
CA GLY A 208 3.58 -19.25 -8.68
C GLY A 208 4.78 -18.80 -7.84
N LYS A 209 5.59 -17.90 -8.38
CA LYS A 209 6.78 -17.36 -7.68
C LYS A 209 6.64 -15.87 -7.44
N GLY A 210 6.08 -15.14 -8.41
CA GLY A 210 5.81 -13.70 -8.22
C GLY A 210 4.46 -13.24 -8.67
N THR A 211 3.59 -14.17 -9.07
CA THR A 211 2.28 -13.86 -9.58
C THR A 211 1.20 -13.86 -8.52
N GLY A 212 0.10 -13.19 -8.86
CA GLY A 212 -1.11 -13.35 -8.07
C GLY A 212 -1.26 -12.46 -6.84
N ASN A 213 -0.34 -11.51 -6.63
CA ASN A 213 -0.44 -10.61 -5.48
C ASN A 213 -1.46 -9.51 -5.77
N VAL A 214 -2.26 -9.18 -4.76
CA VAL A 214 -3.39 -8.27 -4.94
C VAL A 214 -3.54 -7.41 -3.69
N PHE A 215 -3.72 -6.11 -3.88
CA PHE A 215 -4.19 -5.19 -2.86
C PHE A 215 -5.67 -4.94 -3.09
N GLU A 216 -6.52 -5.24 -2.10
CA GLU A 216 -7.97 -5.17 -2.29
C GLU A 216 -8.60 -4.52 -1.06
N GLY A 217 -9.48 -3.56 -1.28
CA GLY A 217 -10.24 -2.97 -0.18
C GLY A 217 -9.37 -2.12 0.74
N CYS A 218 -8.19 -1.69 0.26
CA CYS A 218 -7.24 -0.99 1.11
C CYS A 218 -7.42 0.51 0.98
N ARG A 219 -7.01 1.24 2.02
CA ARG A 219 -6.96 2.70 1.96
C ARG A 219 -5.56 3.20 2.26
N ALA A 220 -5.12 4.20 1.51
CA ALA A 220 -3.81 4.83 1.73
C ALA A 220 -4.01 6.35 1.76
N TRP A 221 -3.69 6.98 2.87
CA TRP A 221 -3.80 8.45 2.95
C TRP A 221 -2.75 9.04 3.82
N TYR A 222 -2.32 10.26 3.50
CA TYR A 222 -1.23 10.91 4.21
C TYR A 222 0.01 10.02 4.33
N ASN A 223 0.35 9.33 3.25
CA ASN A 223 1.68 8.79 3.08
C ASN A 223 2.46 9.87 2.33
N SER A 224 3.68 10.10 2.76
CA SER A 224 4.41 11.26 2.26
C SER A 224 4.78 11.18 0.79
N ASP A 225 4.91 9.97 0.23
CA ASP A 225 5.19 9.83 -1.17
C ASP A 225 3.91 9.50 -1.92
N ASP A 226 3.66 8.20 -2.21
CA ASP A 226 2.46 7.76 -2.96
C ASP A 226 1.58 6.91 -2.09
N GLY A 227 0.30 6.80 -2.46
CA GLY A 227 -0.53 5.83 -1.78
C GLY A 227 -0.17 4.39 -2.13
N PHE A 228 -0.14 4.11 -3.44
CA PHE A 228 0.14 2.79 -4.00
C PHE A 228 1.18 3.01 -5.11
N ASP A 229 2.18 2.13 -5.17
CA ASP A 229 3.29 2.27 -6.13
C ASP A 229 3.73 0.89 -6.59
N LEU A 230 3.68 0.70 -7.92
CA LEU A 230 4.03 -0.55 -8.58
C LEU A 230 5.25 -0.39 -9.49
N ILE A 231 6.18 0.53 -9.17
CA ILE A 231 7.39 0.64 -10.00
C ILE A 231 8.25 -0.63 -9.87
N ASN A 232 9.00 -0.93 -10.92
CA ASN A 232 9.97 -2.01 -10.89
C ASN A 232 9.34 -3.32 -10.44
N CYS A 233 8.16 -3.62 -10.99
CA CYS A 233 7.37 -4.75 -10.56
C CYS A 233 7.29 -5.73 -11.75
N PHE A 234 7.93 -6.90 -11.57
CA PHE A 234 8.27 -7.78 -12.70
C PHE A 234 7.14 -8.79 -13.03
N GLU A 235 6.12 -8.87 -12.19
CA GLU A 235 4.90 -9.63 -12.46
C GLU A 235 3.72 -8.72 -12.24
N ALA A 236 2.58 -9.06 -12.81
CA ALA A 236 1.42 -8.18 -12.68
C ALA A 236 0.92 -8.16 -11.26
N VAL A 237 0.63 -6.97 -10.79
CA VAL A 237 -0.02 -6.73 -9.48
C VAL A 237 -1.32 -5.98 -9.75
N LYS A 238 -2.34 -6.34 -8.96
CA LYS A 238 -3.64 -5.72 -9.09
C LYS A 238 -4.00 -4.94 -7.85
N ILE A 239 -4.64 -3.79 -8.06
CA ILE A 239 -5.18 -2.92 -7.03
C ILE A 239 -6.67 -2.85 -7.31
N ILE A 240 -7.48 -3.36 -6.38
CA ILE A 240 -8.92 -3.52 -6.62
CA ILE A 240 -8.90 -3.55 -6.61
C ILE A 240 -9.68 -2.95 -5.46
N ASN A 241 -10.63 -2.04 -5.74
CA ASN A 241 -11.47 -1.50 -4.68
C ASN A 241 -10.65 -0.87 -3.57
N CYS A 242 -9.70 -0.03 -3.97
CA CYS A 242 -8.86 0.70 -3.00
C CYS A 242 -9.09 2.19 -3.12
N TRP A 243 -8.84 2.89 -2.00
CA TRP A 243 -8.95 4.35 -1.95
C TRP A 243 -7.60 4.93 -1.66
N SER A 244 -7.21 5.99 -2.39
CA SER A 244 -5.89 6.61 -2.21
C SER A 244 -6.07 8.11 -2.28
N PHE A 245 -5.80 8.77 -1.16
CA PHE A 245 -6.14 10.18 -1.05
C PHE A 245 -5.17 10.93 -0.16
N LEU A 246 -4.94 12.20 -0.46
CA LEU A 246 -4.13 13.05 0.39
C LEU A 246 -2.68 12.52 0.59
N ASN A 247 -2.17 11.81 -0.43
CA ASN A 247 -0.78 11.40 -0.39
C ASN A 247 0.08 12.48 -1.02
N GLY A 248 1.35 12.53 -0.59
CA GLY A 248 2.28 13.56 -1.04
C GLY A 248 2.35 14.78 -0.15
N TYR A 249 1.67 14.72 0.99
CA TYR A 249 1.59 15.79 1.98
C TYR A 249 2.05 15.25 3.31
N LYS A 250 2.63 16.13 4.14
CA LYS A 250 2.96 15.73 5.51
C LYS A 250 1.66 15.46 6.28
N PRO A 251 1.66 14.50 7.23
CA PRO A 251 0.37 14.07 7.80
C PRO A 251 -0.47 15.18 8.44
N GLY A 252 -1.74 15.22 8.07
CA GLY A 252 -2.65 16.23 8.58
C GLY A 252 -2.52 17.62 8.02
N THR A 253 -1.69 17.80 7.01
CA THR A 253 -1.37 19.12 6.48
C THR A 253 -1.50 19.14 4.97
N LYS A 254 -1.29 20.33 4.40
CA LYS A 254 -1.04 20.48 2.95
C LYS A 254 0.39 20.90 2.66
N GLU A 255 1.30 20.56 3.57
CA GLU A 255 2.71 20.80 3.39
C GLU A 255 3.26 19.75 2.40
N VAL A 256 3.98 20.24 1.41
CA VAL A 256 4.52 19.41 0.35
C VAL A 256 5.54 18.42 0.94
N ALA A 257 5.43 17.16 0.50
CA ALA A 257 6.41 16.16 0.87
C ALA A 257 6.93 15.49 -0.39
N GLY A 258 6.51 14.26 -0.66
CA GLY A 258 6.94 13.51 -1.82
C GLY A 258 6.05 13.61 -3.02
N ASP A 259 6.04 12.54 -3.79
CA ASP A 259 5.55 12.57 -5.16
C ASP A 259 4.04 12.75 -5.30
N GLY A 260 3.24 12.28 -4.33
CA GLY A 260 1.81 12.57 -4.35
C GLY A 260 1.02 11.96 -5.48
N THR A 261 1.25 10.67 -5.73
CA THR A 261 0.41 9.92 -6.64
C THR A 261 -0.58 9.10 -5.84
N GLY A 262 -1.83 9.03 -6.27
CA GLY A 262 -2.76 8.06 -5.71
C GLY A 262 -2.35 6.64 -6.02
N PHE A 263 -2.22 6.36 -7.31
CA PHE A 263 -1.92 5.02 -7.84
C PHE A 263 -0.84 5.17 -8.92
N LYS A 264 0.40 4.88 -8.53
CA LYS A 264 1.56 4.89 -9.43
C LYS A 264 1.66 3.45 -9.91
N ALA A 265 1.17 3.19 -11.12
CA ALA A 265 0.76 1.85 -11.49
C ALA A 265 1.69 1.13 -12.49
N GLY A 266 2.96 1.50 -12.51
CA GLY A 266 3.92 0.81 -13.37
C GLY A 266 5.24 1.55 -13.40
N GLY A 267 6.01 1.27 -14.45
CA GLY A 267 7.28 1.92 -14.66
C GLY A 267 8.48 1.09 -14.27
N TYR A 268 9.61 1.43 -14.89
CA TYR A 268 10.92 0.87 -14.60
C TYR A 268 11.97 1.99 -14.57
N GLY A 269 11.52 3.22 -14.34
CA GLY A 269 12.41 4.37 -14.25
C GLY A 269 12.68 5.03 -15.58
N MET A 270 13.36 6.17 -15.44
CA MET A 270 13.76 7.05 -16.56
C MET A 270 15.23 7.47 -16.41
N ALA A 271 16.07 6.53 -16.00
CA ALA A 271 17.49 6.88 -15.80
C ALA A 271 18.11 7.34 -17.12
N ALA A 272 18.98 8.35 -17.01
CA ALA A 272 19.71 8.85 -18.18
C ALA A 272 21.00 8.08 -18.43
N ASP A 273 21.53 7.39 -17.41
CA ASP A 273 22.88 6.81 -17.51
C ASP A 273 22.91 5.34 -17.92
N LYS A 274 21.84 4.60 -17.65
CA LYS A 274 21.84 3.16 -17.85
C LYS A 274 20.44 2.64 -17.97
N LEU A 275 20.32 1.49 -18.64
CA LEU A 275 19.03 0.81 -18.78
C LEU A 275 18.69 0.07 -17.50
N PRO A 276 17.42 0.11 -17.09
CA PRO A 276 16.99 -0.71 -15.96
C PRO A 276 16.83 -2.19 -16.36
N ALA A 277 16.96 -3.08 -15.38
CA ALA A 277 16.51 -4.45 -15.56
C ALA A 277 15.01 -4.43 -15.76
N ILE A 278 14.51 -5.30 -16.65
CA ILE A 278 13.11 -5.44 -16.91
C ILE A 278 12.70 -6.90 -17.08
N PRO A 279 11.44 -7.21 -16.80
CA PRO A 279 10.93 -8.55 -17.10
C PRO A 279 10.84 -8.74 -18.61
N SER A 280 10.92 -10.00 -19.02
CA SER A 280 10.79 -10.49 -20.40
CA SER A 280 10.84 -10.28 -20.46
C SER A 280 9.44 -10.13 -21.05
N VAL A 281 8.41 -10.18 -20.23
CA VAL A 281 7.06 -9.81 -20.61
C VAL A 281 6.74 -8.63 -19.71
N ILE A 282 6.39 -7.49 -20.29
CA ILE A 282 6.02 -6.34 -19.46
C ILE A 282 4.62 -6.59 -18.88
N PRO A 283 4.49 -6.62 -17.56
CA PRO A 283 3.20 -7.01 -16.96
C PRO A 283 2.11 -5.99 -17.14
N GLN A 284 0.89 -6.51 -17.24
CA GLN A 284 -0.27 -5.69 -17.30
C GLN A 284 -0.82 -5.52 -15.89
N HIS A 285 -0.27 -4.57 -15.15
CA HIS A 285 -0.84 -4.23 -13.85
C HIS A 285 -2.26 -3.71 -14.03
N GLU A 286 -3.03 -3.72 -12.94
CA GLU A 286 -4.42 -3.31 -13.00
C GLU A 286 -4.77 -2.45 -11.82
N VAL A 287 -5.54 -1.40 -12.08
CA VAL A 287 -6.19 -0.61 -11.04
C VAL A 287 -7.67 -0.57 -11.42
N ARG A 288 -8.51 -1.18 -10.59
CA ARG A 288 -9.94 -1.31 -10.91
C ARG A 288 -10.78 -0.94 -9.71
N ASN A 289 -11.94 -0.33 -9.96
CA ASN A 289 -12.95 0.01 -8.94
CA ASN A 289 -12.93 -0.08 -8.90
C ASN A 289 -12.37 0.78 -7.77
N SER A 290 -11.42 1.67 -8.08
CA SER A 290 -10.69 2.40 -7.08
C SER A 290 -10.96 3.91 -7.16
N LEU A 291 -10.56 4.59 -6.10
CA LEU A 291 -10.89 6.01 -5.89
CA LEU A 291 -10.88 6.01 -5.90
C LEU A 291 -9.63 6.80 -5.55
N ALA A 292 -9.39 7.88 -6.28
CA ALA A 292 -8.32 8.83 -5.95
C ALA A 292 -8.93 10.16 -5.63
N TYR A 293 -8.50 10.76 -4.53
CA TYR A 293 -9.00 12.10 -4.12
C TYR A 293 -7.87 12.95 -3.58
N TYR A 294 -7.59 14.08 -4.23
CA TYR A 294 -6.72 15.11 -3.65
C TYR A 294 -5.37 14.57 -3.22
N ASN A 295 -4.80 13.68 -4.04
CA ASN A 295 -3.35 13.46 -3.94
C ASN A 295 -2.67 14.72 -4.46
N ARG A 296 -1.45 14.95 -4.01
CA ARG A 296 -0.84 16.25 -4.29
C ARG A 296 -0.70 16.50 -5.79
N LEU A 297 -0.25 15.51 -6.56
CA LEU A 297 0.05 15.71 -7.98
C LEU A 297 -0.70 14.89 -8.99
N ARG A 298 -0.98 13.61 -8.71
CA ARG A 298 -1.59 12.77 -9.73
C ARG A 298 -2.52 11.74 -9.10
N GLY A 299 -3.50 11.31 -9.89
CA GLY A 299 -4.49 10.30 -9.45
C GLY A 299 -4.03 8.91 -9.84
N PHE A 300 -4.33 8.54 -11.09
CA PHE A 300 -4.02 7.23 -11.66
C PHE A 300 -2.94 7.46 -12.73
N TYR A 301 -1.77 6.86 -12.54
CA TYR A 301 -0.57 7.22 -13.31
C TYR A 301 0.13 6.00 -13.83
N ALA A 302 0.37 5.94 -15.15
CA ALA A 302 1.10 4.84 -15.78
C ALA A 302 2.59 4.89 -15.44
N ASN A 303 3.10 6.06 -15.03
CA ASN A 303 4.44 6.17 -14.51
C ASN A 303 5.52 5.64 -15.45
N HIS A 304 5.44 5.96 -16.73
CA HIS A 304 6.49 5.58 -17.67
C HIS A 304 6.58 4.09 -17.87
N HIS A 305 5.44 3.41 -17.82
CA HIS A 305 5.41 1.97 -18.07
C HIS A 305 5.88 1.66 -19.49
N LEU A 306 6.35 0.42 -19.68
CA LEU A 306 6.83 -0.08 -20.97
C LEU A 306 5.78 -0.94 -21.71
N GLY A 307 4.51 -0.75 -21.35
CA GLY A 307 3.45 -1.50 -21.93
C GLY A 307 2.15 -1.09 -21.33
N GLY A 308 1.13 -1.90 -21.56
CA GLY A 308 -0.22 -1.58 -21.14
C GLY A 308 -0.52 -1.90 -19.67
N ILE A 309 -1.36 -1.03 -19.10
CA ILE A 309 -1.97 -1.18 -17.78
CA ILE A 309 -1.98 -1.31 -17.82
C ILE A 309 -3.50 -1.16 -17.99
N ILE A 310 -4.24 -1.77 -17.07
CA ILE A 310 -5.70 -1.67 -17.09
C ILE A 310 -6.13 -0.67 -16.02
N PHE A 311 -6.84 0.39 -16.43
CA PHE A 311 -7.49 1.34 -15.52
CA PHE A 311 -7.48 1.32 -15.55
C PHE A 311 -8.99 1.24 -15.85
N GLU A 312 -9.74 0.53 -15.02
CA GLU A 312 -11.15 0.25 -15.26
C GLU A 312 -11.99 0.66 -14.08
N SER A 313 -13.10 1.35 -14.36
CA SER A 313 -14.12 1.64 -13.37
C SER A 313 -13.58 2.32 -12.13
N ASN A 314 -12.76 3.34 -12.34
CA ASN A 314 -12.23 4.14 -11.25
C ASN A 314 -12.89 5.51 -11.21
N THR A 315 -12.73 6.20 -10.07
CA THR A 315 -13.20 7.56 -9.89
C THR A 315 -12.04 8.39 -9.38
N ALA A 316 -11.84 9.57 -9.99
CA ALA A 316 -10.83 10.53 -9.53
C ALA A 316 -11.49 11.85 -9.28
N VAL A 317 -11.14 12.48 -8.15
CA VAL A 317 -11.67 13.78 -7.76
C VAL A 317 -10.49 14.67 -7.38
N ASN A 318 -10.26 15.73 -8.15
CA ASN A 318 -9.35 16.77 -7.72
C ASN A 318 -7.99 16.24 -7.30
N SER A 319 -7.46 15.34 -8.11
CA SER A 319 -6.20 14.69 -7.74
C SER A 319 -5.02 15.11 -8.61
N GLY A 320 -5.03 16.37 -9.07
CA GLY A 320 -3.99 16.85 -9.97
C GLY A 320 -4.22 16.41 -11.38
N GLU A 321 -3.29 15.63 -11.95
CA GLU A 321 -3.58 14.95 -13.22
C GLU A 321 -4.35 13.68 -12.83
N ASN A 322 -5.68 13.74 -12.98
CA ASN A 322 -6.49 12.63 -12.47
C ASN A 322 -6.11 11.31 -13.13
N TYR A 323 -5.86 11.33 -14.43
CA TYR A 323 -5.38 10.18 -15.21
C TYR A 323 -4.23 10.66 -16.07
N ASN A 324 -3.08 10.01 -15.94
CA ASN A 324 -1.91 10.33 -16.75
C ASN A 324 -1.35 9.02 -17.23
N MET A 325 -1.39 8.79 -18.55
CA MET A 325 -1.09 7.50 -19.13
CA MET A 325 -1.06 7.48 -19.12
C MET A 325 0.32 7.41 -19.72
N THR A 326 1.21 8.34 -19.33
CA THR A 326 2.55 8.39 -19.93
C THR A 326 3.29 7.07 -19.84
N ASN A 327 3.81 6.63 -20.98
CA ASN A 327 4.67 5.45 -21.04
C ASN A 327 6.08 5.87 -21.45
N ARG A 328 7.06 5.02 -21.13
CA ARG A 328 8.40 5.13 -21.72
C ARG A 328 8.35 4.41 -23.07
N GLU A 329 9.03 4.99 -24.05
CA GLU A 329 9.13 4.38 -25.38
C GLU A 329 9.83 3.03 -25.30
N SER A 330 9.26 2.04 -26.01
CA SER A 330 9.79 0.68 -26.01
C SER A 330 10.25 0.26 -27.39
N PRO A 331 11.30 -0.55 -27.49
CA PRO A 331 12.11 -1.09 -26.39
C PRO A 331 12.99 -0.03 -25.75
N LEU A 332 13.55 -0.38 -24.62
CA LEU A 332 14.43 0.50 -23.86
C LEU A 332 15.56 1.07 -24.68
N ALA A 333 15.75 2.38 -24.55
CA ALA A 333 16.84 3.08 -25.21
C ALA A 333 17.19 4.30 -24.41
N LEU A 334 18.37 4.85 -24.68
CA LEU A 334 18.89 6.07 -24.06
C LEU A 334 19.12 7.10 -25.19
N PRO A 335 18.81 8.38 -24.96
CA PRO A 335 18.13 8.86 -23.75
C PRO A 335 16.71 8.31 -23.62
N PRO A 336 16.20 8.29 -22.38
CA PRO A 336 14.86 7.77 -22.13
C PRO A 336 13.84 8.76 -22.67
N THR A 337 12.78 8.24 -23.28
CA THR A 337 11.80 9.10 -23.96
C THR A 337 10.39 8.75 -23.45
N ASP A 338 9.64 9.77 -23.06
CA ASP A 338 8.22 9.62 -22.74
C ASP A 338 7.36 9.80 -23.98
N VAL A 339 6.31 8.98 -24.08
CA VAL A 339 5.34 9.00 -25.15
C VAL A 339 3.94 8.83 -24.58
N ASN A 340 2.96 9.19 -25.40
CA ASN A 340 1.57 8.89 -25.08
C ASN A 340 1.42 7.40 -24.81
N GLY A 341 0.64 7.07 -23.78
CA GLY A 341 0.55 5.70 -23.34
C GLY A 341 -0.09 4.76 -24.36
N TYR A 342 0.53 3.60 -24.49
CA TYR A 342 0.14 2.58 -25.48
C TYR A 342 -0.19 1.30 -24.78
N ASP A 343 -1.10 0.55 -25.41
CA ASP A 343 -1.55 -0.77 -24.99
C ASP A 343 -2.40 -0.77 -23.73
N HIS A 344 -2.78 0.41 -23.25
CA HIS A 344 -3.64 0.49 -22.06
C HIS A 344 -5.07 0.15 -22.37
N MET A 345 -5.79 -0.22 -21.32
CA MET A 345 -7.24 -0.25 -21.32
CA MET A 345 -7.23 -0.24 -21.32
C MET A 345 -7.69 0.82 -20.32
N VAL A 346 -8.36 1.85 -20.80
CA VAL A 346 -8.85 2.94 -19.97
C VAL A 346 -10.36 3.00 -20.22
N LYS A 347 -11.13 2.39 -19.32
CA LYS A 347 -12.55 2.16 -19.58
C LYS A 347 -13.38 2.47 -18.35
N ASN A 348 -14.53 3.11 -18.57
CA ASN A 348 -15.57 3.26 -17.53
C ASN A 348 -15.09 4.08 -16.34
N ASN A 349 -14.15 5.01 -16.57
CA ASN A 349 -13.66 5.86 -15.52
C ASN A 349 -14.44 7.18 -15.42
N LEU A 350 -14.39 7.76 -14.23
CA LEU A 350 -15.05 9.00 -13.87
C LEU A 350 -14.02 9.99 -13.34
N SER A 351 -14.20 11.27 -13.67
CA SER A 351 -13.24 12.30 -13.32
C SER A 351 -13.96 13.63 -13.02
N LEU A 352 -13.68 14.20 -11.85
CA LEU A 352 -14.17 15.50 -11.46
C LEU A 352 -12.99 16.44 -11.24
N VAL A 353 -13.11 17.65 -11.81
CA VAL A 353 -12.13 18.73 -11.60
C VAL A 353 -12.83 20.02 -11.19
N THR A 354 -12.56 20.43 -9.95
CA THR A 354 -12.84 21.78 -9.47
C THR A 354 -11.64 22.39 -8.71
N ARG A 355 -10.50 21.74 -8.76
CA ARG A 355 -9.29 22.18 -8.10
C ARG A 355 -8.42 22.87 -9.15
N SER A 356 -7.87 24.02 -8.77
CA SER A 356 -6.99 24.75 -9.70
C SER A 356 -5.82 23.89 -10.15
N GLY A 357 -5.62 23.84 -11.46
CA GLY A 357 -4.53 23.12 -12.05
C GLY A 357 -4.78 21.65 -12.28
N SER A 358 -5.90 21.11 -11.81
CA SER A 358 -6.16 19.70 -12.05
C SER A 358 -6.66 19.47 -13.48
N LYS A 359 -6.50 18.25 -13.94
CA LYS A 359 -6.78 17.85 -15.31
C LYS A 359 -7.46 16.51 -15.31
N HIS A 360 -8.23 16.22 -16.36
CA HIS A 360 -8.89 14.92 -16.48
C HIS A 360 -7.92 13.82 -16.94
N ILE A 361 -7.51 13.85 -18.19
CA ILE A 361 -6.61 12.85 -18.72
C ILE A 361 -5.54 13.51 -19.58
N VAL A 362 -4.31 13.02 -19.43
CA VAL A 362 -3.21 13.44 -20.27
C VAL A 362 -2.42 12.22 -20.71
N MET A 363 -1.75 12.40 -21.83
CA MET A 363 -0.70 11.53 -22.35
C MET A 363 -1.19 10.10 -22.61
N VAL A 364 -2.28 9.96 -23.34
CA VAL A 364 -2.76 8.66 -23.78
C VAL A 364 -2.80 8.61 -25.31
N ASN A 365 -2.34 7.51 -25.89
CA ASN A 365 -2.38 7.28 -27.33
C ASN A 365 -3.67 6.51 -27.63
N ARG A 366 -4.67 7.21 -28.16
CA ARG A 366 -6.00 6.60 -28.39
C ARG A 366 -6.00 5.61 -29.55
N ALA A 367 -5.00 5.63 -30.42
CA ALA A 367 -4.86 4.64 -31.48
C ALA A 367 -4.22 3.33 -31.02
N LYS A 368 -3.51 3.37 -29.89
CA LYS A 368 -2.82 2.19 -29.37
C LYS A 368 -3.31 1.71 -28.03
N SER A 369 -4.17 2.50 -27.41
CA SER A 369 -4.84 2.15 -26.16
C SER A 369 -6.34 2.19 -26.41
N GLU A 370 -7.10 1.34 -25.71
CA GLU A 370 -8.54 1.35 -25.81
CA GLU A 370 -8.54 1.35 -25.79
C GLU A 370 -9.06 2.30 -24.74
N VAL A 371 -9.64 3.41 -25.17
CA VAL A 371 -10.13 4.44 -24.28
C VAL A 371 -11.62 4.60 -24.56
N SER A 372 -12.48 4.07 -23.69
CA SER A 372 -13.93 4.00 -23.98
C SER A 372 -14.74 4.23 -22.73
N ASN A 373 -15.90 4.87 -22.93
CA ASN A 373 -16.88 5.09 -21.88
C ASN A 373 -16.32 5.75 -20.61
N ASN A 374 -15.51 6.77 -20.80
CA ASN A 374 -15.01 7.59 -19.70
C ASN A 374 -15.71 8.92 -19.67
N SER A 375 -15.93 9.46 -18.48
CA SER A 375 -16.67 10.73 -18.37
C SER A 375 -16.02 11.84 -19.12
N PHE A 376 -14.69 11.84 -19.14
CA PHE A 376 -13.97 12.97 -19.71
C PHE A 376 -14.06 13.08 -21.21
N ASP A 377 -14.56 12.03 -21.87
CA ASP A 377 -14.76 12.06 -23.33
C ASP A 377 -16.22 12.25 -23.71
N GLY A 378 -17.11 12.50 -22.73
CA GLY A 378 -18.52 12.74 -23.00
C GLY A 378 -18.81 14.18 -23.34
N SER A 379 -20.07 14.46 -23.61
CA SER A 379 -20.45 15.81 -24.04
C SER A 379 -20.79 16.76 -22.90
N GLU A 380 -20.90 16.24 -21.68
CA GLU A 380 -21.23 17.07 -20.52
C GLU A 380 -20.14 17.02 -19.49
N GLU A 381 -19.91 18.15 -18.85
CA GLU A 381 -18.93 18.23 -17.79
C GLU A 381 -19.49 17.53 -16.54
N VAL A 382 -18.61 16.89 -15.80
CA VAL A 382 -18.93 16.34 -14.49
C VAL A 382 -18.84 17.49 -13.48
N ILE A 383 -19.87 17.63 -12.66
CA ILE A 383 -19.93 18.73 -11.68
C ILE A 383 -20.11 18.18 -10.26
N GLU A 384 -19.82 19.02 -9.28
CA GLU A 384 -19.84 18.55 -7.90
C GLU A 384 -21.18 17.97 -7.49
N THR A 385 -22.27 18.63 -7.88
CA THR A 385 -23.59 18.13 -7.46
C THR A 385 -24.09 16.94 -8.24
N ASP A 386 -23.28 16.42 -9.16
CA ASP A 386 -23.53 15.06 -9.70
C ASP A 386 -23.31 13.98 -8.65
N PHE A 387 -22.64 14.35 -7.56
CA PHE A 387 -22.33 13.42 -6.47
C PHE A 387 -23.22 13.62 -5.27
N ILE A 388 -23.51 12.52 -4.59
CA ILE A 388 -24.29 12.59 -3.37
C ILE A 388 -23.53 13.39 -2.28
N SER A 389 -22.22 13.13 -2.20
CA SER A 389 -21.37 13.78 -1.23
C SER A 389 -19.97 13.89 -1.80
N LEU A 390 -19.24 14.93 -1.39
CA LEU A 390 -17.79 15.05 -1.55
C LEU A 390 -17.16 15.46 -0.23
N GLU A 391 -17.75 15.00 0.85
CA GLU A 391 -17.19 15.27 2.18
C GLU A 391 -16.04 14.31 2.49
N GLU A 392 -14.84 14.89 2.51
CA GLU A 392 -13.58 14.14 2.72
C GLU A 392 -13.58 13.21 3.94
N ALA A 393 -14.19 13.68 5.02
CA ALA A 393 -14.15 12.90 6.26
C ALA A 393 -14.75 11.53 6.08
N GLU A 394 -15.66 11.37 5.12
CA GLU A 394 -16.30 10.07 4.93
C GLU A 394 -15.25 8.99 4.60
N LEU A 395 -14.20 9.37 3.87
CA LEU A 395 -13.18 8.43 3.42
C LEU A 395 -12.32 7.89 4.55
N MET A 396 -12.32 8.60 5.68
CA MET A 396 -11.56 8.22 6.88
CA MET A 396 -11.57 8.21 6.87
C MET A 396 -12.44 7.60 7.96
N ARG A 397 -13.72 7.34 7.66
CA ARG A 397 -14.58 6.67 8.61
C ARG A 397 -14.05 5.30 9.01
N ASP A 398 -14.42 4.91 10.22
CA ASP A 398 -14.01 3.61 10.71
C ASP A 398 -14.55 2.49 9.82
N ARG A 399 -13.71 1.51 9.57
CA ARG A 399 -14.16 0.31 8.91
C ARG A 399 -15.23 -0.40 9.72
N LYS A 400 -16.03 -1.18 9.03
CA LYS A 400 -17.07 -1.98 9.67
C LYS A 400 -16.39 -2.97 10.59
N PRO A 401 -17.15 -3.55 11.53
CA PRO A 401 -16.52 -4.49 12.46
C PRO A 401 -15.75 -5.64 11.80
N ASN A 402 -16.23 -6.10 10.66
CA ASN A 402 -15.55 -7.18 9.94
C ASN A 402 -14.33 -6.72 9.12
N GLY A 403 -14.02 -5.43 9.17
CA GLY A 403 -12.89 -4.87 8.41
C GLY A 403 -13.24 -4.30 7.06
N ASP A 404 -14.46 -4.50 6.57
CA ASP A 404 -14.85 -3.93 5.31
C ASP A 404 -14.82 -2.40 5.32
N LEU A 405 -14.59 -1.83 4.13
CA LEU A 405 -14.63 -0.39 3.95
C LEU A 405 -15.95 0.16 4.52
N PRO A 406 -15.89 1.38 5.07
CA PRO A 406 -17.14 2.00 5.54
C PRO A 406 -18.05 2.34 4.36
N ASP A 407 -19.36 2.32 4.61
CA ASP A 407 -20.28 2.88 3.65
C ASP A 407 -20.04 4.39 3.54
N VAL A 408 -19.93 4.87 2.31
CA VAL A 408 -19.74 6.28 2.05
C VAL A 408 -20.61 6.73 0.88
N ASN A 409 -20.98 8.00 0.88
CA ASN A 409 -21.56 8.65 -0.28
C ASN A 409 -20.54 9.44 -1.10
N PHE A 410 -19.34 9.61 -0.55
CA PHE A 410 -18.30 10.33 -1.24
C PHE A 410 -18.03 9.73 -2.63
N GLY A 411 -18.15 10.55 -3.69
CA GLY A 411 -17.83 10.05 -4.99
C GLY A 411 -18.87 9.16 -5.66
N LYS A 412 -20.03 9.02 -5.01
CA LYS A 412 -21.15 8.23 -5.55
C LYS A 412 -22.08 9.15 -6.31
N LEU A 413 -22.40 8.79 -7.55
CA LEU A 413 -23.29 9.58 -8.36
C LEU A 413 -24.72 9.53 -7.86
N THR A 414 -25.41 10.64 -7.99
CA THR A 414 -26.84 10.67 -7.72
C THR A 414 -27.58 9.82 -8.73
N THR A 415 -28.86 9.56 -8.46
CA THR A 415 -29.66 8.79 -9.40
C THR A 415 -29.72 9.48 -10.79
N ASP A 416 -29.93 10.79 -10.77
CA ASP A 416 -30.03 11.57 -12.00
CA ASP A 416 -30.04 11.56 -12.01
C ASP A 416 -28.71 11.54 -12.78
N ALA A 417 -27.61 11.75 -12.08
CA ALA A 417 -26.33 11.79 -12.74
C ALA A 417 -25.90 10.46 -13.27
N GLU A 418 -26.23 9.39 -12.56
CA GLU A 418 -25.86 8.03 -12.96
C GLU A 418 -26.43 7.75 -14.38
N LEU A 419 -27.62 8.25 -14.68
CA LEU A 419 -28.21 8.04 -16.00
C LEU A 419 -27.44 8.74 -17.13
N ARG A 420 -26.74 9.83 -16.79
CA ARG A 420 -25.94 10.59 -17.74
C ARG A 420 -24.47 10.16 -17.85
N PHE A 421 -24.02 9.36 -16.87
CA PHE A 421 -22.66 8.81 -16.79
C PHE A 421 -22.73 7.30 -16.54
N TRP A 422 -23.53 6.61 -17.36
CA TRP A 422 -23.90 5.24 -17.07
C TRP A 422 -22.71 4.30 -17.14
N GLY A 423 -22.56 3.49 -16.10
CA GLY A 423 -21.47 2.51 -16.05
C GLY A 423 -20.11 3.08 -15.72
N MET A 424 -20.05 4.36 -15.32
CA MET A 424 -18.76 5.02 -15.06
C MET A 424 -18.51 5.14 -13.57
N GLY A 425 -17.27 4.94 -13.19
CA GLY A 425 -16.80 5.15 -11.82
C GLY A 425 -16.76 3.92 -10.96
N CYS A 426 -16.15 4.08 -9.78
CA CYS A 426 -15.88 2.93 -8.93
C CYS A 426 -17.08 2.44 -8.16
N PHE A 427 -18.08 3.28 -7.97
CA PHE A 427 -19.30 2.87 -7.23
C PHE A 427 -20.43 2.52 -8.18
N LYS B 3 11.29 -41.51 -25.79
CA LYS B 3 11.42 -40.84 -24.48
C LYS B 3 10.99 -39.35 -24.53
N THR B 4 10.46 -38.85 -23.40
CA THR B 4 10.25 -37.44 -23.17
C THR B 4 11.17 -36.94 -22.04
N TYR B 5 12.04 -36.00 -22.40
CA TYR B 5 12.93 -35.33 -21.46
C TYR B 5 12.36 -33.97 -21.12
N TYR B 6 12.84 -33.42 -20.01
CA TYR B 6 12.46 -32.12 -19.53
C TYR B 6 13.69 -31.30 -19.19
N MET B 7 13.66 -29.99 -19.50
CA MET B 7 14.64 -29.05 -18.97
C MET B 7 13.91 -27.90 -18.29
N ASP B 8 14.63 -27.25 -17.36
CA ASP B 8 14.06 -26.23 -16.50
C ASP B 8 15.17 -25.29 -16.07
N PRO B 9 14.86 -24.00 -15.89
CA PRO B 9 15.95 -23.10 -15.47
C PRO B 9 16.56 -23.49 -14.12
N GLU B 10 15.78 -24.19 -13.28
CA GLU B 10 16.26 -24.64 -11.97
C GLU B 10 16.62 -26.13 -11.95
N GLY B 11 16.76 -26.72 -13.14
CA GLY B 11 17.16 -28.12 -13.25
C GLY B 11 18.64 -28.31 -13.05
N SER B 12 19.09 -29.53 -13.35
CA SER B 12 20.50 -29.88 -13.22
C SER B 12 20.86 -30.84 -14.33
N ASP B 13 22.03 -30.61 -14.95
CA ASP B 13 22.54 -31.53 -15.95
C ASP B 13 23.06 -32.85 -15.36
N SER B 14 23.09 -32.94 -14.01
CA SER B 14 23.32 -34.21 -13.30
C SER B 14 22.05 -35.02 -13.07
N ASN B 15 20.89 -34.44 -13.38
CA ASN B 15 19.61 -35.12 -13.23
C ASN B 15 19.41 -36.03 -14.44
N PRO B 16 18.44 -36.96 -14.34
CA PRO B 16 18.10 -37.82 -15.48
C PRO B 16 17.23 -37.14 -16.56
N GLY B 17 16.70 -35.95 -16.32
CA GLY B 17 15.86 -35.28 -17.32
C GLY B 17 14.41 -35.69 -17.30
N THR B 18 13.95 -36.17 -16.14
CA THR B 18 12.55 -36.50 -15.96
C THR B 18 11.74 -35.24 -15.59
N SER B 19 10.43 -35.37 -15.51
CA SER B 19 9.57 -34.27 -15.11
C SER B 19 9.94 -33.79 -13.69
N ASP B 20 10.14 -34.74 -12.76
CA ASP B 20 10.53 -34.42 -11.39
C ASP B 20 11.96 -33.89 -11.26
N LYS B 21 12.85 -34.33 -12.15
CA LYS B 21 14.27 -34.05 -12.07
C LYS B 21 14.76 -33.62 -13.46
N PRO B 22 14.40 -32.39 -13.88
CA PRO B 22 14.73 -31.94 -15.23
C PRO B 22 16.22 -31.58 -15.40
N PHE B 23 16.68 -31.60 -16.63
CA PHE B 23 17.97 -31.07 -16.99
C PHE B 23 17.98 -29.53 -16.83
N ALA B 24 19.18 -28.94 -16.92
CA ALA B 24 19.35 -27.50 -16.91
C ALA B 24 19.58 -26.87 -18.29
N THR B 25 20.24 -27.59 -19.22
CA THR B 25 20.64 -27.02 -20.48
C THR B 25 20.38 -27.90 -21.69
N LEU B 26 20.33 -27.25 -22.83
CA LEU B 26 20.25 -27.96 -24.10
C LEU B 26 21.54 -28.72 -24.44
N VAL B 27 22.66 -28.33 -23.85
CA VAL B 27 23.92 -29.07 -24.05
C VAL B 27 23.72 -30.52 -23.59
N LYS B 28 23.13 -30.68 -22.41
CA LYS B 28 22.87 -32.02 -21.89
C LYS B 28 21.81 -32.76 -22.72
N VAL B 29 20.76 -32.05 -23.09
CA VAL B 29 19.74 -32.60 -23.97
C VAL B 29 20.38 -33.20 -25.24
N GLN B 30 21.30 -32.46 -25.87
CA GLN B 30 21.93 -32.90 -27.10
C GLN B 30 22.80 -34.15 -26.92
N GLU B 31 23.30 -34.37 -25.73
CA GLU B 31 24.03 -35.59 -25.42
C GLU B 31 23.14 -36.85 -25.50
N VAL B 32 21.87 -36.73 -25.13
CA VAL B 32 21.04 -37.93 -24.94
C VAL B 32 20.00 -38.22 -26.01
N VAL B 33 19.55 -37.19 -26.74
CA VAL B 33 18.39 -37.40 -27.64
C VAL B 33 18.73 -38.26 -28.85
N VAL B 34 17.72 -39.01 -29.26
CA VAL B 34 17.74 -39.77 -30.50
C VAL B 34 16.42 -39.55 -31.23
N ALA B 35 16.39 -39.98 -32.49
CA ALA B 35 15.20 -39.84 -33.33
C ALA B 35 13.95 -40.32 -32.61
N GLY B 36 12.92 -39.49 -32.63
CA GLY B 36 11.65 -39.79 -31.97
C GLY B 36 11.48 -39.19 -30.59
N ASP B 37 12.57 -38.77 -29.96
CA ASP B 37 12.50 -38.22 -28.60
C ASP B 37 11.85 -36.84 -28.63
N VAL B 38 11.28 -36.49 -27.50
CA VAL B 38 10.70 -35.17 -27.28
C VAL B 38 11.37 -34.56 -26.06
N VAL B 39 11.66 -33.27 -26.19
CA VAL B 39 12.19 -32.51 -25.09
C VAL B 39 11.17 -31.41 -24.80
N TYR B 40 10.61 -31.41 -23.59
CA TYR B 40 9.79 -30.32 -23.13
C TYR B 40 10.64 -29.31 -22.36
N ILE B 41 10.58 -28.06 -22.82
CA ILE B 41 11.37 -26.97 -22.26
C ILE B 41 10.45 -26.16 -21.35
N ASN B 42 10.69 -26.20 -20.04
CA ASN B 42 9.80 -25.51 -19.13
C ASN B 42 9.96 -24.01 -19.28
N PRO B 43 8.89 -23.24 -19.03
CA PRO B 43 9.01 -21.80 -19.13
C PRO B 43 9.88 -21.21 -18.04
N GLY B 44 10.15 -19.93 -18.19
CA GLY B 44 11.15 -19.22 -17.41
C GLY B 44 12.27 -18.79 -18.33
N THR B 45 13.25 -18.11 -17.75
CA THR B 45 14.40 -17.62 -18.49
C THR B 45 15.62 -18.47 -18.19
N TYR B 46 16.27 -18.93 -19.26
CA TYR B 46 17.54 -19.64 -19.20
C TYR B 46 18.61 -18.66 -19.60
N VAL B 47 19.39 -18.18 -18.62
CA VAL B 47 20.49 -17.29 -18.94
C VAL B 47 21.66 -18.19 -19.30
N VAL B 48 22.14 -18.10 -20.52
CA VAL B 48 23.31 -18.89 -20.91
C VAL B 48 24.57 -18.32 -20.20
N PRO B 49 25.27 -19.14 -19.41
CA PRO B 49 26.40 -18.55 -18.66
C PRO B 49 27.46 -17.97 -19.57
N ALA B 50 28.08 -16.86 -19.15
CA ALA B 50 29.13 -16.20 -19.92
C ALA B 50 30.25 -17.13 -20.32
N ASN B 51 30.54 -18.12 -19.49
CA ASN B 51 31.70 -18.99 -19.77
CA ASN B 51 31.68 -19.03 -19.67
C ASN B 51 31.31 -20.40 -20.21
N GLN B 52 30.07 -20.58 -20.64
CA GLN B 52 29.67 -21.88 -21.23
C GLN B 52 30.45 -22.05 -22.55
N VAL B 53 31.13 -23.19 -22.68
CA VAL B 53 31.96 -23.44 -23.86
C VAL B 53 31.03 -23.63 -25.07
N PRO B 54 31.46 -23.15 -26.25
CA PRO B 54 30.60 -23.36 -27.43
C PRO B 54 30.46 -24.85 -27.70
N MET B 55 29.30 -25.29 -28.21
CA MET B 55 29.20 -26.67 -28.63
C MET B 55 30.03 -26.95 -29.89
N THR B 56 30.18 -25.96 -30.75
CA THR B 56 31.12 -26.08 -31.87
C THR B 56 31.50 -24.69 -32.30
N THR B 57 32.40 -24.67 -33.28
CA THR B 57 32.77 -23.43 -33.97
C THR B 57 32.70 -23.64 -35.47
N THR B 58 32.57 -22.56 -36.23
CA THR B 58 32.62 -22.63 -37.69
C THR B 58 33.51 -21.52 -38.23
N ASN B 59 33.83 -21.67 -39.50
CA ASN B 59 34.56 -20.66 -40.26
C ASN B 59 35.92 -20.34 -39.63
N SER B 60 36.67 -21.41 -39.40
CA SER B 60 38.03 -21.31 -38.85
C SER B 60 38.06 -20.55 -37.55
N GLY B 61 37.08 -20.83 -36.69
CA GLY B 61 36.99 -20.26 -35.38
C GLY B 61 36.32 -18.89 -35.28
N LEU B 62 35.84 -18.34 -36.41
CA LEU B 62 35.17 -17.05 -36.43
C LEU B 62 33.87 -17.10 -35.59
N TYR B 63 33.13 -18.21 -35.70
CA TYR B 63 31.86 -18.38 -34.98
C TYR B 63 31.99 -19.24 -33.73
N HIS B 64 31.44 -18.69 -32.64
CA HIS B 64 31.11 -19.41 -31.40
C HIS B 64 29.65 -19.86 -31.53
N CYS B 65 29.42 -21.18 -31.66
CA CYS B 65 28.08 -21.73 -31.79
C CYS B 65 27.63 -22.26 -30.44
N VAL B 66 26.57 -21.66 -29.91
CA VAL B 66 26.12 -21.97 -28.56
C VAL B 66 25.54 -23.39 -28.49
N PHE B 67 24.53 -23.62 -29.32
CA PHE B 67 23.86 -24.92 -29.39
C PHE B 67 24.05 -25.47 -30.79
N HIS B 68 24.67 -26.65 -30.88
CA HIS B 68 24.87 -27.33 -32.13
C HIS B 68 23.77 -28.34 -32.29
N MET B 69 22.83 -28.05 -33.19
CA MET B 69 21.70 -28.94 -33.47
C MET B 69 22.16 -29.92 -34.54
N ASN B 70 22.95 -30.88 -34.07
CA ASN B 70 23.71 -31.75 -34.95
C ASN B 70 23.12 -33.13 -35.13
N LYS B 71 22.31 -33.60 -34.16
CA LYS B 71 21.64 -34.87 -34.28
C LYS B 71 20.43 -34.73 -35.17
N SER B 72 20.05 -35.85 -35.77
CA SER B 72 18.93 -35.88 -36.70
C SER B 72 17.85 -36.82 -36.24
N GLY B 73 16.61 -36.45 -36.55
CA GLY B 73 15.52 -37.42 -36.55
C GLY B 73 15.51 -38.25 -37.83
N GLU B 74 14.39 -38.92 -38.03
CA GLU B 74 14.10 -39.67 -39.26
C GLU B 74 12.78 -39.18 -39.81
N ALA B 75 12.47 -39.52 -41.07
CA ALA B 75 11.19 -39.12 -41.62
C ALA B 75 10.09 -39.81 -40.76
N GLY B 76 9.10 -39.05 -40.29
CA GLY B 76 8.06 -39.58 -39.42
C GLY B 76 8.46 -39.74 -37.96
N LYS B 77 9.70 -39.39 -37.65
CA LYS B 77 10.28 -39.62 -36.31
C LYS B 77 11.28 -38.50 -36.00
N PRO B 78 10.75 -37.28 -35.87
CA PRO B 78 11.65 -36.16 -35.65
C PRO B 78 12.25 -36.18 -34.25
N ILE B 79 13.25 -35.34 -34.04
CA ILE B 79 13.63 -34.94 -32.67
C ILE B 79 12.93 -33.60 -32.42
N SER B 80 12.14 -33.54 -31.33
CA SER B 80 11.31 -32.34 -31.05
C SER B 80 11.79 -31.64 -29.81
N TYR B 81 11.92 -30.32 -29.91
CA TYR B 81 12.32 -29.43 -28.84
C TYR B 81 11.21 -28.41 -28.68
N LEU B 82 10.37 -28.60 -27.65
CA LEU B 82 9.07 -27.94 -27.59
C LEU B 82 8.90 -27.27 -26.26
N ALA B 83 8.45 -26.02 -26.25
CA ALA B 83 7.95 -25.43 -25.00
C ALA B 83 6.95 -26.39 -24.33
N ASN B 84 7.09 -26.58 -23.02
CA ASN B 84 6.26 -27.55 -22.31
C ASN B 84 4.80 -27.12 -22.40
N PRO B 85 3.96 -27.89 -23.08
CA PRO B 85 2.58 -27.44 -23.29
C PRO B 85 1.70 -27.56 -22.05
N ASN B 86 2.21 -28.18 -20.99
CA ASN B 86 1.52 -28.29 -19.72
C ASN B 86 1.78 -27.12 -18.79
N LYS B 87 2.68 -26.19 -19.16
CA LYS B 87 3.00 -25.05 -18.31
C LYS B 87 2.85 -23.77 -19.09
N GLN B 88 2.17 -22.80 -18.52
CA GLN B 88 1.95 -21.52 -19.16
C GLN B 88 3.21 -20.68 -19.28
N GLY B 89 3.32 -19.98 -20.39
CA GLY B 89 4.44 -19.09 -20.62
C GLY B 89 5.42 -19.62 -21.63
N ARG B 90 6.15 -18.71 -22.23
CA ARG B 90 7.14 -19.08 -23.23
C ARG B 90 8.51 -19.17 -22.62
N PRO B 91 9.24 -20.26 -22.81
CA PRO B 91 10.64 -20.27 -22.39
C PRO B 91 11.45 -19.21 -23.13
N ILE B 92 12.42 -18.63 -22.44
CA ILE B 92 13.27 -17.58 -22.98
C ILE B 92 14.73 -17.97 -22.82
N PHE B 93 15.47 -18.07 -23.91
CA PHE B 93 16.91 -18.20 -23.85
C PHE B 93 17.49 -16.79 -23.92
N ASP B 94 18.21 -16.38 -22.85
CA ASP B 94 18.79 -15.03 -22.74
C ASP B 94 20.30 -15.19 -22.96
N LEU B 95 20.75 -14.62 -24.08
CA LEU B 95 22.13 -14.75 -24.57
C LEU B 95 22.98 -13.54 -24.25
N SER B 96 22.48 -12.64 -23.42
CA SER B 96 23.15 -11.37 -23.17
C SER B 96 24.53 -11.45 -22.52
N GLN B 97 24.84 -12.57 -21.87
CA GLN B 97 26.15 -12.73 -21.21
C GLN B 97 27.20 -13.38 -22.09
N VAL B 98 26.81 -13.89 -23.27
CA VAL B 98 27.70 -14.62 -24.12
C VAL B 98 28.45 -13.64 -25.05
N LYS B 99 29.72 -13.35 -24.73
CA LYS B 99 30.52 -12.33 -25.39
C LYS B 99 31.96 -12.79 -25.62
N PRO B 100 32.14 -13.91 -26.31
CA PRO B 100 33.47 -14.42 -26.59
C PRO B 100 34.29 -13.47 -27.48
N LYS B 101 35.54 -13.18 -27.08
CA LYS B 101 36.34 -12.18 -27.78
C LYS B 101 36.59 -12.63 -29.22
N ASP B 102 36.41 -11.68 -30.13
CA ASP B 102 36.73 -11.86 -31.55
C ASP B 102 35.87 -12.83 -32.33
N GLN B 103 34.72 -13.21 -31.77
CA GLN B 103 33.89 -14.23 -32.38
C GLN B 103 32.49 -13.69 -32.61
N ARG B 104 31.93 -14.08 -33.76
CA ARG B 104 30.53 -13.97 -34.02
C ARG B 104 29.78 -15.03 -33.22
N ILE B 105 28.50 -14.79 -32.95
CA ILE B 105 27.68 -15.76 -32.23
CA ILE B 105 27.66 -15.73 -32.21
C ILE B 105 26.62 -16.36 -33.13
N THR B 106 26.50 -17.69 -33.08
CA THR B 106 25.33 -18.39 -33.62
C THR B 106 24.69 -19.09 -32.44
N VAL B 107 23.42 -18.80 -32.14
CA VAL B 107 22.81 -19.41 -30.95
C VAL B 107 22.43 -20.86 -31.24
N PHE B 108 21.70 -21.07 -32.33
CA PHE B 108 21.30 -22.42 -32.79
C PHE B 108 21.89 -22.64 -34.16
N TYR B 109 22.94 -23.46 -34.21
CA TYR B 109 23.63 -23.82 -35.46
C TYR B 109 23.08 -25.15 -35.88
N VAL B 110 22.34 -25.13 -36.98
CA VAL B 110 21.53 -26.27 -37.38
C VAL B 110 22.18 -26.99 -38.58
N THR B 111 22.74 -28.17 -38.31
CA THR B 111 23.26 -29.05 -39.34
C THR B 111 22.44 -30.34 -39.49
N GLY B 112 21.66 -30.70 -38.48
CA GLY B 112 20.82 -31.89 -38.54
C GLY B 112 19.54 -31.72 -39.32
N SER B 113 18.87 -32.86 -39.49
CA SER B 113 17.66 -32.99 -40.26
C SER B 113 16.54 -33.59 -39.41
N ASN B 114 15.31 -33.43 -39.89
CA ASN B 114 14.12 -34.00 -39.23
C ASN B 114 14.04 -33.56 -37.77
N LEU B 115 14.18 -32.24 -37.56
CA LEU B 115 14.06 -31.61 -36.28
C LEU B 115 12.80 -30.77 -36.26
N TYR B 116 12.26 -30.59 -35.06
CA TYR B 116 11.06 -29.77 -34.85
C TYR B 116 11.31 -28.93 -33.61
N LEU B 117 11.35 -27.61 -33.75
CA LEU B 117 11.56 -26.70 -32.64
C LEU B 117 10.37 -25.77 -32.55
N LYS B 118 9.80 -25.60 -31.35
CA LYS B 118 8.58 -24.80 -31.21
C LYS B 118 8.49 -24.07 -29.89
N GLY B 119 8.07 -22.80 -29.94
CA GLY B 119 7.42 -22.19 -28.78
C GLY B 119 8.24 -21.37 -27.81
N PHE B 120 9.51 -21.14 -28.15
CA PHE B 120 10.40 -20.43 -27.25
C PHE B 120 11.02 -19.21 -27.94
N ASP B 121 11.71 -18.39 -27.14
CA ASP B 121 12.30 -17.14 -27.58
C ASP B 121 13.81 -17.16 -27.40
N VAL B 122 14.50 -16.33 -28.21
CA VAL B 122 15.95 -16.09 -28.09
C VAL B 122 16.13 -14.58 -28.05
N ILE B 123 16.59 -14.10 -26.89
CA ILE B 123 16.79 -12.67 -26.66
C ILE B 123 18.22 -12.38 -26.30
N GLY B 124 18.61 -11.13 -26.54
CA GLY B 124 19.89 -10.63 -26.03
C GLY B 124 21.11 -11.12 -26.72
N THR B 125 20.98 -11.73 -27.91
CA THR B 125 22.17 -12.24 -28.60
C THR B 125 23.09 -11.05 -28.93
N GLN B 126 24.39 -11.22 -28.67
CA GLN B 126 25.33 -10.12 -28.76
C GLN B 126 26.13 -10.07 -30.08
N VAL B 127 26.61 -8.84 -30.36
CA VAL B 127 27.72 -8.57 -31.25
C VAL B 127 28.78 -7.85 -30.43
N THR B 128 30.02 -8.32 -30.51
CA THR B 128 31.13 -7.61 -29.88
C THR B 128 32.17 -7.12 -30.87
N ILE B 129 32.31 -7.81 -32.01
CA ILE B 129 33.22 -7.41 -33.07
C ILE B 129 32.81 -6.03 -33.57
N THR B 130 33.76 -5.15 -33.87
CA THR B 130 33.41 -3.78 -34.27
CA THR B 130 33.50 -3.76 -34.23
C THR B 130 33.54 -3.50 -35.76
N GLY B 131 34.20 -4.37 -36.52
CA GLY B 131 34.20 -4.31 -37.98
C GLY B 131 33.00 -5.00 -38.58
N HIS B 132 33.00 -5.21 -39.90
CA HIS B 132 31.90 -5.96 -40.55
C HIS B 132 31.66 -7.26 -39.83
N THR B 133 30.40 -7.46 -39.43
CA THR B 133 30.08 -8.65 -38.62
C THR B 133 28.58 -8.85 -38.55
N GLN B 134 28.23 -10.03 -38.04
CA GLN B 134 26.87 -10.35 -37.68
C GLN B 134 26.89 -11.50 -36.70
N SER B 135 25.75 -11.66 -36.04
CA SER B 135 25.44 -12.83 -35.25
C SER B 135 24.07 -13.34 -35.69
N GLU B 136 23.76 -14.62 -35.43
CA GLU B 136 22.45 -15.17 -35.80
C GLU B 136 21.85 -15.93 -34.64
N CYS B 137 20.53 -15.83 -34.50
CA CYS B 137 19.83 -16.70 -33.55
C CYS B 137 19.76 -18.14 -34.08
N PHE B 138 19.41 -18.29 -35.37
CA PHE B 138 19.37 -19.59 -36.08
C PHE B 138 20.16 -19.44 -37.37
N ARG B 139 21.13 -20.31 -37.58
CA ARG B 139 21.85 -20.41 -38.84
C ARG B 139 21.74 -21.84 -39.30
N ILE B 140 21.21 -22.01 -40.51
CA ILE B 140 20.84 -23.34 -41.08
C ILE B 140 21.70 -23.48 -42.34
N VAL B 141 22.34 -24.65 -42.50
CA VAL B 141 23.33 -24.84 -43.56
C VAL B 141 23.08 -26.10 -44.36
N LYS B 142 23.85 -26.23 -45.45
CA LYS B 142 23.83 -27.40 -46.30
C LYS B 142 23.76 -28.67 -45.48
N GLY B 143 22.83 -29.55 -45.89
CA GLY B 143 22.61 -30.86 -45.27
C GLY B 143 21.56 -30.86 -44.20
N ALA B 144 21.13 -29.69 -43.72
CA ALA B 144 20.07 -29.59 -42.70
C ALA B 144 18.75 -29.56 -43.44
N ASN B 145 18.08 -30.73 -43.49
CA ASN B 145 16.88 -30.89 -44.29
C ASN B 145 15.68 -31.26 -43.49
N ASN B 146 14.49 -30.91 -44.01
CA ASN B 146 13.23 -31.40 -43.46
C ASN B 146 13.06 -31.05 -41.99
N ASN B 147 13.29 -29.79 -41.69
CA ASN B 147 13.15 -29.23 -40.34
C ASN B 147 11.94 -28.30 -40.29
N LYS B 148 11.39 -28.17 -39.08
CA LYS B 148 10.26 -27.29 -38.85
C LYS B 148 10.59 -26.40 -37.65
N PHE B 149 10.53 -25.10 -37.87
CA PHE B 149 10.80 -24.09 -36.86
C PHE B 149 9.48 -23.33 -36.70
N GLU B 150 8.79 -23.54 -35.58
CA GLU B 150 7.41 -23.08 -35.46
C GLU B 150 7.22 -22.22 -34.23
N ASP B 151 6.56 -21.07 -34.39
CA ASP B 151 6.16 -20.28 -33.22
C ASP B 151 7.37 -19.96 -32.32
N LEU B 152 8.48 -19.59 -32.96
CA LEU B 152 9.72 -19.16 -32.31
C LEU B 152 9.85 -17.65 -32.47
N ARG B 153 10.44 -16.99 -31.48
CA ARG B 153 10.58 -15.55 -31.50
C ARG B 153 12.00 -15.15 -31.20
N THR B 154 12.63 -14.44 -32.12
CA THR B 154 14.01 -13.99 -32.01
C THR B 154 13.97 -12.50 -31.90
N HIS B 155 14.23 -11.95 -30.71
CA HIS B 155 13.89 -10.54 -30.50
C HIS B 155 14.73 -9.90 -29.42
N ASP B 156 14.80 -8.57 -29.48
CA ASP B 156 15.48 -7.82 -28.42
C ASP B 156 16.93 -8.28 -28.27
N GLY B 157 17.62 -8.31 -29.39
CA GLY B 157 19.01 -8.67 -29.46
C GLY B 157 19.69 -7.97 -30.62
N MET B 158 20.94 -8.34 -30.84
CA MET B 158 21.77 -7.75 -31.88
C MET B 158 21.96 -8.67 -33.10
N ALA B 159 21.22 -9.80 -33.12
CA ALA B 159 21.42 -10.83 -34.10
C ALA B 159 20.30 -10.94 -35.11
N ILE B 160 20.65 -11.36 -36.32
CA ILE B 160 19.70 -11.82 -37.33
C ILE B 160 18.83 -12.93 -36.72
N GLY B 161 17.55 -12.93 -37.03
CA GLY B 161 16.68 -13.96 -36.48
C GLY B 161 16.94 -15.37 -37.04
N PHE B 162 16.68 -15.50 -38.34
CA PHE B 162 16.83 -16.77 -39.06
C PHE B 162 17.67 -16.50 -40.29
N TYR B 163 18.66 -17.34 -40.52
CA TYR B 163 19.66 -17.10 -41.55
C TYR B 163 19.99 -18.43 -42.23
N LEU B 164 19.49 -18.60 -43.43
CA LEU B 164 19.68 -19.86 -44.20
C LEU B 164 20.76 -19.72 -45.24
N LEU B 165 21.81 -20.54 -45.11
CA LEU B 165 22.88 -20.61 -46.10
C LEU B 165 22.78 -21.88 -46.94
N GLY B 166 21.89 -22.79 -46.56
CA GLY B 166 21.73 -24.05 -47.29
C GLY B 166 20.68 -24.87 -46.58
N GLY B 167 20.50 -26.09 -47.07
CA GLY B 167 19.46 -26.97 -46.56
C GLY B 167 18.22 -26.91 -47.41
N SER B 168 17.39 -27.93 -47.26
CA SER B 168 16.21 -28.10 -48.08
C SER B 168 15.01 -28.41 -47.19
N ASN B 169 13.84 -27.95 -47.62
CA ASN B 169 12.58 -28.27 -46.88
C ASN B 169 12.65 -27.86 -45.40
N ASN B 170 13.18 -26.66 -45.19
CA ASN B 170 13.11 -26.01 -43.88
C ASN B 170 11.88 -25.09 -43.91
N HIS B 171 10.95 -25.34 -43.01
CA HIS B 171 9.73 -24.56 -42.88
C HIS B 171 9.80 -23.70 -41.65
N ILE B 172 9.84 -22.39 -41.88
CA ILE B 172 9.91 -21.40 -40.78
CA ILE B 172 9.91 -21.43 -40.78
C ILE B 172 8.49 -20.83 -40.72
N LEU B 173 7.74 -21.25 -39.70
CA LEU B 173 6.29 -21.11 -39.62
C LEU B 173 5.90 -20.33 -38.38
N ASN B 174 5.16 -19.23 -38.56
CA ASN B 174 4.57 -18.52 -37.44
C ASN B 174 5.62 -17.98 -36.46
N CYS B 175 6.77 -17.59 -36.98
CA CYS B 175 7.85 -17.03 -36.18
C CYS B 175 7.84 -15.51 -36.25
N ASP B 176 8.30 -14.89 -35.16
CA ASP B 176 8.50 -13.42 -35.10
C ASP B 176 9.95 -13.10 -34.93
N ALA B 177 10.41 -12.08 -35.66
CA ALA B 177 11.74 -11.51 -35.44
C ALA B 177 11.57 -10.02 -35.32
N TYR B 178 11.89 -9.47 -34.15
CA TYR B 178 11.63 -8.06 -33.93
C TYR B 178 12.56 -7.45 -32.94
N ASN B 179 12.68 -6.13 -33.02
CA ASN B 179 13.57 -5.37 -32.09
C ASN B 179 14.98 -5.90 -32.12
N ASN B 180 15.53 -6.07 -33.33
CA ASN B 180 16.86 -6.61 -33.49
C ASN B 180 17.72 -5.52 -34.11
N TYR B 181 18.86 -5.23 -33.49
CA TYR B 181 19.67 -4.08 -33.87
C TYR B 181 21.06 -4.25 -33.32
N ASP B 182 22.06 -4.24 -34.21
CA ASP B 182 23.48 -4.25 -33.82
C ASP B 182 23.92 -2.81 -33.65
N SER B 183 23.96 -2.43 -32.37
CA SER B 183 24.38 -1.10 -31.96
C SER B 183 25.86 -0.96 -31.69
N VAL B 184 26.62 -2.05 -31.92
CA VAL B 184 28.02 -2.12 -31.54
C VAL B 184 28.94 -1.94 -32.74
N SER B 185 28.71 -2.66 -33.84
CA SER B 185 29.69 -2.67 -34.91
C SER B 185 29.52 -1.50 -35.86
N GLU B 186 30.63 -1.12 -36.49
CA GLU B 186 30.64 -0.12 -37.57
C GLU B 186 29.98 1.15 -37.09
N GLY B 187 29.03 1.71 -37.83
CA GLY B 187 28.49 3.02 -37.46
C GLY B 187 27.45 2.91 -36.36
N GLY B 188 27.17 1.68 -35.90
CA GLY B 188 25.92 1.47 -35.18
C GLY B 188 24.75 1.60 -36.12
N LYS B 189 24.95 1.44 -37.44
CA LYS B 189 23.81 1.56 -38.36
C LYS B 189 22.98 0.30 -38.36
N GLY B 190 23.56 -0.85 -37.98
CA GLY B 190 22.74 -2.05 -37.93
C GLY B 190 22.36 -2.60 -39.28
N GLY B 191 23.20 -2.38 -40.29
CA GLY B 191 22.88 -2.74 -41.67
C GLY B 191 22.99 -4.21 -42.03
N ASN B 192 23.32 -5.10 -41.09
CA ASN B 192 23.33 -6.53 -41.37
C ASN B 192 22.29 -7.31 -40.60
N VAL B 193 21.43 -6.61 -39.84
CA VAL B 193 20.44 -7.30 -39.00
C VAL B 193 19.10 -7.36 -39.69
N ASP B 194 18.81 -8.52 -40.28
CA ASP B 194 17.50 -8.81 -40.83
C ASP B 194 16.69 -9.71 -39.90
N GLY B 195 15.38 -9.70 -40.05
CA GLY B 195 14.58 -10.69 -39.33
C GLY B 195 14.81 -12.10 -39.85
N PHE B 196 14.68 -12.25 -41.17
CA PHE B 196 14.68 -13.54 -41.87
C PHE B 196 15.51 -13.40 -43.15
N GLY B 197 16.50 -14.26 -43.29
CA GLY B 197 17.41 -14.26 -44.43
C GLY B 197 17.44 -15.59 -45.12
N GLY B 198 17.17 -15.58 -46.43
CA GLY B 198 17.29 -16.76 -47.25
C GLY B 198 18.39 -16.59 -48.26
N HIS B 199 19.49 -17.34 -48.06
CA HIS B 199 20.74 -17.09 -48.82
C HIS B 199 21.39 -18.43 -49.17
N ILE B 200 20.60 -19.32 -49.76
CA ILE B 200 21.05 -20.66 -50.15
C ILE B 200 22.27 -20.50 -51.06
N ASN B 201 23.42 -21.02 -50.64
CA ASN B 201 24.64 -20.78 -51.37
C ASN B 201 24.92 -21.82 -52.44
N SER B 202 26.01 -21.60 -53.18
CA SER B 202 26.32 -22.47 -54.30
C SER B 202 26.58 -23.91 -53.89
N SER B 203 27.11 -24.11 -52.68
CA SER B 203 27.39 -25.45 -52.19
C SER B 203 26.12 -26.24 -52.03
N SER B 204 24.99 -25.56 -51.80
CA SER B 204 23.74 -26.22 -51.42
C SER B 204 22.71 -26.30 -52.53
N VAL B 205 23.10 -26.09 -53.79
CA VAL B 205 22.12 -26.15 -54.89
C VAL B 205 21.68 -27.58 -55.16
N GLY B 206 20.50 -27.65 -55.75
CA GLY B 206 19.94 -28.90 -56.26
C GLY B 206 18.65 -29.27 -55.58
N GLU B 207 17.85 -29.99 -56.34
CA GLU B 207 16.59 -30.54 -55.84
C GLU B 207 16.86 -31.40 -54.60
N GLY B 208 16.14 -31.08 -53.52
CA GLY B 208 16.33 -31.79 -52.25
C GLY B 208 17.58 -31.41 -51.47
N LYS B 209 18.36 -30.45 -51.98
CA LYS B 209 19.59 -29.96 -51.30
C LYS B 209 19.46 -28.48 -50.90
N GLY B 210 18.82 -27.67 -51.75
CA GLY B 210 18.59 -26.28 -51.44
C GLY B 210 17.20 -25.77 -51.69
N THR B 211 16.30 -26.66 -52.13
CA THR B 211 14.94 -26.33 -52.53
C THR B 211 13.97 -26.46 -51.38
N GLY B 212 12.82 -25.84 -51.54
CA GLY B 212 11.68 -26.08 -50.68
C GLY B 212 11.65 -25.35 -49.34
N ASN B 213 12.56 -24.39 -49.14
CA ASN B 213 12.53 -23.59 -47.91
C ASN B 213 11.46 -22.50 -48.02
N VAL B 214 10.69 -22.33 -46.94
CA VAL B 214 9.57 -21.39 -46.94
C VAL B 214 9.48 -20.68 -45.62
N PHE B 215 9.30 -19.36 -45.69
CA PHE B 215 8.89 -18.55 -44.56
C PHE B 215 7.37 -18.37 -44.66
N GLU B 216 6.62 -18.72 -43.64
CA GLU B 216 5.15 -18.69 -43.73
C GLU B 216 4.57 -18.17 -42.42
N GLY B 217 3.62 -17.23 -42.48
CA GLY B 217 2.97 -16.76 -41.27
C GLY B 217 3.88 -15.99 -40.34
N CYS B 218 5.02 -15.50 -40.83
CA CYS B 218 5.99 -14.84 -39.96
C CYS B 218 5.77 -13.34 -39.92
N ARG B 219 6.24 -12.73 -38.84
CA ARG B 219 6.28 -11.26 -38.73
C ARG B 219 7.69 -10.81 -38.49
N ALA B 220 8.09 -9.71 -39.15
CA ALA B 220 9.40 -9.08 -38.93
C ALA B 220 9.16 -7.60 -38.76
N TRP B 221 9.53 -7.08 -37.60
CA TRP B 221 9.43 -5.61 -37.39
C TRP B 221 10.50 -5.06 -36.52
N TYR B 222 10.86 -3.81 -36.79
CA TYR B 222 11.98 -3.18 -36.07
C TYR B 222 13.23 -4.09 -36.05
N ASN B 223 13.51 -4.65 -37.22
CA ASN B 223 14.88 -5.11 -37.52
C ASN B 223 15.60 -3.95 -38.15
N SER B 224 16.84 -3.72 -37.75
CA SER B 224 17.53 -2.50 -38.18
C SER B 224 17.80 -2.46 -39.67
N ASP B 225 17.93 -3.61 -40.34
CA ASP B 225 18.16 -3.63 -41.79
C ASP B 225 16.82 -3.92 -42.49
N ASP B 226 16.56 -5.18 -42.88
CA ASP B 226 15.36 -5.54 -43.62
C ASP B 226 14.53 -6.54 -42.80
N GLY B 227 13.23 -6.64 -43.09
CA GLY B 227 12.42 -7.69 -42.49
C GLY B 227 12.79 -9.07 -43.00
N PHE B 228 12.73 -9.21 -44.32
CA PHE B 228 13.04 -10.45 -45.05
C PHE B 228 14.01 -10.11 -46.18
N ASP B 229 15.01 -10.97 -46.39
CA ASP B 229 16.08 -10.69 -47.39
C ASP B 229 16.51 -11.99 -48.03
N LEU B 230 16.38 -12.05 -49.36
CA LEU B 230 16.73 -13.20 -50.19
C LEU B 230 17.91 -12.93 -51.10
N ILE B 231 18.84 -12.05 -50.74
CA ILE B 231 20.01 -11.80 -51.61
C ILE B 231 20.87 -13.06 -51.68
N ASN B 232 21.54 -13.23 -52.81
CA ASN B 232 22.54 -14.30 -52.93
C ASN B 232 21.95 -15.66 -52.63
N CYS B 233 20.76 -15.92 -53.19
CA CYS B 233 20.01 -17.11 -52.87
C CYS B 233 19.90 -17.94 -54.14
N PHE B 234 20.49 -19.14 -54.13
CA PHE B 234 20.75 -19.88 -55.36
C PHE B 234 19.67 -20.91 -55.73
N GLU B 235 18.68 -21.05 -54.86
CA GLU B 235 17.45 -21.77 -55.17
C GLU B 235 16.31 -20.86 -54.77
N ALA B 236 15.11 -21.12 -55.28
CA ALA B 236 13.95 -20.30 -54.97
C ALA B 236 13.55 -20.46 -53.51
N VAL B 237 13.27 -19.34 -52.87
CA VAL B 237 12.68 -19.31 -51.56
C VAL B 237 11.36 -18.56 -51.67
N LYS B 238 10.40 -19.02 -50.84
CA LYS B 238 9.06 -18.45 -50.82
C LYS B 238 8.75 -17.83 -49.49
N ILE B 239 8.08 -16.68 -49.57
CA ILE B 239 7.60 -15.91 -48.41
C ILE B 239 6.11 -15.82 -48.59
N ILE B 240 5.37 -16.47 -47.69
CA ILE B 240 3.95 -16.65 -47.85
CA ILE B 240 3.96 -16.67 -47.85
C ILE B 240 3.23 -16.19 -46.59
N ASN B 241 2.24 -15.31 -46.74
CA ASN B 241 1.46 -14.87 -45.58
C ASN B 241 2.32 -14.35 -44.46
N CYS B 242 3.26 -13.47 -44.81
CA CYS B 242 4.15 -12.84 -43.84
C CYS B 242 3.88 -11.34 -43.78
N TRP B 243 4.19 -10.74 -42.62
CA TRP B 243 4.04 -9.30 -42.38
C TRP B 243 5.42 -8.72 -42.08
N SER B 244 5.75 -7.60 -42.74
CA SER B 244 7.07 -6.98 -42.57
C SER B 244 6.88 -5.48 -42.46
N PHE B 245 7.23 -4.92 -41.30
CA PHE B 245 6.87 -3.54 -41.02
C PHE B 245 7.87 -2.88 -40.12
N LEU B 246 8.07 -1.57 -40.32
CA LEU B 246 8.91 -0.79 -39.40
C LEU B 246 10.36 -1.27 -39.35
N ASN B 247 10.83 -1.88 -40.46
CA ASN B 247 12.23 -2.26 -40.53
C ASN B 247 13.04 -1.09 -41.10
N GLY B 248 14.31 -1.05 -40.76
CA GLY B 248 15.22 0.03 -41.20
C GLY B 248 15.38 1.17 -40.21
N TYR B 249 14.79 1.03 -39.02
CA TYR B 249 14.80 2.00 -37.93
C TYR B 249 15.44 1.40 -36.69
N LYS B 250 16.01 2.23 -35.83
CA LYS B 250 16.39 1.77 -34.50
C LYS B 250 15.09 1.37 -33.78
N PRO B 251 15.08 0.23 -33.08
CA PRO B 251 13.79 -0.28 -32.55
C PRO B 251 13.03 0.73 -31.69
N GLY B 252 11.73 0.84 -32.00
CA GLY B 252 10.84 1.75 -31.27
C GLY B 252 10.83 3.17 -31.75
N THR B 253 11.69 3.51 -32.70
CA THR B 253 11.94 4.88 -33.08
C THR B 253 11.65 5.07 -34.57
N LYS B 254 11.87 6.31 -35.05
CA LYS B 254 11.96 6.60 -36.47
C LYS B 254 13.39 7.08 -36.81
N GLU B 255 14.37 6.68 -36.01
CA GLU B 255 15.77 7.02 -36.28
C GLU B 255 16.32 6.08 -37.32
N VAL B 256 17.02 6.62 -38.30
CA VAL B 256 17.55 5.86 -39.40
C VAL B 256 18.55 4.82 -38.92
N ALA B 257 18.40 3.60 -39.43
CA ALA B 257 19.36 2.56 -39.20
C ALA B 257 19.82 2.03 -40.55
N GLY B 258 19.42 0.81 -40.91
CA GLY B 258 19.81 0.15 -42.13
C GLY B 258 18.80 0.32 -43.25
N ASP B 259 18.81 -0.66 -44.15
CA ASP B 259 18.23 -0.50 -45.49
C ASP B 259 16.72 -0.34 -45.54
N GLY B 260 16.00 -0.91 -44.57
CA GLY B 260 14.57 -0.61 -44.48
C GLY B 260 13.71 -1.12 -45.61
N THR B 261 13.92 -2.40 -45.99
CA THR B 261 13.02 -3.07 -46.90
C THR B 261 12.09 -4.00 -46.14
N GLY B 262 10.82 -4.05 -46.55
CA GLY B 262 9.93 -5.08 -46.07
C GLY B 262 10.37 -6.46 -46.52
N PHE B 263 10.41 -6.62 -47.85
CA PHE B 263 10.75 -7.89 -48.49
C PHE B 263 11.74 -7.63 -49.60
N LYS B 264 13.01 -7.91 -49.31
CA LYS B 264 14.10 -7.77 -50.27
C LYS B 264 14.20 -9.15 -50.92
N ALA B 265 13.64 -9.30 -52.13
CA ALA B 265 13.25 -10.61 -52.65
C ALA B 265 14.10 -11.16 -53.78
N GLY B 266 15.38 -10.79 -53.79
CA GLY B 266 16.31 -11.33 -54.79
C GLY B 266 17.62 -10.60 -54.77
N GLY B 267 18.34 -10.71 -55.88
CA GLY B 267 19.63 -10.03 -56.06
C GLY B 267 20.83 -10.88 -55.82
N TYR B 268 21.93 -10.43 -56.44
CA TYR B 268 23.29 -10.99 -56.27
C TYR B 268 24.33 -9.89 -56.08
N GLY B 269 23.88 -8.74 -55.61
CA GLY B 269 24.74 -7.61 -55.37
C GLY B 269 24.96 -6.73 -56.56
N MET B 270 25.65 -5.62 -56.31
CA MET B 270 25.98 -4.63 -57.32
C MET B 270 27.44 -4.22 -57.17
N ALA B 271 28.32 -5.19 -56.92
CA ALA B 271 29.74 -4.85 -56.69
C ALA B 271 30.36 -4.24 -57.94
N ALA B 272 31.20 -3.23 -57.74
CA ALA B 272 31.90 -2.60 -58.87
C ALA B 272 33.20 -3.29 -59.25
N ASP B 273 33.75 -4.08 -58.33
CA ASP B 273 35.09 -4.62 -58.53
C ASP B 273 35.16 -5.97 -59.21
N LYS B 274 34.09 -6.79 -59.09
CA LYS B 274 34.12 -8.15 -59.57
C LYS B 274 32.71 -8.64 -59.75
N LEU B 275 32.55 -9.64 -60.62
CA LEU B 275 31.28 -10.34 -60.82
C LEU B 275 30.97 -11.20 -59.60
N PRO B 276 29.71 -11.20 -59.15
CA PRO B 276 29.32 -12.15 -58.12
C PRO B 276 29.20 -13.54 -58.69
N ALA B 277 29.35 -14.55 -57.84
CA ALA B 277 28.88 -15.89 -58.17
C ALA B 277 27.37 -15.83 -58.37
N ILE B 278 26.87 -16.54 -59.38
CA ILE B 278 25.42 -16.60 -59.62
C ILE B 278 25.01 -18.03 -59.89
N PRO B 279 23.76 -18.37 -59.55
CA PRO B 279 23.25 -19.69 -59.88
C PRO B 279 23.08 -19.87 -61.38
N SER B 280 23.13 -21.14 -61.80
CA SER B 280 22.98 -21.42 -63.22
C SER B 280 21.54 -21.29 -63.70
N VAL B 281 20.60 -21.41 -62.77
CA VAL B 281 19.20 -21.10 -62.99
C VAL B 281 18.88 -19.93 -62.07
N ILE B 282 18.48 -18.78 -62.65
CA ILE B 282 18.12 -17.63 -61.78
C ILE B 282 16.76 -17.94 -61.15
N PRO B 283 16.69 -18.06 -59.81
CA PRO B 283 15.45 -18.58 -59.21
C PRO B 283 14.32 -17.57 -59.24
N GLN B 284 13.12 -18.08 -59.38
CA GLN B 284 11.93 -17.30 -59.25
C GLN B 284 11.46 -17.33 -57.81
N HIS B 285 12.08 -16.48 -56.97
CA HIS B 285 11.59 -16.31 -55.61
C HIS B 285 10.15 -15.83 -55.65
N GLU B 286 9.45 -16.05 -54.54
CA GLU B 286 8.04 -15.67 -54.47
C GLU B 286 7.74 -14.94 -53.16
N VAL B 287 6.95 -13.88 -53.26
CA VAL B 287 6.33 -13.23 -52.11
C VAL B 287 4.85 -13.19 -52.41
N ARG B 288 4.05 -13.87 -51.60
CA ARG B 288 2.61 -13.95 -51.83
CA ARG B 288 2.62 -13.99 -51.84
C ARG B 288 1.83 -13.76 -50.57
N ASN B 289 0.66 -13.13 -50.70
CA ASN B 289 -0.27 -13.03 -49.59
C ASN B 289 0.35 -12.33 -48.38
N SER B 290 1.27 -11.39 -48.63
CA SER B 290 2.04 -10.75 -47.58
C SER B 290 1.75 -9.25 -47.50
N LEU B 291 2.22 -8.64 -46.40
CA LEU B 291 1.87 -7.27 -46.06
C LEU B 291 3.16 -6.53 -45.69
N ALA B 292 3.37 -5.36 -46.32
CA ALA B 292 4.45 -4.45 -45.94
C ALA B 292 3.83 -3.16 -45.43
N TYR B 293 4.31 -2.67 -44.29
CA TYR B 293 3.82 -1.41 -43.72
C TYR B 293 4.97 -0.60 -43.14
N TYR B 294 5.14 0.62 -43.63
CA TYR B 294 6.03 1.58 -42.96
C TYR B 294 7.42 1.03 -42.69
N ASN B 295 7.95 0.26 -43.66
CA ASN B 295 9.41 0.07 -43.67
C ASN B 295 10.04 1.39 -44.08
N ARG B 296 11.29 1.61 -43.69
CA ARG B 296 11.84 2.95 -43.86
C ARG B 296 11.87 3.37 -45.33
N LEU B 297 12.34 2.50 -46.22
CA LEU B 297 12.54 2.85 -47.62
C LEU B 297 11.74 2.11 -48.66
N ARG B 298 11.50 0.81 -48.50
CA ARG B 298 10.85 0.03 -49.58
C ARG B 298 9.95 -1.04 -49.01
N GLY B 299 8.93 -1.41 -49.78
CA GLY B 299 8.02 -2.48 -49.38
C GLY B 299 8.45 -3.83 -49.95
N PHE B 300 8.07 -4.07 -51.19
CA PHE B 300 8.37 -5.29 -51.93
C PHE B 300 9.39 -4.90 -53.00
N TYR B 301 10.59 -5.49 -52.94
CA TYR B 301 11.75 -5.02 -53.70
C TYR B 301 12.45 -6.16 -54.40
N ALA B 302 12.61 -6.06 -55.72
CA ALA B 302 13.33 -7.09 -56.49
C ALA B 302 14.85 -7.06 -56.22
N ASN B 303 15.35 -5.96 -55.68
CA ASN B 303 16.71 -5.90 -55.16
C ASN B 303 17.78 -6.27 -56.22
N HIS B 304 17.63 -5.78 -57.44
CA HIS B 304 18.64 -6.01 -58.47
C HIS B 304 18.72 -7.50 -58.87
N HIS B 305 17.58 -8.17 -58.89
CA HIS B 305 17.56 -9.57 -59.32
C HIS B 305 17.98 -9.68 -60.79
N LEU B 306 18.40 -10.90 -61.17
CA LEU B 306 18.81 -11.22 -62.52
C LEU B 306 17.77 -11.96 -63.33
N GLY B 307 16.53 -11.83 -62.92
CA GLY B 307 15.43 -12.50 -63.57
C GLY B 307 14.15 -12.19 -62.83
N GLY B 308 13.12 -12.93 -63.17
CA GLY B 308 11.78 -12.68 -62.63
C GLY B 308 11.57 -13.22 -61.24
N ILE B 309 10.78 -12.49 -60.48
CA ILE B 309 10.25 -12.84 -59.16
CA ILE B 309 10.24 -12.99 -59.23
C ILE B 309 8.71 -12.83 -59.28
N ILE B 310 8.04 -13.56 -58.41
CA ILE B 310 6.58 -13.49 -58.30
C ILE B 310 6.19 -12.68 -57.08
N PHE B 311 5.47 -11.57 -57.34
CA PHE B 311 4.79 -10.78 -56.28
CA PHE B 311 4.81 -10.78 -56.31
C PHE B 311 3.31 -10.87 -56.55
N GLU B 312 2.61 -11.69 -55.76
CA GLU B 312 1.18 -11.99 -55.98
C GLU B 312 0.38 -11.77 -54.72
N SER B 313 -0.72 -11.05 -54.86
CA SER B 313 -1.70 -10.91 -53.77
C SER B 313 -1.11 -10.34 -52.50
N ASN B 314 -0.28 -9.28 -52.64
CA ASN B 314 0.28 -8.59 -51.50
C ASN B 314 -0.41 -7.27 -51.27
N THR B 315 -0.21 -6.74 -50.07
CA THR B 315 -0.66 -5.38 -49.71
C THR B 315 0.52 -4.58 -49.17
N ALA B 316 0.66 -3.34 -49.64
CA ALA B 316 1.69 -2.42 -49.12
C ALA B 316 1.01 -1.13 -48.70
N VAL B 317 1.36 -0.67 -47.51
CA VAL B 317 0.83 0.58 -46.96
C VAL B 317 2.04 1.43 -46.51
N ASN B 318 2.20 2.59 -47.13
CA ASN B 318 3.14 3.60 -46.61
C ASN B 318 4.52 3.05 -46.34
N SER B 319 5.04 2.28 -47.29
CA SER B 319 6.32 1.59 -47.08
C SER B 319 7.46 2.13 -47.95
N GLY B 320 7.40 3.46 -48.23
CA GLY B 320 8.38 4.08 -49.11
C GLY B 320 8.06 3.78 -50.53
N GLU B 321 8.96 3.14 -51.27
CA GLU B 321 8.62 2.59 -52.57
C GLU B 321 7.87 1.28 -52.32
N ASN B 322 6.54 1.32 -52.40
CA ASN B 322 5.77 0.16 -51.98
C ASN B 322 6.15 -1.07 -52.79
N TYR B 323 6.31 -0.91 -54.08
CA TYR B 323 6.78 -1.95 -55.00
C TYR B 323 7.93 -1.34 -55.83
N ASN B 324 9.08 -2.00 -55.83
CA ASN B 324 10.24 -1.56 -56.60
C ASN B 324 10.79 -2.79 -57.28
N MET B 325 10.67 -2.83 -58.61
CA MET B 325 10.97 -4.06 -59.38
CA MET B 325 10.97 -4.05 -59.39
C MET B 325 12.36 -4.04 -60.02
N THR B 326 13.26 -3.21 -59.52
CA THR B 326 14.60 -3.05 -60.09
C THR B 326 15.30 -4.40 -60.23
N ASN B 327 15.80 -4.65 -61.45
CA ASN B 327 16.69 -5.79 -61.73
C ASN B 327 18.09 -5.26 -62.12
N ARG B 328 19.07 -6.10 -61.87
CA ARG B 328 20.39 -5.85 -62.43
C ARG B 328 20.36 -6.16 -63.92
N GLU B 329 21.07 -5.37 -64.72
CA GLU B 329 21.20 -5.61 -66.15
C GLU B 329 21.74 -7.03 -66.39
N SER B 330 21.11 -7.72 -67.32
CA SER B 330 21.57 -9.02 -67.77
C SER B 330 22.02 -8.91 -69.23
N PRO B 331 23.10 -9.58 -69.65
CA PRO B 331 23.90 -10.50 -68.85
C PRO B 331 24.74 -9.78 -67.80
N LEU B 332 25.16 -10.54 -66.79
CA LEU B 332 25.97 -10.02 -65.71
C LEU B 332 27.18 -9.32 -66.32
N ALA B 333 27.42 -8.05 -65.93
CA ALA B 333 28.44 -7.19 -66.51
C ALA B 333 28.93 -6.13 -65.53
N LEU B 334 30.12 -5.60 -65.86
CA LEU B 334 30.72 -4.49 -65.09
C LEU B 334 30.94 -3.33 -66.02
N PRO B 335 30.69 -2.09 -65.59
CA PRO B 335 30.16 -1.75 -64.29
C PRO B 335 28.72 -2.24 -64.10
N PRO B 336 28.31 -2.44 -62.85
CA PRO B 336 26.98 -2.96 -62.56
C PRO B 336 25.94 -1.86 -62.72
N THR B 337 24.91 -2.10 -63.51
CA THR B 337 23.85 -1.15 -63.67
C THR B 337 22.50 -1.83 -63.55
N ASP B 338 21.48 -1.02 -63.35
CA ASP B 338 20.11 -1.47 -63.14
C ASP B 338 19.27 -1.19 -64.35
N VAL B 339 18.19 -1.98 -64.45
CA VAL B 339 17.18 -1.78 -65.47
C VAL B 339 15.78 -1.94 -64.79
N ASN B 340 14.78 -1.42 -65.47
CA ASN B 340 13.42 -1.70 -65.06
C ASN B 340 13.17 -3.24 -65.08
N GLY B 341 12.47 -3.74 -64.08
CA GLY B 341 12.37 -5.17 -63.91
C GLY B 341 11.76 -5.93 -65.06
N TYR B 342 12.38 -7.07 -65.37
CA TYR B 342 12.00 -7.96 -66.45
C TYR B 342 11.67 -9.34 -65.91
N ASP B 343 10.74 -10.01 -66.60
CA ASP B 343 10.29 -11.40 -66.32
C ASP B 343 9.48 -11.56 -65.05
N HIS B 344 9.16 -10.46 -64.36
CA HIS B 344 8.41 -10.55 -63.12
C HIS B 344 6.96 -10.90 -63.40
N MET B 345 6.34 -11.46 -62.38
CA MET B 345 4.89 -11.63 -62.35
CA MET B 345 4.88 -11.66 -62.33
C MET B 345 4.42 -10.79 -61.18
N VAL B 346 3.71 -9.69 -61.49
CA VAL B 346 3.27 -8.71 -60.49
C VAL B 346 1.76 -8.63 -60.64
N LYS B 347 1.03 -9.37 -59.79
CA LYS B 347 -0.40 -9.60 -59.99
CA LYS B 347 -0.40 -9.44 -59.99
C LYS B 347 -1.18 -9.46 -58.70
N ASN B 348 -2.35 -8.83 -58.78
CA ASN B 348 -3.31 -8.85 -57.69
C ASN B 348 -2.82 -8.14 -56.43
N ASN B 349 -1.90 -7.16 -56.58
CA ASN B 349 -1.40 -6.46 -55.42
C ASN B 349 -2.18 -5.19 -55.14
N LEU B 350 -2.09 -4.72 -53.89
CA LEU B 350 -2.77 -3.53 -53.40
C LEU B 350 -1.73 -2.59 -52.80
N SER B 351 -1.95 -1.29 -52.98
CA SER B 351 -1.00 -0.25 -52.53
C SER B 351 -1.75 0.98 -52.03
N LEU B 352 -1.45 1.41 -50.80
CA LEU B 352 -1.94 2.68 -50.24
C LEU B 352 -0.72 3.58 -49.98
N VAL B 353 -0.83 4.84 -50.43
CA VAL B 353 0.16 5.89 -50.14
C VAL B 353 -0.51 7.10 -49.54
N THR B 354 -0.24 7.34 -48.26
CA THR B 354 -0.59 8.57 -47.58
C THR B 354 0.61 9.19 -46.86
N ARG B 355 1.79 8.57 -46.96
CA ARG B 355 3.00 8.99 -46.24
C ARG B 355 3.89 9.82 -47.14
N SER B 356 4.47 10.87 -46.56
CA SER B 356 5.47 11.69 -47.24
C SER B 356 6.57 10.84 -47.86
N GLY B 357 6.80 11.03 -49.15
CA GLY B 357 7.86 10.35 -49.87
C GLY B 357 7.52 8.99 -50.43
N SER B 358 6.37 8.42 -50.07
CA SER B 358 6.04 7.07 -50.52
C SER B 358 5.47 7.10 -51.93
N LYS B 359 5.59 5.97 -52.61
CA LYS B 359 5.25 5.79 -54.01
C LYS B 359 4.64 4.41 -54.18
N HIS B 360 3.78 4.24 -55.18
CA HIS B 360 3.18 2.94 -55.46
C HIS B 360 4.17 1.95 -56.07
N ILE B 361 4.69 2.26 -57.23
CA ILE B 361 5.49 1.32 -58.00
C ILE B 361 6.55 2.05 -58.80
N VAL B 362 7.77 1.55 -58.72
CA VAL B 362 8.89 2.08 -59.50
C VAL B 362 9.66 0.94 -60.15
N MET B 363 10.37 1.29 -61.23
CA MET B 363 11.38 0.44 -61.84
C MET B 363 10.81 -0.91 -62.29
N VAL B 364 9.66 -0.89 -62.94
CA VAL B 364 9.11 -2.10 -63.60
C VAL B 364 9.01 -1.86 -65.10
N ASN B 365 9.27 -2.90 -65.89
CA ASN B 365 9.09 -2.83 -67.34
C ASN B 365 7.84 -3.62 -67.70
N ARG B 366 6.73 -2.91 -67.89
CA ARG B 366 5.47 -3.60 -68.17
C ARG B 366 5.46 -4.29 -69.55
N ALA B 367 6.41 -3.94 -70.44
CA ALA B 367 6.56 -4.64 -71.70
C ALA B 367 7.34 -5.94 -71.59
N LYS B 368 8.05 -6.14 -70.46
CA LYS B 368 8.90 -7.33 -70.28
C LYS B 368 8.54 -8.13 -69.04
N SER B 369 7.60 -7.62 -68.24
CA SER B 369 7.04 -8.31 -67.07
C SER B 369 5.54 -8.35 -67.21
N GLU B 370 4.89 -9.33 -66.55
CA GLU B 370 3.44 -9.47 -66.55
CA GLU B 370 3.44 -9.47 -66.54
C GLU B 370 2.91 -8.73 -65.31
N VAL B 371 2.36 -7.55 -65.53
CA VAL B 371 1.88 -6.66 -64.48
C VAL B 371 0.39 -6.49 -64.70
N SER B 372 -0.43 -7.10 -63.83
CA SER B 372 -1.87 -7.12 -64.08
C SER B 372 -2.68 -7.14 -62.80
N ASN B 373 -3.85 -6.52 -62.88
CA ASN B 373 -4.81 -6.48 -61.75
C ASN B 373 -4.19 -5.99 -60.45
N ASN B 374 -3.37 -4.95 -60.53
CA ASN B 374 -2.85 -4.27 -59.34
C ASN B 374 -3.56 -2.95 -59.15
N SER B 375 -3.74 -2.56 -57.90
CA SER B 375 -4.52 -1.34 -57.62
C SER B 375 -3.88 -0.10 -58.23
N PHE B 376 -2.55 -0.10 -58.29
CA PHE B 376 -1.81 1.07 -58.74
C PHE B 376 -1.87 1.32 -60.25
N ASP B 377 -2.37 0.36 -61.02
CA ASP B 377 -2.61 0.59 -62.44
C ASP B 377 -4.09 0.79 -62.76
N GLY B 378 -4.95 0.80 -61.74
CA GLY B 378 -6.38 1.06 -61.91
C GLY B 378 -6.72 2.53 -61.95
N SER B 379 -7.98 2.83 -62.23
CA SER B 379 -8.44 4.21 -62.38
C SER B 379 -8.68 4.94 -61.07
N GLU B 380 -9.01 4.20 -60.03
CA GLU B 380 -9.35 4.80 -58.75
C GLU B 380 -8.16 4.72 -57.82
N GLU B 381 -7.79 5.85 -57.22
CA GLU B 381 -6.72 5.87 -56.24
C GLU B 381 -7.24 5.27 -54.92
N VAL B 382 -6.44 4.42 -54.31
CA VAL B 382 -6.75 3.82 -53.02
C VAL B 382 -6.63 4.89 -51.92
N ILE B 383 -7.62 4.97 -51.03
CA ILE B 383 -7.66 5.97 -49.96
C ILE B 383 -7.92 5.30 -48.61
N GLU B 384 -7.76 6.05 -47.53
CA GLU B 384 -7.85 5.54 -46.17
C GLU B 384 -9.20 4.86 -45.89
N THR B 385 -10.30 5.50 -46.34
CA THR B 385 -11.64 4.98 -46.09
C THR B 385 -11.95 3.70 -46.85
N ASP B 386 -11.07 3.26 -47.77
CA ASP B 386 -11.19 1.92 -48.36
C ASP B 386 -10.91 0.78 -47.38
N PHE B 387 -10.35 1.11 -46.22
CA PHE B 387 -9.89 0.08 -45.31
C PHE B 387 -10.72 0.05 -44.03
N ILE B 388 -10.90 -1.13 -43.47
CA ILE B 388 -11.63 -1.28 -42.20
C ILE B 388 -10.82 -0.63 -41.08
N SER B 389 -9.50 -0.86 -41.09
CA SER B 389 -8.59 -0.30 -40.13
C SER B 389 -7.24 -0.04 -40.75
N LEU B 390 -6.56 0.99 -40.27
CA LEU B 390 -5.14 1.21 -40.54
C LEU B 390 -4.42 1.47 -39.22
N GLU B 391 -4.92 0.86 -38.13
CA GLU B 391 -4.29 0.98 -36.81
C GLU B 391 -3.13 0.01 -36.72
N GLU B 392 -1.92 0.55 -36.84
CA GLU B 392 -0.68 -0.26 -36.84
C GLU B 392 -0.47 -1.20 -35.66
N ALA B 393 -0.96 -0.83 -34.47
CA ALA B 393 -0.79 -1.69 -33.29
C ALA B 393 -1.41 -3.07 -33.49
N GLU B 394 -2.41 -3.17 -34.38
CA GLU B 394 -3.03 -4.47 -34.64
C GLU B 394 -2.02 -5.50 -35.11
N LEU B 395 -1.01 -5.03 -35.87
CA LEU B 395 0.01 -5.93 -36.42
C LEU B 395 0.91 -6.53 -35.35
N MET B 396 0.93 -5.91 -34.16
CA MET B 396 1.74 -6.36 -33.04
C MET B 396 0.92 -7.10 -32.01
N ARG B 397 -0.34 -7.42 -32.34
CA ARG B 397 -1.21 -8.18 -31.39
C ARG B 397 -0.63 -9.58 -31.14
N ASP B 398 -0.93 -10.12 -29.96
CA ASP B 398 -0.57 -11.49 -29.61
C ASP B 398 -1.06 -12.46 -30.66
N ARG B 399 -0.21 -13.43 -31.00
CA ARG B 399 -0.65 -14.54 -31.83
C ARG B 399 -1.69 -15.34 -31.12
N LYS B 400 -2.46 -16.10 -31.89
CA LYS B 400 -3.43 -17.02 -31.33
C LYS B 400 -2.68 -18.08 -30.48
N PRO B 401 -3.30 -18.70 -29.50
CA PRO B 401 -2.61 -19.71 -28.67
C PRO B 401 -1.86 -20.80 -29.45
N ASN B 402 -2.42 -21.22 -30.58
CA ASN B 402 -1.72 -22.14 -31.52
C ASN B 402 -0.61 -21.55 -32.38
N GLY B 403 -0.32 -20.27 -32.18
CA GLY B 403 0.72 -19.59 -32.89
C GLY B 403 0.33 -18.91 -34.19
N ASP B 404 -0.88 -19.09 -34.69
CA ASP B 404 -1.27 -18.41 -35.94
C ASP B 404 -1.32 -16.89 -35.78
N LEU B 405 -1.19 -16.18 -36.89
CA LEU B 405 -1.26 -14.72 -36.86
C LEU B 405 -2.54 -14.25 -36.20
N PRO B 406 -2.48 -13.12 -35.48
CA PRO B 406 -3.75 -12.57 -34.96
C PRO B 406 -4.70 -12.16 -36.07
N ASP B 407 -6.00 -12.23 -35.77
CA ASP B 407 -7.01 -11.60 -36.61
C ASP B 407 -6.82 -10.08 -36.56
N VAL B 408 -6.75 -9.45 -37.73
CA VAL B 408 -6.58 -8.01 -37.81
C VAL B 408 -7.52 -7.46 -38.87
N ASN B 409 -7.94 -6.21 -38.68
CA ASN B 409 -8.57 -5.46 -39.76
C ASN B 409 -7.60 -4.55 -40.49
N PHE B 410 -6.38 -4.36 -39.94
CA PHE B 410 -5.35 -3.57 -40.63
C PHE B 410 -5.16 -4.00 -42.08
N GLY B 411 -5.36 -3.06 -43.00
CA GLY B 411 -5.06 -3.30 -44.40
C GLY B 411 -6.09 -4.16 -45.10
N LYS B 412 -7.22 -4.43 -44.42
CA LYS B 412 -8.33 -5.20 -44.97
C LYS B 412 -9.30 -4.21 -45.58
N LEU B 413 -9.67 -4.45 -46.85
CA LEU B 413 -10.62 -3.62 -47.55
C LEU B 413 -12.03 -3.80 -46.96
N THR B 414 -12.79 -2.70 -46.96
CA THR B 414 -14.22 -2.78 -46.63
C THR B 414 -14.93 -3.59 -47.68
N THR B 415 -16.15 -4.01 -47.36
CA THR B 415 -16.94 -4.78 -48.32
C THR B 415 -17.15 -3.99 -49.64
N ASP B 416 -17.44 -2.69 -49.53
CA ASP B 416 -17.68 -1.87 -50.72
CA ASP B 416 -17.64 -1.82 -50.71
C ASP B 416 -16.36 -1.65 -51.52
N ALA B 417 -15.23 -1.46 -50.84
CA ALA B 417 -13.96 -1.29 -51.54
C ALA B 417 -13.51 -2.56 -52.23
N GLU B 418 -13.79 -3.72 -51.61
CA GLU B 418 -13.50 -5.06 -52.18
C GLU B 418 -14.10 -5.16 -53.59
N LEU B 419 -15.29 -4.61 -53.78
CA LEU B 419 -15.94 -4.63 -55.10
C LEU B 419 -15.21 -3.76 -56.12
N ARG B 420 -14.53 -2.71 -55.64
CA ARG B 420 -13.85 -1.79 -56.53
C ARG B 420 -12.39 -2.20 -56.79
N PHE B 421 -11.84 -3.06 -55.93
CA PHE B 421 -10.47 -3.55 -56.05
C PHE B 421 -10.49 -5.08 -56.03
N TRP B 422 -11.32 -5.66 -56.91
CA TRP B 422 -11.67 -7.06 -56.81
C TRP B 422 -10.44 -7.94 -57.00
N GLY B 423 -10.24 -8.84 -56.04
CA GLY B 423 -9.16 -9.80 -56.13
C GLY B 423 -7.79 -9.25 -55.74
N MET B 424 -7.74 -8.04 -55.18
CA MET B 424 -6.43 -7.39 -54.92
C MET B 424 -6.12 -7.42 -53.43
N GLY B 425 -4.85 -7.63 -53.12
CA GLY B 425 -4.33 -7.55 -51.76
C GLY B 425 -4.25 -8.87 -51.04
N CYS B 426 -3.61 -8.87 -49.90
CA CYS B 426 -3.33 -10.10 -49.18
C CYS B 426 -4.50 -10.63 -48.39
N PHE B 427 -5.45 -9.78 -48.05
CA PHE B 427 -6.63 -10.20 -47.30
C PHE B 427 -7.84 -10.13 -48.24
N LYS C 3 -17.66 -11.72 59.98
CA LYS C 3 -16.78 -11.24 61.11
C LYS C 3 -16.75 -9.72 61.11
N THR C 4 -17.19 -9.14 62.20
CA THR C 4 -17.25 -7.67 62.30
C THR C 4 -16.33 -7.20 63.44
N TYR C 5 -15.30 -6.46 63.03
CA TYR C 5 -14.41 -5.76 63.96
C TYR C 5 -14.93 -4.36 64.24
N TYR C 6 -14.45 -3.78 65.32
CA TYR C 6 -14.81 -2.43 65.74
C TYR C 6 -13.56 -1.62 66.05
N MET C 7 -13.59 -0.34 65.70
CA MET C 7 -12.57 0.59 66.16
C MET C 7 -13.26 1.83 66.74
N ASP C 8 -12.56 2.51 67.64
CA ASP C 8 -13.10 3.65 68.40
C ASP C 8 -11.91 4.56 68.73
N PRO C 9 -12.11 5.89 68.80
CA PRO C 9 -10.96 6.72 69.19
C PRO C 9 -10.41 6.40 70.57
N GLU C 10 -11.25 5.85 71.45
CA GLU C 10 -10.78 5.46 72.80
C GLU C 10 -10.60 3.93 72.93
N GLY C 11 -10.47 3.25 71.78
CA GLY C 11 -10.11 1.83 71.74
C GLY C 11 -8.65 1.60 72.01
N SER C 12 -8.21 0.37 71.80
CA SER C 12 -6.81 -0.01 72.05
C SER C 12 -6.42 -1.07 71.03
N ASP C 13 -5.24 -0.94 70.44
CA ASP C 13 -4.77 -1.95 69.49
C ASP C 13 -4.30 -3.22 70.19
N SER C 14 -4.31 -3.21 71.53
CA SER C 14 -4.14 -4.43 72.34
C SER C 14 -5.44 -5.18 72.59
N ASN C 15 -6.57 -4.57 72.24
CA ASN C 15 -7.87 -5.21 72.41
C ASN C 15 -8.09 -6.20 71.23
N PRO C 16 -9.10 -7.08 71.34
CA PRO C 16 -9.42 -8.01 70.26
C PRO C 16 -10.25 -7.39 69.12
N GLY C 17 -10.74 -6.17 69.28
CA GLY C 17 -11.52 -5.52 68.23
C GLY C 17 -12.98 -5.92 68.20
N THR C 18 -13.52 -6.27 69.37
CA THR C 18 -14.94 -6.55 69.52
C THR C 18 -15.69 -5.23 69.82
N SER C 19 -17.01 -5.30 69.84
CA SER C 19 -17.87 -4.15 70.11
C SER C 19 -17.49 -3.61 71.51
N ASP C 20 -17.34 -4.50 72.49
CA ASP C 20 -17.00 -4.08 73.86
C ASP C 20 -15.55 -3.59 74.01
N LYS C 21 -14.64 -4.14 73.20
CA LYS C 21 -13.21 -3.86 73.30
C LYS C 21 -12.65 -3.54 71.91
N PRO C 22 -12.96 -2.35 71.41
CA PRO C 22 -12.59 -2.02 70.02
C PRO C 22 -11.11 -1.71 69.84
N PHE C 23 -10.61 -1.86 68.63
CA PHE C 23 -9.28 -1.39 68.26
C PHE C 23 -9.22 0.15 68.28
N ALA C 24 -7.99 0.69 68.22
CA ALA C 24 -7.79 2.13 68.11
C ALA C 24 -7.47 2.64 66.71
N THR C 25 -6.77 1.85 65.90
CA THR C 25 -6.29 2.33 64.60
C THR C 25 -6.52 1.34 63.46
N LEU C 26 -6.51 1.90 62.25
CA LEU C 26 -6.55 1.10 61.03
C LEU C 26 -5.26 0.30 60.81
N VAL C 27 -4.14 0.67 61.43
CA VAL C 27 -2.94 -0.12 61.32
C VAL C 27 -3.22 -1.52 61.87
N LYS C 28 -3.84 -1.59 63.05
CA LYS C 28 -4.20 -2.86 63.64
C LYS C 28 -5.24 -3.61 62.82
N VAL C 29 -6.23 -2.90 62.34
CA VAL C 29 -7.25 -3.50 61.45
C VAL C 29 -6.59 -4.19 60.28
N GLN C 30 -5.65 -3.50 59.64
CA GLN C 30 -4.97 -4.05 58.48
C GLN C 30 -4.15 -5.29 58.81
N GLU C 31 -3.64 -5.41 60.04
CA GLU C 31 -2.95 -6.62 60.44
C GLU C 31 -3.85 -7.86 60.42
N VAL C 32 -5.14 -7.70 60.73
CA VAL C 32 -6.02 -8.86 60.97
C VAL C 32 -7.04 -9.19 59.88
N VAL C 33 -7.47 -8.22 59.07
CA VAL C 33 -8.56 -8.46 58.12
C VAL C 33 -8.24 -9.45 57.01
N VAL C 34 -9.29 -10.21 56.64
CA VAL C 34 -9.29 -11.08 55.47
C VAL C 34 -10.60 -10.87 54.69
N ALA C 35 -10.64 -11.45 53.50
CA ALA C 35 -11.78 -11.30 52.60
C ALA C 35 -13.07 -11.65 53.32
N GLY C 36 -14.09 -10.81 53.19
CA GLY C 36 -15.38 -10.99 53.84
C GLY C 36 -15.51 -10.24 55.15
N ASP C 37 -14.40 -9.84 55.78
CA ASP C 37 -14.47 -9.15 57.07
C ASP C 37 -15.05 -7.75 56.89
N VAL C 38 -15.65 -7.26 57.97
CA VAL C 38 -16.23 -5.93 58.03
C VAL C 38 -15.61 -5.27 59.23
N VAL C 39 -15.25 -4.01 59.08
CA VAL C 39 -14.86 -3.18 60.19
C VAL C 39 -15.87 -2.06 60.34
N TYR C 40 -16.47 -1.96 61.54
CA TYR C 40 -17.33 -0.84 61.92
C TYR C 40 -16.48 0.17 62.64
N ILE C 41 -16.42 1.37 62.08
CA ILE C 41 -15.61 2.45 62.58
C ILE C 41 -16.50 3.39 63.36
N ASN C 42 -16.32 3.45 64.67
CA ASN C 42 -17.24 4.25 65.48
C ASN C 42 -17.04 5.74 65.21
N PRO C 43 -18.12 6.53 65.22
CA PRO C 43 -17.96 7.97 65.01
C PRO C 43 -17.16 8.62 66.11
N GLY C 44 -16.45 9.69 65.73
CA GLY C 44 -15.56 10.40 66.59
C GLY C 44 -14.37 10.84 65.78
N THR C 45 -13.38 11.42 66.44
CA THR C 45 -12.16 11.92 65.78
C THR C 45 -10.96 11.08 66.13
N TYR C 46 -10.32 10.55 65.09
CA TYR C 46 -9.13 9.74 65.21
C TYR C 46 -7.98 10.62 64.77
N VAL C 47 -7.25 11.17 65.74
CA VAL C 47 -6.09 11.97 65.41
C VAL C 47 -4.90 11.05 65.17
N VAL C 48 -4.36 11.05 63.97
CA VAL C 48 -3.23 10.18 63.68
C VAL C 48 -1.99 10.77 64.38
N PRO C 49 -1.30 9.98 65.24
CA PRO C 49 -0.18 10.56 65.95
C PRO C 49 0.93 11.02 65.03
N ALA C 50 1.57 12.10 65.43
CA ALA C 50 2.66 12.67 64.65
C ALA C 50 3.76 11.69 64.35
N ASN C 51 4.00 10.77 65.29
CA ASN C 51 5.10 9.83 65.12
CA ASN C 51 5.08 9.79 65.21
C ASN C 51 4.64 8.41 64.75
N GLN C 52 3.38 8.24 64.29
CA GLN C 52 2.97 6.95 63.75
C GLN C 52 3.83 6.65 62.52
N VAL C 53 4.54 5.52 62.54
CA VAL C 53 5.37 5.15 61.38
C VAL C 53 4.47 4.92 60.17
N PRO C 54 4.96 5.26 58.97
CA PRO C 54 4.15 4.99 57.78
C PRO C 54 4.00 3.50 57.57
N MET C 55 2.83 3.05 57.10
CA MET C 55 2.68 1.64 56.77
C MET C 55 3.53 1.23 55.57
N THR C 56 3.74 2.17 54.65
CA THR C 56 4.70 1.95 53.55
C THR C 56 5.19 3.28 53.02
N THR C 57 6.13 3.20 52.07
CA THR C 57 6.59 4.37 51.32
C THR C 57 6.53 4.02 49.85
N THR C 58 6.49 5.04 48.99
CA THR C 58 6.58 4.84 47.56
C THR C 58 7.52 5.87 46.94
N ASN C 59 7.89 5.61 45.69
CA ASN C 59 8.69 6.52 44.88
C ASN C 59 10.01 6.85 45.53
N SER C 60 10.73 5.78 45.86
CA SER C 60 12.08 5.89 46.42
C SER C 60 12.09 6.75 47.69
N GLY C 61 11.07 6.56 48.54
CA GLY C 61 10.98 7.28 49.80
C GLY C 61 10.32 8.66 49.75
N LEU C 62 9.88 9.10 48.58
CA LEU C 62 9.25 10.43 48.44
C LEU C 62 7.95 10.49 49.24
N TYR C 63 7.18 9.40 49.22
CA TYR C 63 5.89 9.36 49.90
C TYR C 63 5.94 8.59 51.21
N HIS C 64 5.34 9.21 52.21
CA HIS C 64 4.94 8.60 53.48
C HIS C 64 3.48 8.20 53.36
N CYS C 65 3.24 6.89 53.35
CA CYS C 65 1.86 6.37 53.21
C CYS C 65 1.35 5.99 54.58
N VAL C 66 0.29 6.67 55.03
CA VAL C 66 -0.22 6.45 56.39
C VAL C 66 -0.87 5.07 56.53
N PHE C 67 -1.87 4.81 55.72
CA PHE C 67 -2.60 3.55 55.70
C PHE C 67 -2.41 2.88 54.35
N HIS C 68 -1.79 1.70 54.38
CA HIS C 68 -1.57 0.93 53.16
C HIS C 68 -2.71 -0.06 53.07
N MET C 69 -3.61 0.18 52.12
CA MET C 69 -4.77 -0.67 51.90
C MET C 69 -4.30 -1.75 50.92
N ASN C 70 -3.57 -2.71 51.50
CA ASN C 70 -2.83 -3.70 50.72
C ASN C 70 -3.47 -5.05 50.62
N LYS C 71 -4.32 -5.38 51.58
CA LYS C 71 -5.06 -6.64 51.55
C LYS C 71 -6.23 -6.54 50.59
N SER C 72 -6.67 -7.68 50.05
CA SER C 72 -7.73 -7.74 49.07
C SER C 72 -8.85 -8.62 49.58
N GLY C 73 -10.06 -8.22 49.21
CA GLY C 73 -11.20 -9.14 49.24
C GLY C 73 -11.18 -10.06 48.04
N GLU C 74 -12.29 -10.73 47.85
CA GLU C 74 -12.55 -11.52 46.64
C GLU C 74 -13.83 -11.02 46.03
N ALA C 75 -14.08 -11.43 44.79
CA ALA C 75 -15.34 -11.08 44.13
C ALA C 75 -16.47 -11.68 44.97
N GLY C 76 -17.46 -10.85 45.31
CA GLY C 76 -18.53 -11.28 46.22
C GLY C 76 -18.20 -11.34 47.70
N LYS C 77 -16.95 -11.06 48.07
CA LYS C 77 -16.46 -11.16 49.45
C LYS C 77 -15.46 -10.02 49.70
N PRO C 78 -15.94 -8.77 49.67
CA PRO C 78 -15.06 -7.65 49.84
C PRO C 78 -14.54 -7.60 51.28
N ILE C 79 -13.50 -6.79 51.48
CA ILE C 79 -13.18 -6.29 52.84
C ILE C 79 -13.80 -4.92 52.96
N SER C 80 -14.65 -4.72 53.97
CA SER C 80 -15.41 -3.49 54.12
C SER C 80 -14.96 -2.72 55.33
N TYR C 81 -14.83 -1.41 55.14
CA TYR C 81 -14.40 -0.46 56.20
C TYR C 81 -15.48 0.60 56.22
N LEU C 82 -16.36 0.50 57.22
CA LEU C 82 -17.65 1.22 57.19
C LEU C 82 -17.83 2.04 58.47
N ALA C 83 -18.27 3.29 58.36
CA ALA C 83 -18.76 3.99 59.53
C ALA C 83 -19.82 3.08 60.18
N ASN C 84 -19.76 2.97 61.52
CA ASN C 84 -20.66 2.06 62.24
C ASN C 84 -22.11 2.49 62.02
N PRO C 85 -22.90 1.64 61.37
CA PRO C 85 -24.25 2.09 60.99
C PRO C 85 -25.23 2.07 62.16
N ASN C 86 -24.79 1.55 63.30
CA ASN C 86 -25.57 1.57 64.54
C ASN C 86 -25.27 2.75 65.45
N LYS C 87 -24.39 3.66 65.02
CA LYS C 87 -24.07 4.84 65.81
C LYS C 87 -24.20 6.09 64.96
N GLN C 88 -24.99 7.06 65.40
CA GLN C 88 -25.16 8.29 64.64
C GLN C 88 -23.84 9.07 64.62
N GLY C 89 -23.56 9.65 63.46
CA GLY C 89 -22.39 10.50 63.27
C GLY C 89 -21.37 9.87 62.36
N ARG C 90 -20.29 10.61 62.12
CA ARG C 90 -19.26 10.19 61.18
C ARG C 90 -17.90 10.08 61.85
N PRO C 91 -17.15 9.03 61.50
CA PRO C 91 -15.76 9.00 61.85
C PRO C 91 -15.00 10.06 61.07
N ILE C 92 -14.05 10.69 61.76
CA ILE C 92 -13.16 11.73 61.18
C ILE C 92 -11.71 11.32 61.43
N PHE C 93 -10.96 11.07 60.36
CA PHE C 93 -9.52 10.87 60.47
C PHE C 93 -8.84 12.23 60.28
N ASP C 94 -8.17 12.69 61.34
CA ASP C 94 -7.50 13.98 61.37
C ASP C 94 -5.99 13.77 61.21
N LEU C 95 -5.48 14.25 60.08
CA LEU C 95 -4.11 14.05 59.63
C LEU C 95 -3.21 15.26 59.90
N SER C 96 -3.71 16.25 60.65
CA SER C 96 -2.99 17.51 60.85
C SER C 96 -1.66 17.40 61.52
N GLN C 97 -1.42 16.31 62.25
CA GLN C 97 -0.13 16.14 62.96
C GLN C 97 0.95 15.43 62.18
N VAL C 98 0.60 14.87 61.03
CA VAL C 98 1.52 14.04 60.25
C VAL C 98 2.29 14.92 59.26
N LYS C 99 3.55 15.22 59.63
CA LYS C 99 4.39 16.14 58.91
C LYS C 99 5.82 15.63 58.73
N PRO C 100 5.99 14.45 58.12
CA PRO C 100 7.33 13.92 57.93
C PRO C 100 8.20 14.78 57.02
N LYS C 101 9.44 15.06 57.41
CA LYS C 101 10.31 15.97 56.66
C LYS C 101 10.57 15.43 55.28
N ASP C 102 10.50 16.32 54.30
CA ASP C 102 10.83 16.03 52.90
C ASP C 102 10.00 14.97 52.22
N GLN C 103 8.82 14.65 52.77
CA GLN C 103 7.96 13.63 52.17
C GLN C 103 6.59 14.17 51.85
N ARG C 104 6.08 13.70 50.72
CA ARG C 104 4.66 13.83 50.42
C ARG C 104 3.87 12.89 51.30
N ILE C 105 2.59 13.17 51.49
CA ILE C 105 1.73 12.29 52.29
CA ILE C 105 1.69 12.34 52.29
C ILE C 105 0.65 11.67 51.40
N THR C 106 0.47 10.36 51.55
CA THR C 106 -0.72 9.68 51.04
C THR C 106 -1.42 9.07 52.23
N VAL C 107 -2.69 9.42 52.46
CA VAL C 107 -3.35 8.93 53.67
C VAL C 107 -3.78 7.48 53.48
N PHE C 108 -4.50 7.24 52.41
CA PHE C 108 -4.94 5.86 52.04
C PHE C 108 -4.29 5.52 50.69
N TYR C 109 -3.25 4.68 50.76
CA TYR C 109 -2.56 4.20 49.58
C TYR C 109 -3.15 2.84 49.22
N VAL C 110 -3.87 2.80 48.10
CA VAL C 110 -4.70 1.65 47.77
C VAL C 110 -4.05 0.84 46.64
N THR C 111 -3.57 -0.35 47.03
CA THR C 111 -3.03 -1.33 46.11
C THR C 111 -3.89 -2.59 46.04
N GLY C 112 -4.74 -2.82 47.05
CA GLY C 112 -5.62 -3.98 47.06
C GLY C 112 -6.84 -3.86 46.20
N SER C 113 -7.56 -4.99 46.11
CA SER C 113 -8.74 -5.11 45.32
C SER C 113 -9.92 -5.58 46.14
N ASN C 114 -11.12 -5.39 45.59
CA ASN C 114 -12.34 -5.86 46.25
C ASN C 114 -12.46 -5.30 47.68
N LEU C 115 -12.26 -3.99 47.78
CA LEU C 115 -12.43 -3.22 48.99
C LEU C 115 -13.67 -2.36 48.91
N TYR C 116 -14.26 -2.07 50.07
CA TYR C 116 -15.43 -1.18 50.17
C TYR C 116 -15.19 -0.27 51.35
N LEU C 117 -15.08 1.04 51.10
CA LEU C 117 -14.84 2.03 52.16
C LEU C 117 -16.00 2.99 52.14
N LYS C 118 -16.62 3.28 53.29
CA LYS C 118 -17.83 4.07 53.31
C LYS C 118 -17.95 4.93 54.57
N GLY C 119 -18.35 6.19 54.36
CA GLY C 119 -19.01 6.93 55.44
C GLY C 119 -18.18 7.76 56.39
N PHE C 120 -16.93 7.98 56.06
CA PHE C 120 -16.02 8.71 56.96
C PHE C 120 -15.32 9.87 56.25
N ASP C 121 -14.65 10.68 57.06
CA ASP C 121 -14.02 11.91 56.61
C ASP C 121 -12.50 11.82 56.79
N VAL C 122 -11.76 12.54 55.94
CA VAL C 122 -10.31 12.69 56.08
C VAL C 122 -10.02 14.19 56.01
N ILE C 123 -9.52 14.74 57.10
CA ILE C 123 -9.29 16.15 57.25
C ILE C 123 -7.85 16.42 57.60
N GLY C 124 -7.43 17.65 57.29
CA GLY C 124 -6.15 18.15 57.81
C GLY C 124 -4.90 17.57 57.20
N THR C 125 -4.99 16.88 56.06
CA THR C 125 -3.79 16.32 55.45
C THR C 125 -2.82 17.42 55.07
N GLN C 126 -1.55 17.21 55.37
CA GLN C 126 -0.57 18.26 55.23
C GLN C 126 0.29 18.16 53.98
N VAL C 127 0.85 19.34 53.66
CA VAL C 127 1.98 19.47 52.75
C VAL C 127 3.04 20.26 53.56
N THR C 128 4.28 19.78 53.54
CA THR C 128 5.42 20.49 54.10
C THR C 128 6.50 20.83 53.09
N ILE C 129 6.61 20.08 51.99
CA ILE C 129 7.57 20.38 50.93
C ILE C 129 7.21 21.74 50.28
N THR C 130 8.23 22.53 49.95
CA THR C 130 7.98 23.88 49.44
C THR C 130 8.11 24.06 47.92
N GLY C 131 8.78 23.13 47.23
CA GLY C 131 8.77 23.09 45.78
C GLY C 131 7.57 22.34 45.23
N HIS C 132 7.64 21.99 43.95
CA HIS C 132 6.56 21.23 43.29
C HIS C 132 6.21 20.00 44.13
N THR C 133 4.93 19.87 44.53
CA THR C 133 4.57 18.81 45.40
C THR C 133 3.06 18.64 45.45
N GLN C 134 2.64 17.54 46.06
CA GLN C 134 1.24 17.30 46.38
C GLN C 134 1.20 16.22 47.47
N SER C 135 0.04 16.15 48.12
CA SER C 135 -0.34 15.06 49.00
C SER C 135 -1.72 14.58 48.53
N GLU C 136 -2.08 13.35 48.89
CA GLU C 136 -3.39 12.78 48.52
C GLU C 136 -4.06 12.13 49.71
N CYS C 137 -5.37 12.32 49.81
CA CYS C 137 -6.14 11.53 50.77
C CYS C 137 -6.28 10.08 50.34
N PHE C 138 -6.58 9.87 49.05
CA PHE C 138 -6.63 8.53 48.47
C PHE C 138 -5.81 8.54 47.19
N ARG C 139 -4.84 7.63 47.11
CA ARG C 139 -4.08 7.39 45.88
C ARG C 139 -4.25 5.91 45.53
N ILE C 140 -4.75 5.68 44.32
CA ILE C 140 -5.14 4.34 43.84
C ILE C 140 -4.25 4.06 42.63
N VAL C 141 -3.64 2.88 42.60
CA VAL C 141 -2.61 2.59 41.61
C VAL C 141 -2.86 1.25 40.91
N LYS C 142 -2.05 0.99 39.88
CA LYS C 142 -2.07 -0.26 39.14
C LYS C 142 -2.26 -1.46 40.06
N GLY C 143 -3.22 -2.32 39.68
CA GLY C 143 -3.52 -3.56 40.38
C GLY C 143 -4.62 -3.44 41.39
N ALA C 144 -5.00 -2.22 41.75
CA ALA C 144 -6.10 -1.98 42.69
C ALA C 144 -7.41 -1.96 41.91
N ASN C 145 -8.10 -3.09 41.92
CA ASN C 145 -9.27 -3.27 41.08
C ASN C 145 -10.55 -3.56 41.86
N ASN C 146 -11.67 -3.16 41.28
CA ASN C 146 -12.98 -3.58 41.80
C ASN C 146 -13.20 -3.10 43.24
N ASN C 147 -12.89 -1.82 43.47
CA ASN C 147 -13.08 -1.16 44.74
C ASN C 147 -14.21 -0.17 44.68
N LYS C 148 -14.82 0.09 45.84
CA LYS C 148 -15.92 1.06 45.95
C LYS C 148 -15.60 1.98 47.13
N PHE C 149 -15.65 3.26 46.83
CA PHE C 149 -15.41 4.33 47.81
C PHE C 149 -16.68 5.16 47.84
N GLU C 150 -17.41 5.11 48.95
CA GLU C 150 -18.77 5.66 48.99
C GLU C 150 -18.99 6.58 50.16
N ASP C 151 -19.56 7.76 49.87
CA ASP C 151 -19.95 8.66 50.96
C ASP C 151 -18.75 8.99 51.85
N LEU C 152 -17.60 9.21 51.20
CA LEU C 152 -16.37 9.65 51.88
C LEU C 152 -16.19 11.13 51.64
N ARG C 153 -15.60 11.83 52.61
CA ARG C 153 -15.46 13.29 52.50
C ARG C 153 -14.04 13.69 52.85
N THR C 154 -13.32 14.21 51.86
CA THR C 154 -11.91 14.62 51.99
C THR C 154 -11.92 16.13 51.98
N HIS C 155 -11.67 16.74 53.14
CA HIS C 155 -11.92 18.17 53.24
C HIS C 155 -11.07 18.85 54.28
N ASP C 156 -10.96 20.18 54.13
CA ASP C 156 -10.25 21.01 55.11
C ASP C 156 -8.83 20.48 55.34
N GLY C 157 -8.12 20.32 54.22
CA GLY C 157 -6.73 19.90 54.25
C GLY C 157 -6.00 20.52 53.06
N MET C 158 -4.79 20.02 52.87
CA MET C 158 -3.87 20.49 51.81
C MET C 158 -3.71 19.52 50.67
N ALA C 159 -4.47 18.41 50.72
CA ALA C 159 -4.30 17.26 49.82
C ALA C 159 -5.40 17.12 48.81
N ILE C 160 -5.01 16.62 47.63
CA ILE C 160 -5.95 16.13 46.66
C ILE C 160 -6.89 15.13 47.32
N GLY C 161 -8.15 15.13 46.96
CA GLY C 161 -9.10 14.18 47.55
C GLY C 161 -8.86 12.74 47.11
N PHE C 162 -9.07 12.51 45.82
CA PHE C 162 -8.94 11.19 45.20
C PHE C 162 -8.05 11.30 43.98
N TYR C 163 -7.07 10.42 43.87
CA TYR C 163 -6.04 10.53 42.83
C TYR C 163 -5.75 9.14 42.27
N LEU C 164 -6.19 8.90 41.03
CA LEU C 164 -6.03 7.58 40.40
C LEU C 164 -4.88 7.62 39.41
N LEU C 165 -3.87 6.80 39.68
CA LEU C 165 -2.79 6.59 38.71
C LEU C 165 -2.93 5.24 37.98
N GLY C 166 -3.87 4.40 38.41
CA GLY C 166 -4.04 3.08 37.78
C GLY C 166 -5.11 2.37 38.55
N GLY C 167 -5.34 1.12 38.14
CA GLY C 167 -6.45 0.34 38.65
C GLY C 167 -7.65 0.38 37.73
N SER C 168 -8.53 -0.60 37.91
CA SER C 168 -9.69 -0.80 37.06
C SER C 168 -10.94 -0.99 37.91
N ASN C 169 -12.06 -0.48 37.41
CA ASN C 169 -13.36 -0.71 38.07
CA ASN C 169 -13.36 -0.71 38.07
C ASN C 169 -13.36 -0.20 39.52
N ASN C 170 -12.77 0.99 39.71
CA ASN C 170 -12.90 1.72 40.95
C ASN C 170 -14.06 2.70 40.82
N HIS C 171 -15.02 2.55 41.73
CA HIS C 171 -16.24 3.39 41.74
C HIS C 171 -16.16 4.34 42.92
N ILE C 172 -16.05 5.64 42.62
CA ILE C 172 -16.00 6.70 43.63
CA ILE C 172 -16.01 6.67 43.64
C ILE C 172 -17.38 7.34 43.59
N LEU C 173 -18.19 7.04 44.63
CA LEU C 173 -19.62 7.27 44.61
C LEU C 173 -20.04 8.15 45.77
N ASN C 174 -20.74 9.25 45.47
CA ASN C 174 -21.32 10.08 46.54
C ASN C 174 -20.28 10.65 47.48
N CYS C 175 -19.08 10.96 46.97
CA CYS C 175 -18.01 11.53 47.79
C CYS C 175 -17.97 13.03 47.65
N ASP C 176 -17.53 13.71 48.71
CA ASP C 176 -17.29 15.16 48.66
C ASP C 176 -15.82 15.45 48.84
N ALA C 177 -15.30 16.38 48.05
CA ALA C 177 -13.94 16.89 48.27
C ALA C 177 -14.03 18.39 48.25
N TYR C 178 -13.76 19.02 49.40
CA TYR C 178 -13.95 20.46 49.51
C TYR C 178 -12.95 21.10 50.46
N ASN C 179 -12.79 22.40 50.28
CA ASN C 179 -11.88 23.20 51.15
C ASN C 179 -10.50 22.56 51.22
N ASN C 180 -9.95 22.22 50.03
CA ASN C 180 -8.62 21.65 49.95
C ASN C 180 -7.69 22.61 49.25
N TYR C 181 -6.61 22.99 49.93
CA TYR C 181 -5.74 24.09 49.48
C TYR C 181 -4.39 23.89 50.11
N ASP C 182 -3.37 23.77 49.26
CA ASP C 182 -1.97 23.70 49.71
C ASP C 182 -1.48 25.15 49.82
N SER C 183 -1.48 25.65 51.04
CA SER C 183 -1.03 26.99 51.36
C SER C 183 0.48 27.06 51.60
N VAL C 184 1.17 25.92 51.55
CA VAL C 184 2.56 25.81 51.92
C VAL C 184 3.54 25.87 50.75
N SER C 185 3.30 25.07 49.71
CA SER C 185 4.28 24.97 48.65
C SER C 185 4.11 26.10 47.65
N GLU C 186 5.22 26.43 46.99
CA GLU C 186 5.22 27.36 45.84
C GLU C 186 4.41 28.64 46.13
N GLY C 187 4.67 29.25 47.29
CA GLY C 187 4.04 30.50 47.63
C GLY C 187 2.55 30.42 47.92
N GLY C 188 2.02 29.21 48.11
CA GLY C 188 0.60 29.07 48.34
C GLY C 188 -0.29 29.26 47.12
N LYS C 189 0.25 29.00 45.93
CA LYS C 189 -0.54 29.08 44.69
CA LYS C 189 -0.58 29.11 44.70
C LYS C 189 -1.72 28.07 44.71
N GLY C 190 -1.45 26.86 45.20
CA GLY C 190 -2.46 25.81 45.30
C GLY C 190 -2.80 25.13 43.99
N GLY C 191 -1.92 25.21 43.00
CA GLY C 191 -2.16 24.69 41.66
C GLY C 191 -2.12 23.21 41.45
N ASN C 192 -1.88 22.40 42.49
CA ASN C 192 -1.91 20.96 42.32
C ASN C 192 -3.02 20.27 43.12
N VAL C 193 -3.87 21.05 43.79
CA VAL C 193 -4.92 20.44 44.65
C VAL C 193 -6.25 20.38 43.90
N ASP C 194 -6.58 19.17 43.42
CA ASP C 194 -7.88 18.91 42.83
C ASP C 194 -8.74 18.11 43.79
N GLY C 195 -10.05 18.18 43.61
CA GLY C 195 -10.92 17.28 44.37
C GLY C 195 -10.72 15.84 43.97
N PHE C 196 -10.84 15.60 42.65
CA PHE C 196 -10.85 14.25 42.05
C PHE C 196 -9.99 14.25 40.81
N GLY C 197 -9.02 13.36 40.80
CA GLY C 197 -8.09 13.25 39.71
C GLY C 197 -8.07 11.85 39.09
N GLY C 198 -8.25 11.77 37.78
CA GLY C 198 -8.18 10.51 37.03
C GLY C 198 -7.02 10.58 36.06
N HIS C 199 -5.98 9.82 36.35
CA HIS C 199 -4.71 9.97 35.62
C HIS C 199 -4.07 8.60 35.42
N ILE C 200 -4.85 7.69 34.85
CA ILE C 200 -4.40 6.32 34.60
C ILE C 200 -3.17 6.36 33.72
N ASN C 201 -2.05 5.86 34.25
CA ASN C 201 -0.76 6.08 33.57
C ASN C 201 -0.39 4.92 32.64
N SER C 202 0.74 5.04 31.99
CA SER C 202 1.15 4.07 30.99
C SER C 202 1.39 2.68 31.51
N SER C 203 1.66 2.61 32.81
CA SER C 203 1.88 1.33 33.46
C SER C 203 0.61 0.55 33.76
N SER C 204 -0.55 1.20 33.63
CA SER C 204 -1.82 0.60 34.03
C SER C 204 -2.82 0.55 32.90
N VAL C 205 -2.36 0.55 31.65
CA VAL C 205 -3.24 0.45 30.51
C VAL C 205 -3.76 -0.95 30.30
N GLY C 206 -4.87 -1.02 29.59
CA GLY C 206 -5.46 -2.26 29.18
C GLY C 206 -6.84 -2.49 29.77
N GLU C 207 -7.66 -3.22 29.04
CA GLU C 207 -8.97 -3.69 29.52
C GLU C 207 -8.76 -4.49 30.80
N GLY C 208 -9.49 -4.08 31.84
CA GLY C 208 -9.37 -4.73 33.13
C GLY C 208 -8.16 -4.33 33.98
N LYS C 209 -7.34 -3.41 33.44
CA LYS C 209 -6.15 -2.94 34.13
C LYS C 209 -6.26 -1.46 34.46
N GLY C 210 -6.83 -0.68 33.55
CA GLY C 210 -7.04 0.74 33.80
C GLY C 210 -8.39 1.28 33.38
N THR C 211 -9.31 0.39 32.96
CA THR C 211 -10.61 0.75 32.49
C THR C 211 -11.68 0.70 33.58
N GLY C 212 -12.79 1.33 33.30
CA GLY C 212 -13.99 1.18 34.11
C GLY C 212 -14.05 2.01 35.39
N ASN C 213 -13.15 2.98 35.57
CA ASN C 213 -13.21 3.85 36.74
C ASN C 213 -14.24 4.96 36.51
N VAL C 214 -15.03 5.23 37.56
CA VAL C 214 -16.13 6.19 37.44
C VAL C 214 -16.22 7.02 38.70
N PHE C 215 -16.34 8.33 38.55
CA PHE C 215 -16.78 9.25 39.60
C PHE C 215 -18.25 9.52 39.41
N GLU C 216 -19.08 9.25 40.45
CA GLU C 216 -20.53 9.36 40.31
C GLU C 216 -21.11 10.01 41.56
N GLY C 217 -22.00 10.98 41.39
CA GLY C 217 -22.68 11.55 42.55
C GLY C 217 -21.80 12.37 43.47
N CYS C 218 -20.62 12.77 42.97
CA CYS C 218 -19.62 13.44 43.81
C CYS C 218 -19.76 14.96 43.71
N ARG C 219 -19.31 15.64 44.75
CA ARG C 219 -19.23 17.12 44.75
C ARG C 219 -17.81 17.53 45.02
N ALA C 220 -17.34 18.57 44.29
CA ALA C 220 -16.01 19.14 44.51
C ALA C 220 -16.18 20.66 44.59
N TRP C 221 -15.84 21.27 45.72
CA TRP C 221 -15.91 22.72 45.81
C TRP C 221 -14.79 23.27 46.66
N TYR C 222 -14.35 24.48 46.32
CA TYR C 222 -13.23 25.13 47.02
C TYR C 222 -12.02 24.19 47.11
N ASN C 223 -11.75 23.46 46.01
CA ASN C 223 -10.41 22.90 45.78
C ASN C 223 -9.61 23.97 45.06
N SER C 224 -8.37 24.18 45.50
CA SER C 224 -7.64 25.35 45.01
C SER C 224 -7.29 25.31 43.53
N ASP C 225 -7.20 24.10 42.94
CA ASP C 225 -6.94 23.96 41.50
C ASP C 225 -8.25 23.69 40.76
N ASP C 226 -8.56 22.42 40.47
CA ASP C 226 -9.76 22.06 39.74
C ASP C 226 -10.64 21.17 40.60
N GLY C 227 -11.92 21.09 40.26
CA GLY C 227 -12.79 20.12 40.95
C GLY C 227 -12.48 18.69 40.53
N PHE C 228 -12.52 18.45 39.21
CA PHE C 228 -12.25 17.15 38.60
C PHE C 228 -11.23 17.37 37.48
N ASP C 229 -10.26 16.47 37.36
CA ASP C 229 -9.17 16.62 36.40
C ASP C 229 -8.77 15.24 35.87
N LEU C 230 -8.85 15.09 34.55
CA LEU C 230 -8.52 13.85 33.83
C LEU C 230 -7.32 14.01 32.93
N ILE C 231 -6.37 14.91 33.22
CA ILE C 231 -5.18 15.03 32.38
C ILE C 231 -4.36 13.74 32.44
N ASN C 232 -3.62 13.47 31.36
CA ASN C 232 -2.67 12.36 31.33
C ASN C 232 -3.31 11.03 31.75
N CYS C 233 -4.50 10.76 31.19
CA CYS C 233 -5.32 9.63 31.59
C CYS C 233 -5.42 8.71 30.38
N PHE C 234 -4.81 7.54 30.50
CA PHE C 234 -4.55 6.70 29.34
C PHE C 234 -5.70 5.76 28.98
N GLU C 235 -6.70 5.64 29.86
CA GLU C 235 -7.92 4.91 29.58
C GLU C 235 -9.08 5.85 29.90
N ALA C 236 -10.27 5.59 29.35
CA ALA C 236 -11.39 6.47 29.53
C ALA C 236 -11.84 6.46 30.99
N VAL C 237 -12.14 7.63 31.52
CA VAL C 237 -12.78 7.81 32.81
C VAL C 237 -14.08 8.56 32.57
N LYS C 238 -15.10 8.21 33.38
CA LYS C 238 -16.41 8.86 33.31
C LYS C 238 -16.72 9.59 34.60
N ILE C 239 -17.31 10.77 34.44
CA ILE C 239 -17.80 11.61 35.53
C ILE C 239 -19.31 11.76 35.29
N ILE C 240 -20.11 11.23 36.23
CA ILE C 240 -21.57 11.10 36.03
C ILE C 240 -22.26 11.72 37.22
N ASN C 241 -23.20 12.62 36.98
CA ASN C 241 -24.00 13.16 38.09
C ASN C 241 -23.15 13.76 39.20
N CYS C 242 -22.19 14.60 38.80
CA CYS C 242 -21.30 15.28 39.76
C CYS C 242 -21.47 16.77 39.69
N TRP C 243 -21.16 17.43 40.81
CA TRP C 243 -21.24 18.90 40.90
C TRP C 243 -19.86 19.43 41.20
N SER C 244 -19.46 20.49 40.51
CA SER C 244 -18.14 21.04 40.67
C SER C 244 -18.25 22.57 40.68
N PHE C 245 -17.92 23.21 41.79
CA PHE C 245 -18.23 24.62 41.94
C PHE C 245 -17.21 25.31 42.83
N LEU C 246 -16.94 26.58 42.54
CA LEU C 246 -16.08 27.40 43.39
C LEU C 246 -14.67 26.85 43.52
N ASN C 247 -14.22 26.09 42.51
CA ASN C 247 -12.83 25.65 42.50
C ASN C 247 -11.96 26.76 41.86
N GLY C 248 -10.70 26.77 42.26
CA GLY C 248 -9.74 27.76 41.78
C GLY C 248 -9.57 28.98 42.68
N TYR C 249 -10.21 28.93 43.86
CA TYR C 249 -10.23 29.98 44.86
C TYR C 249 -9.78 29.39 46.16
N LYS C 250 -9.16 30.24 47.00
CA LYS C 250 -8.84 29.85 48.37
C LYS C 250 -10.17 29.61 49.12
N PRO C 251 -10.21 28.63 50.03
CA PRO C 251 -11.51 28.24 50.58
C PRO C 251 -12.30 29.40 51.18
N GLY C 252 -13.58 29.47 50.83
CA GLY C 252 -14.48 30.46 51.40
C GLY C 252 -14.30 31.86 50.90
N THR C 253 -13.55 32.03 49.84
CA THR C 253 -13.18 33.36 49.32
C THR C 253 -13.31 33.40 47.81
N LYS C 254 -13.05 34.60 47.24
CA LYS C 254 -12.80 34.73 45.81
C LYS C 254 -11.34 35.14 45.55
N GLU C 255 -10.44 34.76 46.45
CA GLU C 255 -9.01 34.98 46.24
C GLU C 255 -8.49 33.93 45.26
N VAL C 256 -7.74 34.40 44.27
CA VAL C 256 -7.22 33.56 43.21
C VAL C 256 -6.25 32.54 43.78
N ALA C 257 -6.43 31.31 43.35
CA ALA C 257 -5.49 30.22 43.69
C ALA C 257 -5.05 29.59 42.37
N GLY C 258 -5.48 28.38 42.09
CA GLY C 258 -5.11 27.64 40.91
C GLY C 258 -6.05 27.78 39.74
N ASP C 259 -6.09 26.73 38.90
CA ASP C 259 -6.60 26.83 37.57
C ASP C 259 -8.11 27.02 37.49
N GLY C 260 -8.87 26.55 38.48
CA GLY C 260 -10.30 26.89 38.49
C GLY C 260 -11.13 26.33 37.37
N THR C 261 -10.98 25.03 37.10
CA THR C 261 -11.87 24.33 36.20
C THR C 261 -12.89 23.51 36.99
N GLY C 262 -14.14 23.50 36.55
CA GLY C 262 -15.11 22.53 37.11
C GLY C 262 -14.69 21.11 36.77
N PHE C 263 -14.60 20.84 35.48
CA PHE C 263 -14.33 19.52 34.93
C PHE C 263 -13.29 19.65 33.81
N LYS C 264 -12.05 19.34 34.17
CA LYS C 264 -10.92 19.35 33.22
C LYS C 264 -10.84 17.93 32.69
N ALA C 265 -11.38 17.72 31.48
CA ALA C 265 -11.80 16.39 31.07
C ALA C 265 -10.94 15.69 30.03
N GLY C 266 -9.66 16.05 29.97
CA GLY C 266 -8.75 15.37 29.07
C GLY C 266 -7.42 16.07 29.07
N GLY C 267 -6.65 15.82 28.01
CA GLY C 267 -5.36 16.45 27.78
C GLY C 267 -4.17 15.59 28.15
N TYR C 268 -3.05 15.94 27.51
CA TYR C 268 -1.73 15.33 27.75
C TYR C 268 -0.65 16.42 27.85
N GLY C 269 -1.07 17.63 28.16
CA GLY C 269 -0.14 18.75 28.32
C GLY C 269 0.13 19.47 27.03
N MET C 270 0.84 20.58 27.22
CA MET C 270 1.23 21.48 26.14
C MET C 270 2.72 21.88 26.30
N ALA C 271 3.56 20.91 26.65
CA ALA C 271 4.97 21.23 26.85
C ALA C 271 5.64 21.71 25.55
N ALA C 272 6.53 22.68 25.68
CA ALA C 272 7.26 23.17 24.50
C ALA C 272 8.54 22.41 24.24
N ASP C 273 9.06 21.67 25.22
CA ASP C 273 10.37 21.05 25.08
C ASP C 273 10.36 19.60 24.64
N LYS C 274 9.26 18.89 24.86
CA LYS C 274 9.24 17.46 24.61
C LYS C 274 7.82 16.99 24.44
N LEU C 275 7.67 15.94 23.65
CA LEU C 275 6.35 15.34 23.47
C LEU C 275 5.99 14.52 24.68
N PRO C 276 4.70 14.57 25.08
CA PRO C 276 4.25 13.71 26.16
C PRO C 276 4.07 12.28 25.68
N ALA C 277 4.20 11.34 26.61
CA ALA C 277 3.65 10.02 26.37
C ALA C 277 2.14 10.10 26.22
N ILE C 278 1.61 9.31 25.28
CA ILE C 278 0.16 9.26 25.04
C ILE C 278 -0.25 7.82 24.84
N PRO C 279 -1.50 7.50 25.15
CA PRO C 279 -2.03 6.18 24.83
C PRO C 279 -2.17 5.98 23.33
N SER C 280 -2.13 4.71 22.92
CA SER C 280 -2.22 4.40 21.50
C SER C 280 -3.57 4.80 20.89
N VAL C 281 -4.63 4.66 21.66
CA VAL C 281 -5.98 5.15 21.32
C VAL C 281 -6.27 6.27 22.30
N ILE C 282 -6.62 7.45 21.79
CA ILE C 282 -6.93 8.55 22.66
C ILE C 282 -8.32 8.27 23.26
N PRO C 283 -8.42 8.20 24.59
CA PRO C 283 -9.70 7.78 25.17
C PRO C 283 -10.79 8.82 25.07
N GLN C 284 -12.02 8.32 24.97
CA GLN C 284 -13.19 9.18 25.02
C GLN C 284 -13.68 9.29 26.46
N HIS C 285 -13.11 10.21 27.22
CA HIS C 285 -13.62 10.50 28.55
C HIS C 285 -15.05 11.03 28.41
N GLU C 286 -15.81 10.96 29.50
CA GLU C 286 -17.21 11.39 29.49
C GLU C 286 -17.53 12.19 30.71
N VAL C 287 -18.26 13.29 30.50
CA VAL C 287 -18.84 14.04 31.60
C VAL C 287 -20.32 14.20 31.28
N ARG C 288 -21.19 13.64 32.13
CA ARG C 288 -22.62 13.51 31.85
CA ARG C 288 -22.61 13.68 31.82
C ARG C 288 -23.41 13.96 33.08
N ASN C 289 -24.54 14.59 32.85
CA ASN C 289 -25.52 14.87 33.91
C ASN C 289 -24.92 15.61 35.10
N SER C 290 -23.94 16.48 34.81
CA SER C 290 -23.16 17.15 35.83
C SER C 290 -23.39 18.66 35.80
N LEU C 291 -22.93 19.33 36.86
CA LEU C 291 -23.22 20.74 37.08
C LEU C 291 -21.91 21.46 37.42
N ALA C 292 -21.63 22.56 36.72
CA ALA C 292 -20.52 23.44 37.03
C ALA C 292 -21.09 24.80 37.43
N TYR C 293 -20.61 25.34 38.57
CA TYR C 293 -21.05 26.66 39.00
C TYR C 293 -19.87 27.47 39.54
N TYR C 294 -19.61 28.63 38.95
CA TYR C 294 -18.71 29.62 39.55
C TYR C 294 -17.34 29.00 39.90
N ASN C 295 -16.81 28.14 39.01
CA ASN C 295 -15.38 27.89 39.08
C ASN C 295 -14.69 29.11 38.57
N ARG C 296 -13.45 29.32 38.99
CA ARG C 296 -12.84 30.62 38.73
C ARG C 296 -12.75 30.91 37.23
N LEU C 297 -12.34 29.93 36.42
CA LEU C 297 -12.04 30.16 35.01
C LEU C 297 -12.85 29.39 34.00
N ARG C 298 -13.16 28.10 34.24
CA ARG C 298 -13.80 27.30 33.21
C ARG C 298 -14.75 26.30 33.83
N GLY C 299 -15.77 25.92 33.06
CA GLY C 299 -16.78 24.95 33.50
C GLY C 299 -16.36 23.54 33.08
N PHE C 300 -16.70 23.21 31.84
CA PHE C 300 -16.45 21.92 31.21
C PHE C 300 -15.40 22.14 30.13
N TYR C 301 -14.24 21.54 30.30
CA TYR C 301 -13.04 21.91 29.51
C TYR C 301 -12.36 20.68 28.94
N ALA C 302 -12.17 20.66 27.61
CA ALA C 302 -11.45 19.57 26.93
C ALA C 302 -9.96 19.55 27.24
N ASN C 303 -9.42 20.69 27.68
CA ASN C 303 -8.06 20.75 28.23
C ASN C 303 -7.00 20.22 27.24
N HIS C 304 -7.11 20.63 25.98
CA HIS C 304 -6.07 20.27 25.00
C HIS C 304 -6.05 18.77 24.73
N HIS C 305 -7.21 18.13 24.74
CA HIS C 305 -7.27 16.72 24.44
C HIS C 305 -6.83 16.45 22.99
N LEU C 306 -6.43 15.22 22.73
CA LEU C 306 -5.99 14.77 21.42
C LEU C 306 -7.06 13.97 20.69
N GLY C 307 -8.31 14.18 21.03
CA GLY C 307 -9.41 13.44 20.44
C GLY C 307 -10.68 13.89 21.10
N GLY C 308 -11.73 13.09 20.91
CA GLY C 308 -13.04 13.44 21.36
C GLY C 308 -13.33 13.07 22.80
N ILE C 309 -14.16 13.90 23.41
CA ILE C 309 -14.78 13.71 24.75
CA ILE C 309 -14.77 13.59 24.71
C ILE C 309 -16.29 13.79 24.56
N ILE C 310 -17.03 13.19 25.48
CA ILE C 310 -18.49 13.34 25.51
C ILE C 310 -18.87 14.29 26.63
N PHE C 311 -19.58 15.37 26.27
CA PHE C 311 -20.18 16.29 27.27
CA PHE C 311 -20.18 16.25 27.26
C PHE C 311 -21.67 16.23 26.98
N GLU C 312 -22.43 15.53 27.82
CA GLU C 312 -23.85 15.21 27.58
CA GLU C 312 -23.87 15.39 27.54
C GLU C 312 -24.71 15.67 28.77
N SER C 313 -25.76 16.43 28.53
CA SER C 313 -26.76 16.71 29.57
C SER C 313 -26.17 17.35 30.84
N ASN C 314 -25.26 18.32 30.63
CA ASN C 314 -24.70 19.08 31.71
C ASN C 314 -25.33 20.47 31.83
N THR C 315 -25.15 21.08 32.99
CA THR C 315 -25.53 22.48 33.21
C THR C 315 -24.33 23.24 33.73
N ALA C 316 -24.11 24.41 33.18
CA ALA C 316 -23.05 25.34 33.63
C ALA C 316 -23.66 26.69 33.93
N VAL C 317 -23.31 27.24 35.08
CA VAL C 317 -23.77 28.57 35.49
C VAL C 317 -22.57 29.40 35.90
N ASN C 318 -22.29 30.51 35.19
CA ASN C 318 -21.32 31.50 35.67
C ASN C 318 -19.97 30.89 36.00
N SER C 319 -19.50 30.00 35.16
CA SER C 319 -18.27 29.29 35.45
C SER C 319 -17.11 29.70 34.56
N GLY C 320 -17.11 30.96 34.15
CA GLY C 320 -16.04 31.46 33.28
C GLY C 320 -16.38 31.06 31.86
N GLU C 321 -15.48 30.32 31.21
CA GLU C 321 -15.81 29.70 29.93
C GLU C 321 -16.60 28.44 30.29
N ASN C 322 -17.93 28.54 30.16
CA ASN C 322 -18.79 27.44 30.65
C ASN C 322 -18.48 26.13 29.95
N TYR C 323 -18.23 26.19 28.64
CA TYR C 323 -17.82 25.06 27.84
C TYR C 323 -16.64 25.52 26.98
N ASN C 324 -15.50 24.82 27.08
CA ASN C 324 -14.32 25.16 26.27
C ASN C 324 -13.81 23.84 25.71
N MET C 325 -13.90 23.69 24.39
CA MET C 325 -13.60 22.43 23.71
CA MET C 325 -13.60 22.43 23.72
C MET C 325 -12.22 22.32 23.09
N THR C 326 -11.30 23.19 23.52
CA THR C 326 -9.97 23.25 22.91
C THR C 326 -9.29 21.92 22.96
N ASN C 327 -8.78 21.51 21.79
CA ASN C 327 -7.91 20.34 21.65
C ASN C 327 -6.49 20.75 21.27
N ARG C 328 -5.56 19.86 21.57
CA ARG C 328 -4.21 19.97 21.01
C ARG C 328 -4.23 19.43 19.60
N GLU C 329 -3.50 20.08 18.71
CA GLU C 329 -3.43 19.62 17.32
C GLU C 329 -2.87 18.19 17.21
N SER C 330 -3.46 17.42 16.30
CA SER C 330 -3.00 16.09 15.97
CA SER C 330 -2.96 16.09 15.94
C SER C 330 -2.53 16.11 14.49
N PRO C 331 -1.48 15.36 14.11
CA PRO C 331 -0.67 14.49 14.99
C PRO C 331 0.15 15.31 16.00
N LEU C 332 0.44 14.68 17.12
CA LEU C 332 1.24 15.27 18.15
C LEU C 332 2.55 15.83 17.58
N ALA C 333 2.85 17.09 17.88
CA ALA C 333 3.98 17.80 17.32
C ALA C 333 4.48 18.92 18.25
N LEU C 334 5.74 19.33 18.01
CA LEU C 334 6.31 20.53 18.62
C LEU C 334 6.57 21.59 17.55
N PRO C 335 6.27 22.87 17.75
CA PRO C 335 5.70 23.40 18.99
C PRO C 335 4.24 22.94 19.18
N PRO C 336 3.77 22.93 20.43
CA PRO C 336 2.41 22.54 20.74
C PRO C 336 1.43 23.64 20.34
N THR C 337 0.37 23.25 19.65
CA THR C 337 -0.64 24.17 19.09
CA THR C 337 -0.63 24.20 19.19
C THR C 337 -2.03 23.71 19.46
N ASP C 338 -2.88 24.67 19.76
CA ASP C 338 -4.28 24.40 20.05
C ASP C 338 -5.15 24.64 18.83
N VAL C 339 -6.20 23.84 18.71
CA VAL C 339 -7.19 23.96 17.65
C VAL C 339 -8.57 23.80 18.25
N ASN C 340 -9.55 24.24 17.47
CA ASN C 340 -10.95 23.93 17.81
C ASN C 340 -11.12 22.46 18.05
N GLY C 341 -11.93 22.12 19.05
CA GLY C 341 -12.09 20.73 19.43
C GLY C 341 -12.74 19.88 18.38
N TYR C 342 -12.13 18.71 18.16
CA TYR C 342 -12.56 17.74 17.15
C TYR C 342 -12.94 16.42 17.79
N ASP C 343 -13.89 15.76 17.14
CA ASP C 343 -14.41 14.42 17.51
C ASP C 343 -15.23 14.43 18.80
N HIS C 344 -15.55 15.60 19.32
CA HIS C 344 -16.35 15.66 20.54
C HIS C 344 -17.82 15.36 20.24
N MET C 345 -18.53 15.02 21.30
CA MET C 345 -19.99 14.95 21.33
CA MET C 345 -19.99 14.98 21.32
C MET C 345 -20.45 15.94 22.39
N VAL C 346 -21.09 17.02 21.97
CA VAL C 346 -21.53 18.06 22.90
C VAL C 346 -23.02 18.20 22.70
N LYS C 347 -23.81 17.58 23.60
CA LYS C 347 -25.24 17.40 23.35
C LYS C 347 -26.04 17.67 24.60
N ASN C 348 -27.16 18.38 24.41
CA ASN C 348 -28.17 18.49 25.49
C ASN C 348 -27.68 19.28 26.70
N ASN C 349 -26.74 20.21 26.49
CA ASN C 349 -26.20 20.98 27.60
C ASN C 349 -26.93 22.31 27.75
N LEU C 350 -26.86 22.85 28.97
CA LEU C 350 -27.51 24.10 29.36
C LEU C 350 -26.42 25.04 29.91
N SER C 351 -26.60 26.34 29.63
CA SER C 351 -25.60 27.36 30.03
C SER C 351 -26.30 28.64 30.42
N LEU C 352 -25.98 29.17 31.59
CA LEU C 352 -26.41 30.52 32.00
C LEU C 352 -25.18 31.40 32.23
N VAL C 353 -25.22 32.59 31.68
CA VAL C 353 -24.18 33.60 31.91
C VAL C 353 -24.82 34.88 32.42
N THR C 354 -24.50 35.22 33.67
CA THR C 354 -24.78 36.54 34.24
C THR C 354 -23.57 37.16 34.92
N ARG C 355 -22.43 36.49 34.93
CA ARG C 355 -21.23 36.92 35.63
C ARG C 355 -20.31 37.64 34.65
N SER C 356 -19.65 38.67 35.16
CA SER C 356 -18.63 39.38 34.41
C SER C 356 -17.59 38.42 33.86
N GLY C 357 -17.36 38.50 32.57
CA GLY C 357 -16.31 37.74 31.92
C GLY C 357 -16.67 36.32 31.51
N SER C 358 -17.85 35.83 31.88
CA SER C 358 -18.25 34.46 31.55
C SER C 358 -18.79 34.38 30.11
N LYS C 359 -18.71 33.17 29.58
CA LYS C 359 -19.04 32.90 28.18
C LYS C 359 -19.69 31.55 28.09
N HIS C 360 -20.44 31.30 27.01
CA HIS C 360 -21.12 30.01 26.86
C HIS C 360 -20.19 28.92 26.35
N ILE C 361 -19.73 29.04 25.12
CA ILE C 361 -18.90 28.01 24.49
C ILE C 361 -17.82 28.64 23.67
N VAL C 362 -16.63 28.08 23.79
CA VAL C 362 -15.51 28.50 22.98
C VAL C 362 -14.79 27.27 22.41
N MET C 363 -14.18 27.48 21.25
CA MET C 363 -13.18 26.60 20.69
C MET C 363 -13.68 25.20 20.37
N VAL C 364 -14.82 25.13 19.69
CA VAL C 364 -15.29 23.84 19.19
C VAL C 364 -15.31 23.87 17.66
N ASN C 365 -14.92 22.77 17.02
CA ASN C 365 -14.94 22.63 15.58
C ASN C 365 -16.30 22.04 15.23
N ARG C 366 -17.16 22.88 14.65
CA ARG C 366 -18.50 22.32 14.41
CA ARG C 366 -18.55 22.57 14.27
C ARG C 366 -18.58 21.50 13.16
N ALA C 367 -17.56 21.53 12.31
CA ALA C 367 -17.46 20.59 11.22
C ALA C 367 -16.96 19.21 11.67
N LYS C 368 -16.19 19.12 12.76
CA LYS C 368 -15.59 17.86 13.21
C LYS C 368 -16.08 17.30 14.54
N SER C 369 -16.94 18.05 15.22
CA SER C 369 -17.57 17.64 16.48
C SER C 369 -19.07 17.72 16.29
N GLU C 370 -19.77 16.82 16.95
CA GLU C 370 -21.23 16.81 16.97
CA GLU C 370 -21.24 16.84 16.97
C GLU C 370 -21.70 17.72 18.11
N VAL C 371 -22.34 18.82 17.76
CA VAL C 371 -22.79 19.80 18.74
C VAL C 371 -24.27 20.02 18.46
N SER C 372 -25.13 19.46 19.33
CA SER C 372 -26.58 19.50 19.06
C SER C 372 -27.39 19.66 20.33
N ASN C 373 -28.51 20.35 20.15
CA ASN C 373 -29.50 20.59 21.19
C ASN C 373 -28.89 21.18 22.46
N ASN C 374 -28.04 22.18 22.31
CA ASN C 374 -27.51 22.92 23.45
C ASN C 374 -28.18 24.28 23.55
N SER C 375 -28.35 24.77 24.79
CA SER C 375 -29.10 26.01 24.98
C SER C 375 -28.43 27.20 24.31
N PHE C 376 -27.12 27.18 24.28
CA PHE C 376 -26.38 28.30 23.76
C PHE C 376 -26.45 28.45 22.24
N ASP C 377 -26.99 27.44 21.57
CA ASP C 377 -27.25 27.52 20.13
C ASP C 377 -28.71 27.79 19.81
N GLY C 378 -29.53 28.04 20.82
CA GLY C 378 -30.94 28.37 20.63
C GLY C 378 -31.21 29.78 20.18
N SER C 379 -32.48 30.10 20.00
CA SER C 379 -32.90 31.35 19.43
C SER C 379 -33.05 32.48 20.46
N GLU C 380 -33.01 32.16 21.74
CA GLU C 380 -33.23 33.11 22.83
CA GLU C 380 -33.13 33.19 22.77
C GLU C 380 -32.13 32.92 23.89
N GLU C 381 -31.67 34.00 24.49
CA GLU C 381 -30.75 33.93 25.60
C GLU C 381 -31.40 33.33 26.85
N VAL C 382 -30.68 32.39 27.49
CA VAL C 382 -31.06 31.87 28.79
C VAL C 382 -30.89 32.98 29.83
N ILE C 383 -31.91 33.19 30.65
CA ILE C 383 -31.91 34.30 31.62
C ILE C 383 -32.25 33.80 32.99
N GLU C 384 -32.02 34.67 33.99
CA GLU C 384 -32.21 34.37 35.42
CA GLU C 384 -32.14 34.23 35.38
C GLU C 384 -33.58 33.79 35.70
N THR C 385 -34.60 34.40 35.07
CA THR C 385 -36.01 34.05 35.32
C THR C 385 -36.38 32.68 34.75
N ASP C 386 -35.51 32.04 33.99
CA ASP C 386 -35.74 30.68 33.52
C ASP C 386 -35.51 29.62 34.60
N PHE C 387 -34.96 29.99 35.76
CA PHE C 387 -34.59 29.04 36.77
C PHE C 387 -35.45 29.12 38.00
N ILE C 388 -35.70 27.96 38.63
CA ILE C 388 -36.44 27.91 39.87
C ILE C 388 -35.65 28.59 41.00
N SER C 389 -34.36 28.26 41.09
CA SER C 389 -33.48 28.84 42.09
C SER C 389 -32.09 28.97 41.49
N LEU C 390 -31.39 29.98 41.95
CA LEU C 390 -29.96 30.12 41.71
C LEU C 390 -29.25 30.40 43.03
N GLU C 391 -29.82 29.88 44.11
CA GLU C 391 -29.22 30.07 45.45
CA GLU C 391 -29.23 30.06 45.44
C GLU C 391 -28.12 29.02 45.66
N GLU C 392 -26.88 29.50 45.58
CA GLU C 392 -25.72 28.61 45.64
C GLU C 392 -25.61 27.79 46.93
N ALA C 393 -26.18 28.29 48.03
CA ALA C 393 -26.12 27.55 49.28
C ALA C 393 -26.72 26.16 49.13
N GLU C 394 -27.69 26.00 48.21
CA GLU C 394 -28.32 24.72 48.03
C GLU C 394 -27.31 23.63 47.67
N LEU C 395 -26.27 24.00 46.93
CA LEU C 395 -25.30 23.01 46.45
C LEU C 395 -24.49 22.38 47.57
N MET C 396 -24.42 23.07 48.72
CA MET C 396 -23.66 22.61 49.88
C MET C 396 -24.54 21.99 50.95
N ARG C 397 -25.81 21.76 50.63
CA ARG C 397 -26.71 21.12 51.59
C ARG C 397 -26.18 19.75 51.99
N ASP C 398 -26.56 19.32 53.18
CA ASP C 398 -26.22 17.98 53.64
C ASP C 398 -26.74 16.94 52.68
N ARG C 399 -25.93 15.92 52.43
CA ARG C 399 -26.44 14.74 51.75
C ARG C 399 -27.51 14.08 52.52
N LYS C 400 -28.31 13.30 51.79
CA LYS C 400 -29.37 12.50 52.41
C LYS C 400 -28.69 11.45 53.32
N PRO C 401 -29.42 10.85 54.27
CA PRO C 401 -28.80 9.88 55.18
C PRO C 401 -28.07 8.73 54.49
N ASN C 402 -28.59 8.28 53.35
CA ASN C 402 -27.91 7.24 52.56
C ASN C 402 -26.71 7.69 51.74
N GLY C 403 -26.38 8.98 51.81
CA GLY C 403 -25.25 9.54 51.07
C GLY C 403 -25.64 10.19 49.75
N ASP C 404 -26.87 10.04 49.26
CA ASP C 404 -27.24 10.64 47.99
C ASP C 404 -27.16 12.16 48.03
N LEU C 405 -26.98 12.77 46.85
CA LEU C 405 -26.97 14.20 46.74
C LEU C 405 -28.26 14.80 47.33
N PRO C 406 -28.16 15.98 47.93
CA PRO C 406 -29.39 16.64 48.40
C PRO C 406 -30.31 17.02 47.25
N ASP C 407 -31.61 17.11 47.53
CA ASP C 407 -32.52 17.71 46.58
C ASP C 407 -32.24 19.21 46.51
N VAL C 408 -32.18 19.73 45.27
CA VAL C 408 -31.95 21.16 45.06
C VAL C 408 -32.83 21.66 43.94
N ASN C 409 -33.16 22.93 43.99
CA ASN C 409 -33.71 23.61 42.82
C ASN C 409 -32.68 24.43 42.03
N PHE C 410 -31.48 24.57 42.58
CA PHE C 410 -30.41 25.32 41.93
C PHE C 410 -30.19 24.82 40.50
N GLY C 411 -30.27 25.72 39.52
CA GLY C 411 -29.96 25.36 38.16
C GLY C 411 -31.01 24.53 37.48
N LYS C 412 -32.15 24.34 38.11
CA LYS C 412 -33.29 23.63 37.50
C LYS C 412 -34.19 24.64 36.80
N LEU C 413 -34.59 24.30 35.59
CA LEU C 413 -35.47 25.18 34.81
C LEU C 413 -36.89 25.11 35.34
N THR C 414 -37.61 26.24 35.23
CA THR C 414 -39.02 26.26 35.54
C THR C 414 -39.73 25.38 34.52
N THR C 415 -40.98 25.01 34.83
CA THR C 415 -41.73 24.16 33.91
C THR C 415 -41.88 24.85 32.55
N ASP C 416 -42.14 26.15 32.58
CA ASP C 416 -42.24 26.99 31.39
C ASP C 416 -40.95 27.04 30.57
N ALA C 417 -39.83 27.26 31.23
CA ALA C 417 -38.55 27.34 30.54
C ALA C 417 -38.16 25.98 29.96
N GLU C 418 -38.48 24.90 30.65
CA GLU C 418 -38.18 23.56 30.14
C GLU C 418 -38.78 23.35 28.78
N LEU C 419 -39.97 23.88 28.53
CA LEU C 419 -40.61 23.74 27.22
C LEU C 419 -39.82 24.45 26.10
N ARG C 420 -39.11 25.52 26.45
CA ARG C 420 -38.32 26.31 25.51
C ARG C 420 -36.87 25.83 25.40
N PHE C 421 -36.46 24.98 26.32
CA PHE C 421 -35.09 24.40 26.37
C PHE C 421 -35.20 22.90 26.61
N TRP C 422 -36.00 22.24 25.77
CA TRP C 422 -36.41 20.88 26.06
C TRP C 422 -35.25 19.91 25.98
N GLY C 423 -35.13 19.06 27.00
CA GLY C 423 -34.12 18.02 26.99
C GLY C 423 -32.72 18.53 27.32
N MET C 424 -32.60 19.76 27.81
CA MET C 424 -31.27 20.35 28.06
C MET C 424 -31.00 20.45 29.55
N GLY C 425 -29.75 20.14 29.90
CA GLY C 425 -29.24 20.35 31.26
C GLY C 425 -29.23 19.08 32.09
N CYS C 426 -28.61 19.16 33.24
CA CYS C 426 -28.44 18.00 34.11
C CYS C 426 -29.66 17.65 34.95
N PHE C 427 -30.60 18.58 35.10
CA PHE C 427 -31.83 18.36 35.87
C PHE C 427 -33.10 18.38 35.00
N ALA C 428 -32.98 17.92 33.76
CA ALA C 428 -34.11 17.91 32.81
C ALA C 428 -35.16 16.85 33.16
#